data_4D9E
#
_entry.id   4D9E
#
_cell.length_a   66.420
_cell.length_b   165.840
_cell.length_c   68.060
_cell.angle_alpha   90.00
_cell.angle_beta   119.03
_cell.angle_gamma   90.00
#
_symmetry.space_group_name_H-M   'P 1 21 1'
#
loop_
_entity.id
_entity.type
_entity.pdbx_description
1 polymer 'D-Cysteine desulfhydrase'
2 non-polymer BENZAMIDINE
3 non-polymer '[5-hydroxy-6-methyl-4-({[(4E)-3-oxo-1,2-oxazolidin-4-ylidene]amino}methyl)pyridin-3-yl]methyl dihydrogen phosphate'
4 water water
#
_entity_poly.entity_id   1
_entity_poly.type   'polypeptide(L)'
_entity_poly.pdbx_seq_one_letter_code
;MRGSHHHHHHGMASMPLHHLTRFPRLEFIGAPTPLEYLPRLSDYLGREIYIKRDDVTPIAMGGNKLRKLEFLVADALREG
ADTLITAGAIQSNHVRQTAAVAAKLGLHCVALLENPIGTTAENYLTNGNRLLLDLFNTQIEMCDALTDPDAQLQTLATRI
EAQGFRPYVIPVGGSSALGAMGYVESALEIAQQCEEVVGLSSVVVASGSAGTHAGLAVGLEHLMPDVELIGVTVSRSVAE
QKPKVIALQQAIAGQLALTATADIHLWDDYFAPGYGVPNDAGMEAVKLLASLEGVLLDPVYTGKAMAGLIDGISQKRFND
DGPILFIHTGGAPALFAYHPHV
;
_entity_poly.pdbx_strand_id   A,B,C,D
#
loop_
_chem_comp.id
_chem_comp.type
_chem_comp.name
_chem_comp.formula
BEN non-polymer BENZAMIDINE 'C7 H8 N2'
LCS non-polymer '[5-hydroxy-6-methyl-4-({[(4E)-3-oxo-1,2-oxazolidin-4-ylidene]amino}methyl)pyridin-3-yl]methyl dihydrogen phosphate' 'C11 H14 N3 O7 P'
#
# COMPACT_ATOMS: atom_id res chain seq x y z
N MET A 15 7.77 43.95 -17.85
CA MET A 15 8.77 43.92 -18.98
C MET A 15 10.23 43.83 -18.49
N PRO A 16 10.54 44.36 -17.28
CA PRO A 16 11.91 44.14 -16.79
C PRO A 16 12.16 42.68 -16.34
N LEU A 17 11.09 41.92 -16.15
CA LEU A 17 11.22 40.50 -15.76
C LEU A 17 11.16 39.52 -16.95
N HIS A 18 11.23 40.05 -18.17
CA HIS A 18 11.13 39.24 -19.39
C HIS A 18 12.16 38.09 -19.52
N HIS A 19 13.33 38.23 -18.89
CA HIS A 19 14.34 37.17 -18.87
C HIS A 19 13.85 35.86 -18.23
N LEU A 20 12.63 35.91 -17.70
CA LEU A 20 12.03 34.81 -16.99
C LEU A 20 11.52 33.80 -18.00
N THR A 21 11.04 34.35 -19.14
CA THR A 21 10.61 33.63 -20.35
C THR A 21 11.58 32.57 -20.79
N ARG A 22 12.87 32.80 -20.54
CA ARG A 22 13.91 31.90 -21.03
C ARG A 22 14.11 30.62 -20.20
N PHE A 23 13.52 30.57 -19.00
CA PHE A 23 13.61 29.37 -18.19
C PHE A 23 12.49 28.40 -18.54
N PRO A 24 12.86 27.15 -18.90
CA PRO A 24 11.84 26.11 -19.13
C PRO A 24 11.05 25.81 -17.85
N ARG A 25 9.76 25.58 -17.98
CA ARG A 25 8.90 25.33 -16.83
C ARG A 25 7.77 24.37 -17.21
N LEU A 26 7.30 23.57 -16.25
CA LEU A 26 6.14 22.74 -16.51
C LEU A 26 4.87 23.51 -16.16
N GLU A 27 3.72 23.10 -16.70
CA GLU A 27 2.43 23.68 -16.29
C GLU A 27 1.81 22.88 -15.12
N PHE A 28 1.96 23.37 -13.89
CA PHE A 28 1.31 22.70 -12.76
C PHE A 28 0.12 23.47 -12.23
N ILE A 29 0.07 24.75 -12.58
CA ILE A 29 -0.91 25.66 -11.98
C ILE A 29 -2.02 26.08 -12.94
N GLY A 30 -1.65 26.59 -14.12
CA GLY A 30 -2.64 27.03 -15.11
C GLY A 30 -3.03 28.48 -14.89
N ALA A 31 -4.30 28.72 -14.60
CA ALA A 31 -4.77 30.08 -14.32
C ALA A 31 -4.11 30.64 -13.04
N PRO A 32 -4.02 31.98 -12.96
CA PRO A 32 -3.55 32.65 -11.74
C PRO A 32 -4.42 32.25 -10.55
N THR A 33 -3.83 32.07 -9.38
CA THR A 33 -4.60 31.78 -8.18
C THR A 33 -5.35 33.05 -7.73
N PRO A 34 -6.48 32.88 -7.01
CA PRO A 34 -7.30 34.01 -6.64
C PRO A 34 -6.63 34.98 -5.69
N LEU A 35 -6.97 36.27 -5.87
CA LEU A 35 -6.58 37.33 -4.97
C LEU A 35 -7.90 37.88 -4.47
N GLU A 36 -8.15 37.68 -3.18
CA GLU A 36 -9.45 37.98 -2.59
C GLU A 36 -9.36 39.02 -1.48
N TYR A 37 -10.37 39.86 -1.40
CA TYR A 37 -10.54 40.77 -0.28
C TYR A 37 -11.17 39.96 0.84
N LEU A 38 -10.76 40.28 2.08
CA LEU A 38 -11.24 39.63 3.29
C LEU A 38 -12.07 40.60 4.15
N PRO A 39 -13.36 40.75 3.77
CA PRO A 39 -14.13 41.83 4.34
C PRO A 39 -14.34 41.69 5.83
N ARG A 40 -14.42 40.47 6.34
CA ARG A 40 -14.77 40.24 7.73
C ARG A 40 -13.60 40.37 8.62
N LEU A 41 -12.48 39.83 8.18
CA LEU A 41 -11.17 40.07 8.81
C LEU A 41 -10.70 41.54 8.77
N SER A 42 -10.94 42.22 7.64
CA SER A 42 -10.67 43.66 7.53
C SER A 42 -11.50 44.49 8.53
N ASP A 43 -12.75 44.13 8.70
CA ASP A 43 -13.58 44.77 9.66
C ASP A 43 -13.04 44.60 11.06
N TYR A 44 -12.51 43.45 11.31
CA TYR A 44 -12.15 43.17 12.67
C TYR A 44 -10.81 43.83 13.03
N LEU A 45 -9.91 43.88 12.05
CA LEU A 45 -8.59 44.44 12.28
C LEU A 45 -8.54 45.95 12.03
N GLY A 46 -9.55 46.45 11.35
CA GLY A 46 -9.64 47.88 11.11
C GLY A 46 -8.74 48.38 10.00
N ARG A 47 -8.65 47.61 8.92
CA ARG A 47 -7.58 47.78 7.95
C ARG A 47 -7.90 46.88 6.80
N GLU A 48 -7.77 47.40 5.58
CA GLU A 48 -8.09 46.60 4.41
C GLU A 48 -7.15 45.39 4.22
N ILE A 49 -7.66 44.17 4.27
CA ILE A 49 -6.80 43.05 3.98
C ILE A 49 -7.20 42.11 2.84
N TYR A 50 -6.23 41.76 2.00
CA TYR A 50 -6.39 40.86 0.88
C TYR A 50 -5.58 39.59 1.10
N ILE A 51 -5.89 38.57 0.32
CA ILE A 51 -5.16 37.32 0.44
C ILE A 51 -4.85 36.73 -0.93
N LYS A 52 -3.59 36.33 -1.11
CA LYS A 52 -3.16 35.66 -2.34
C LYS A 52 -3.23 34.16 -2.07
N ARG A 53 -4.13 33.49 -2.76
CA ARG A 53 -4.49 32.13 -2.40
C ARG A 53 -3.63 31.06 -3.09
N ASP A 54 -2.36 30.99 -2.71
CA ASP A 54 -1.50 29.97 -3.25
C ASP A 54 -1.70 28.64 -2.52
N ASP A 55 -2.64 28.64 -1.58
CA ASP A 55 -3.05 27.39 -0.97
C ASP A 55 -3.97 26.61 -1.92
N VAL A 56 -4.44 27.26 -2.99
CA VAL A 56 -5.37 26.56 -3.88
C VAL A 56 -4.78 26.13 -5.21
N THR A 57 -3.45 26.09 -5.31
CA THR A 57 -2.81 25.44 -6.44
C THR A 57 -3.33 23.97 -6.57
N PRO A 58 -3.52 23.46 -7.79
CA PRO A 58 -4.42 22.28 -7.90
C PRO A 58 -3.84 20.86 -7.66
N ILE A 59 -2.53 20.74 -7.38
CA ILE A 59 -1.98 19.42 -7.04
C ILE A 59 -1.92 19.07 -5.55
N ALA A 60 -2.39 17.87 -5.23
CA ALA A 60 -2.36 17.30 -3.88
C ALA A 60 -2.41 18.32 -2.76
N MET A 61 -3.53 19.03 -2.68
CA MET A 61 -3.82 19.92 -1.53
C MET A 61 -3.02 21.21 -1.47
N GLY A 62 -2.23 21.48 -2.52
CA GLY A 62 -1.80 22.85 -2.88
C GLY A 62 -0.57 23.40 -2.20
N GLY A 63 -0.26 24.67 -2.43
CA GLY A 63 0.87 25.25 -1.75
C GLY A 63 1.81 26.06 -2.61
N ASN A 64 2.73 26.77 -1.94
CA ASN A 64 3.74 27.61 -2.59
C ASN A 64 4.80 26.82 -3.35
N LYS A 65 4.99 25.55 -3.01
CA LYS A 65 6.07 24.75 -3.61
C LYS A 65 5.77 24.32 -5.02
N LEU A 66 4.50 24.21 -5.39
CA LEU A 66 4.16 23.91 -6.78
C LEU A 66 4.76 24.92 -7.80
N ARG A 67 4.80 26.20 -7.43
CA ARG A 67 5.39 27.22 -8.27
C ARG A 67 6.87 26.97 -8.50
N LYS A 68 7.59 26.63 -7.45
CA LYS A 68 9.01 26.35 -7.56
C LYS A 68 9.28 25.06 -8.33
N LEU A 69 8.38 24.07 -8.15
CA LEU A 69 8.54 22.78 -8.79
C LEU A 69 8.37 22.89 -10.29
N GLU A 70 7.59 23.86 -10.74
CA GLU A 70 7.44 24.03 -12.18
C GLU A 70 8.80 24.24 -12.85
N PHE A 71 9.72 24.91 -12.13
CA PHE A 71 11.02 25.23 -12.69
C PHE A 71 12.01 24.13 -12.39
N LEU A 72 12.04 23.67 -11.15
CA LEU A 72 12.98 22.66 -10.74
C LEU A 72 12.73 21.36 -11.48
N VAL A 73 11.47 20.96 -11.65
CA VAL A 73 11.18 19.66 -12.28
C VAL A 73 11.39 19.72 -13.80
N ALA A 74 11.05 20.84 -14.40
CA ALA A 74 11.43 21.11 -15.79
C ALA A 74 12.94 20.87 -16.00
N ASP A 75 13.76 21.44 -15.13
CA ASP A 75 15.18 21.28 -15.13
C ASP A 75 15.58 19.80 -14.97
N ALA A 76 14.90 19.05 -14.10
CA ALA A 76 15.25 17.65 -13.85
C ALA A 76 15.02 16.82 -15.11
N LEU A 77 13.85 16.98 -15.72
CA LEU A 77 13.49 16.30 -16.94
C LEU A 77 14.46 16.62 -18.07
N ARG A 78 14.83 17.89 -18.18
CA ARG A 78 15.83 18.34 -19.13
C ARG A 78 17.15 17.60 -18.98
N GLU A 79 17.51 17.18 -17.78
CA GLU A 79 18.73 16.39 -17.54
C GLU A 79 18.51 14.88 -17.64
N GLY A 80 17.29 14.46 -17.92
CA GLY A 80 16.97 13.02 -18.03
C GLY A 80 16.91 12.27 -16.71
N ALA A 81 16.74 13.00 -15.60
CA ALA A 81 16.55 12.43 -14.26
C ALA A 81 15.25 11.64 -14.19
N ASP A 82 15.20 10.63 -13.34
CA ASP A 82 14.01 9.81 -13.22
C ASP A 82 13.58 9.72 -11.74
N THR A 83 14.32 10.42 -10.88
CA THR A 83 14.11 10.37 -9.43
C THR A 83 14.32 11.74 -8.85
N LEU A 84 13.35 12.19 -8.05
CA LEU A 84 13.49 13.42 -7.29
C LEU A 84 13.82 13.07 -5.85
N ILE A 85 14.82 13.76 -5.32
CA ILE A 85 15.28 13.54 -3.95
C ILE A 85 15.25 14.85 -3.18
N THR A 86 14.62 14.84 -2.01
CA THR A 86 14.50 16.05 -1.19
C THR A 86 14.43 15.76 0.30
N ALA A 87 14.28 16.81 1.11
CA ALA A 87 14.38 16.68 2.57
C ALA A 87 13.42 17.65 3.27
N GLY A 88 12.95 17.28 4.44
CA GLY A 88 12.12 18.14 5.27
C GLY A 88 11.72 17.46 6.56
N ALA A 89 10.88 18.11 7.34
CA ALA A 89 10.33 17.48 8.55
C ALA A 89 9.36 16.39 8.13
N ILE A 90 9.12 15.42 9.00
CA ILE A 90 8.08 14.41 8.73
C ILE A 90 6.82 15.08 8.17
N GLN A 91 6.44 16.23 8.71
CA GLN A 91 5.24 16.94 8.27
C GLN A 91 5.42 18.05 7.24
N SER A 92 6.60 18.18 6.62
CA SER A 92 6.81 19.15 5.53
C SER A 92 5.76 19.11 4.39
N ASN A 93 5.31 20.28 3.98
CA ASN A 93 4.45 20.44 2.81
C ASN A 93 5.26 20.30 1.53
N HIS A 94 6.51 20.75 1.58
CA HIS A 94 7.39 20.73 0.43
C HIS A 94 7.60 19.29 -0.06
N VAL A 95 7.94 18.42 0.88
CA VAL A 95 8.16 17.01 0.59
C VAL A 95 6.87 16.41 0.03
N ARG A 96 5.71 16.80 0.58
CA ARG A 96 4.47 16.24 0.09
C ARG A 96 4.22 16.68 -1.35
N GLN A 97 4.45 17.97 -1.64
CA GLN A 97 4.28 18.52 -2.98
C GLN A 97 5.22 17.87 -3.98
N THR A 98 6.49 17.79 -3.59
CA THR A 98 7.49 17.14 -4.42
C THR A 98 7.11 15.69 -4.69
N ALA A 99 6.64 14.98 -3.65
CA ALA A 99 6.24 13.59 -3.83
C ALA A 99 5.00 13.46 -4.73
N ALA A 100 4.12 14.46 -4.72
CA ALA A 100 2.90 14.40 -5.51
C ALA A 100 3.26 14.63 -6.97
N VAL A 101 4.18 15.58 -7.20
CA VAL A 101 4.66 15.85 -8.55
C VAL A 101 5.46 14.66 -9.11
N ALA A 102 6.36 14.08 -8.33
CA ALA A 102 7.01 12.82 -8.73
C ALA A 102 6.00 11.78 -9.23
N ALA A 103 4.99 11.49 -8.39
CA ALA A 103 3.98 10.47 -8.71
C ALA A 103 3.28 10.80 -10.04
N LYS A 104 2.85 12.06 -10.20
CA LYS A 104 2.13 12.51 -11.40
C LYS A 104 2.94 12.37 -12.69
N LEU A 105 4.26 12.56 -12.59
CA LEU A 105 5.13 12.44 -13.76
C LEU A 105 5.82 11.05 -13.92
N GLY A 106 5.55 10.13 -13.01
CA GLY A 106 6.14 8.81 -13.17
C GLY A 106 7.60 8.77 -12.77
N LEU A 107 8.01 9.79 -12.00
CA LEU A 107 9.35 9.80 -11.37
C LEU A 107 9.29 9.16 -10.02
N HIS A 108 10.38 8.48 -9.66
CA HIS A 108 10.62 7.99 -8.32
C HIS A 108 10.88 9.18 -7.40
N CYS A 109 10.63 9.01 -6.09
CA CYS A 109 10.88 10.05 -5.15
C CYS A 109 11.40 9.50 -3.85
N VAL A 110 12.47 10.12 -3.39
CA VAL A 110 13.09 9.75 -2.14
C VAL A 110 13.09 10.96 -1.24
N ALA A 111 12.62 10.78 0.00
CA ALA A 111 12.52 11.85 0.97
C ALA A 111 13.32 11.54 2.21
N LEU A 112 14.27 12.41 2.49
CA LEU A 112 15.03 12.35 3.71
C LEU A 112 14.33 13.14 4.84
N LEU A 113 13.73 12.46 5.80
CA LEU A 113 12.93 13.12 6.83
C LEU A 113 13.52 13.10 8.25
N GLU A 114 13.17 14.12 9.03
CA GLU A 114 13.58 14.26 10.45
C GLU A 114 12.37 14.64 11.29
N ASN A 115 12.49 14.38 12.59
CA ASN A 115 11.52 14.80 13.60
C ASN A 115 12.14 15.98 14.32
N PRO A 116 11.75 17.21 13.93
CA PRO A 116 12.46 18.37 14.47
C PRO A 116 11.98 18.78 15.87
N ILE A 117 10.90 18.18 16.36
CA ILE A 117 10.37 18.62 17.62
C ILE A 117 10.38 17.52 18.67
N GLY A 118 10.97 16.37 18.32
CA GLY A 118 11.11 15.24 19.25
C GLY A 118 9.80 14.63 19.73
N THR A 119 8.73 14.80 18.97
CA THR A 119 7.40 14.34 19.40
C THR A 119 7.26 12.83 19.21
N THR A 120 6.42 12.20 20.03
CA THR A 120 6.01 10.81 19.75
C THR A 120 4.51 10.71 19.46
N ALA A 121 3.82 11.84 19.31
CA ALA A 121 2.40 11.84 18.96
C ALA A 121 2.09 11.11 17.64
N GLU A 122 1.16 10.16 17.72
CA GLU A 122 0.81 9.28 16.58
C GLU A 122 0.42 10.02 15.26
N ASN A 123 -0.36 11.10 15.41
CA ASN A 123 -0.78 11.85 14.23
C ASN A 123 0.35 12.65 13.59
N TYR A 124 1.27 13.19 14.39
CA TYR A 124 2.46 13.82 13.82
C TYR A 124 3.24 12.77 13.05
N LEU A 125 3.43 11.61 13.66
CA LEU A 125 4.28 10.61 13.05
C LEU A 125 3.69 9.94 11.82
N THR A 126 2.36 9.83 11.73
CA THR A 126 1.74 8.97 10.70
C THR A 126 0.59 9.58 9.84
N ASN A 127 0.03 10.71 10.28
CA ASN A 127 -1.13 11.33 9.66
C ASN A 127 -0.69 12.59 8.90
N GLY A 128 -1.64 13.37 8.39
CA GLY A 128 -1.32 14.57 7.59
C GLY A 128 -0.44 14.32 6.37
N ASN A 129 0.57 15.18 6.19
CA ASN A 129 1.47 15.06 5.05
C ASN A 129 2.18 13.70 4.99
N ARG A 130 2.55 13.17 6.15
CA ARG A 130 3.24 11.86 6.19
C ARG A 130 2.43 10.68 5.61
N LEU A 131 1.14 10.69 5.89
CA LEU A 131 0.20 9.76 5.26
C LEU A 131 0.21 9.91 3.75
N LEU A 132 0.19 11.14 3.26
CA LEU A 132 0.11 11.35 1.83
C LEU A 132 1.38 10.85 1.12
N LEU A 133 2.54 11.00 1.74
CA LEU A 133 3.77 10.45 1.18
C LEU A 133 3.64 8.93 0.90
N ASP A 134 2.91 8.21 1.72
CA ASP A 134 2.78 6.82 1.57
C ASP A 134 1.82 6.53 0.44
N LEU A 135 0.77 7.31 0.33
CA LEU A 135 -0.10 7.22 -0.82
C LEU A 135 0.65 7.47 -2.15
N PHE A 136 1.69 8.31 -2.10
CA PHE A 136 2.49 8.62 -3.30
C PHE A 136 3.66 7.65 -3.53
N ASN A 137 3.71 6.57 -2.75
CA ASN A 137 4.83 5.61 -2.88
C ASN A 137 6.20 6.29 -2.72
N THR A 138 6.30 7.20 -1.77
CA THR A 138 7.55 7.85 -1.50
C THR A 138 8.47 6.91 -0.74
N GLN A 139 9.69 6.75 -1.25
CA GLN A 139 10.70 6.05 -0.49
C GLN A 139 11.19 6.97 0.64
N ILE A 140 11.10 6.51 1.88
CA ILE A 140 11.37 7.31 3.04
C ILE A 140 12.69 6.97 3.64
N GLU A 141 13.45 7.99 3.99
CA GLU A 141 14.74 7.81 4.60
C GLU A 141 14.73 8.61 5.89
N MET A 142 14.59 7.96 7.05
CA MET A 142 14.62 8.69 8.33
C MET A 142 16.02 9.02 8.74
N CYS A 143 16.20 10.17 9.37
CA CYS A 143 17.47 10.46 9.97
C CYS A 143 17.29 11.23 11.28
N ASP A 144 18.34 11.24 12.09
CA ASP A 144 18.31 11.81 13.44
C ASP A 144 18.08 13.30 13.47
N ALA A 145 18.88 14.03 12.70
CA ALA A 145 18.73 15.46 12.54
C ALA A 145 19.37 15.84 11.22
N LEU A 146 18.68 16.67 10.44
CA LEU A 146 19.24 17.26 9.24
C LEU A 146 20.15 18.42 9.66
N THR A 147 21.35 18.07 10.11
CA THR A 147 22.37 19.04 10.49
C THR A 147 22.99 19.74 9.26
N ASP A 148 23.20 19.01 8.16
CA ASP A 148 23.72 19.59 6.93
C ASP A 148 22.93 19.09 5.73
N PRO A 149 21.75 19.69 5.48
CA PRO A 149 20.85 19.11 4.50
C PRO A 149 21.40 19.04 3.09
N ASP A 150 22.21 19.99 2.67
CA ASP A 150 22.71 19.97 1.31
C ASP A 150 23.65 18.79 1.12
N ALA A 151 24.52 18.59 2.09
CA ALA A 151 25.49 17.50 2.09
C ALA A 151 24.82 16.14 2.29
N GLN A 152 23.87 16.09 3.20
CA GLN A 152 23.13 14.87 3.46
C GLN A 152 22.28 14.45 2.27
N LEU A 153 21.72 15.41 1.53
CA LEU A 153 21.04 15.08 0.29
C LEU A 153 21.97 14.43 -0.75
N GLN A 154 23.21 14.94 -0.81
CA GLN A 154 24.20 14.54 -1.80
C GLN A 154 24.66 13.13 -1.55
N THR A 155 24.90 12.81 -0.29
CA THR A 155 25.25 11.45 0.08
C THR A 155 24.15 10.48 -0.34
N LEU A 156 22.91 10.83 0.00
CA LEU A 156 21.77 10.02 -0.39
C LEU A 156 21.67 9.83 -1.90
N ALA A 157 21.92 10.90 -2.66
CA ALA A 157 21.85 10.88 -4.14
C ALA A 157 22.86 9.91 -4.73
N THR A 158 24.04 9.82 -4.10
CA THR A 158 25.10 8.93 -4.53
C THR A 158 24.68 7.45 -4.36
N ARG A 159 24.14 7.09 -3.21
CA ARG A 159 23.60 5.76 -2.97
C ARG A 159 22.50 5.40 -3.89
N ILE A 160 21.62 6.34 -4.13
CA ILE A 160 20.48 6.16 -5.05
C ILE A 160 20.94 5.92 -6.48
N GLU A 161 21.98 6.63 -6.88
CA GLU A 161 22.59 6.51 -8.21
C GLU A 161 23.24 5.14 -8.36
N ALA A 162 23.90 4.69 -7.30
CA ALA A 162 24.52 3.38 -7.26
C ALA A 162 23.52 2.27 -7.54
N GLN A 163 22.25 2.49 -7.18
CA GLN A 163 21.20 1.52 -7.51
C GLN A 163 20.74 1.60 -8.97
N GLY A 164 21.35 2.52 -9.70
CA GLY A 164 21.04 2.71 -11.11
C GLY A 164 20.04 3.83 -11.44
N PHE A 165 19.57 4.54 -10.42
CA PHE A 165 18.62 5.62 -10.64
C PHE A 165 19.38 6.86 -11.16
N ARG A 166 18.63 7.80 -11.72
CA ARG A 166 19.22 9.07 -12.15
C ARG A 166 18.56 10.21 -11.36
N PRO A 167 19.14 10.52 -10.18
CA PRO A 167 18.51 11.40 -9.20
C PRO A 167 18.76 12.88 -9.47
N TYR A 168 17.79 13.69 -9.03
CA TYR A 168 17.93 15.13 -9.07
C TYR A 168 17.61 15.67 -7.70
N VAL A 169 18.61 16.30 -7.08
CA VAL A 169 18.46 16.84 -5.75
C VAL A 169 17.66 18.14 -5.76
N ILE A 170 16.54 18.17 -5.04
CA ILE A 170 15.79 19.40 -4.82
C ILE A 170 16.11 19.83 -3.40
N PRO A 171 16.76 21.00 -3.24
CA PRO A 171 17.18 21.43 -1.90
C PRO A 171 15.98 21.75 -1.03
N VAL A 172 16.23 21.86 0.27
CA VAL A 172 15.19 22.13 1.28
C VAL A 172 14.31 23.29 0.82
N GLY A 173 13.00 23.04 0.86
CA GLY A 173 11.98 23.98 0.38
C GLY A 173 12.03 24.41 -1.07
N GLY A 174 12.85 23.74 -1.88
CA GLY A 174 13.02 24.12 -3.28
C GLY A 174 13.63 25.51 -3.47
N SER A 175 14.26 26.04 -2.42
CA SER A 175 14.75 27.39 -2.38
C SER A 175 16.16 27.56 -2.94
N SER A 176 16.31 27.26 -4.21
CA SER A 176 17.44 27.72 -4.99
C SER A 176 16.95 28.89 -5.86
N ALA A 177 17.87 29.62 -6.48
CA ALA A 177 17.51 30.72 -7.34
C ALA A 177 16.56 30.28 -8.46
N LEU A 178 16.82 29.13 -9.08
CA LEU A 178 15.89 28.58 -10.08
C LEU A 178 14.52 28.36 -9.47
N GLY A 179 14.47 27.67 -8.34
CA GLY A 179 13.19 27.40 -7.66
C GLY A 179 12.43 28.69 -7.41
N ALA A 180 13.14 29.68 -6.86
CA ALA A 180 12.53 30.97 -6.50
C ALA A 180 11.96 31.74 -7.69
N MET A 181 12.25 31.31 -8.91
CA MET A 181 11.71 31.98 -10.08
C MET A 181 10.19 31.88 -10.07
N GLY A 182 9.67 30.81 -9.47
CA GLY A 182 8.24 30.63 -9.37
C GLY A 182 7.60 31.77 -8.59
N TYR A 183 8.34 32.39 -7.66
CA TYR A 183 7.75 33.47 -6.88
C TYR A 183 7.97 34.86 -7.46
N VAL A 184 8.98 34.96 -8.31
CA VAL A 184 9.09 36.09 -9.21
C VAL A 184 7.86 36.08 -10.10
N GLU A 185 7.52 34.93 -10.65
CA GLU A 185 6.36 34.77 -11.49
C GLU A 185 5.10 35.20 -10.72
N SER A 186 5.04 34.80 -9.45
CA SER A 186 3.87 35.08 -8.61
C SER A 186 3.65 36.60 -8.42
N ALA A 187 4.74 37.35 -8.34
CA ALA A 187 4.71 38.80 -8.25
C ALA A 187 4.06 39.44 -9.47
N LEU A 188 4.32 38.88 -10.65
CA LEU A 188 3.66 39.33 -11.89
C LEU A 188 2.13 39.14 -11.84
N GLU A 189 1.68 37.95 -11.43
CA GLU A 189 0.25 37.70 -11.15
C GLU A 189 -0.29 38.78 -10.18
N ILE A 190 0.39 38.94 -9.04
CA ILE A 190 -0.08 39.86 -8.04
C ILE A 190 -0.18 41.25 -8.65
N ALA A 191 0.86 41.71 -9.33
CA ALA A 191 0.87 43.06 -9.88
C ALA A 191 -0.31 43.29 -10.82
N GLN A 192 -0.53 42.36 -11.73
CA GLN A 192 -1.66 42.36 -12.63
C GLN A 192 -3.01 42.37 -11.94
N GLN A 193 -3.12 41.60 -10.88
CA GLN A 193 -4.35 41.44 -10.16
C GLN A 193 -4.66 42.67 -9.38
N CYS A 194 -3.66 43.34 -8.91
CA CYS A 194 -3.88 44.53 -8.18
C CYS A 194 -4.23 45.70 -9.12
N GLU A 195 -3.67 45.74 -10.32
CA GLU A 195 -3.80 46.81 -11.27
C GLU A 195 -5.16 47.46 -11.28
N GLU A 196 -5.22 48.69 -10.83
CA GLU A 196 -6.46 49.33 -10.75
C GLU A 196 -7.28 48.40 -9.89
N VAL A 197 -7.44 48.78 -8.65
CA VAL A 197 -7.98 47.92 -7.63
C VAL A 197 -7.75 48.19 -6.17
N VAL A 198 -6.59 47.93 -5.65
CA VAL A 198 -6.43 48.27 -4.25
C VAL A 198 -5.00 48.76 -4.54
N GLY A 199 -4.68 49.94 -4.07
CA GLY A 199 -3.31 50.35 -3.99
C GLY A 199 -2.69 49.93 -2.66
N LEU A 200 -1.89 48.88 -2.71
CA LEU A 200 -1.34 48.14 -1.60
C LEU A 200 -0.21 48.84 -0.92
N SER A 201 -0.18 48.84 0.39
CA SER A 201 1.01 49.33 1.10
C SER A 201 2.00 48.25 1.43
N SER A 202 1.48 47.11 1.88
CA SER A 202 2.29 46.06 2.47
C SER A 202 1.95 44.64 1.96
N VAL A 203 2.93 43.76 1.97
CA VAL A 203 2.72 42.36 1.67
C VAL A 203 3.36 41.59 2.80
N VAL A 204 2.64 40.60 3.34
CA VAL A 204 3.15 39.69 4.38
C VAL A 204 3.26 38.26 3.90
N VAL A 205 4.46 37.70 3.96
CA VAL A 205 4.64 36.27 3.65
C VAL A 205 5.48 35.58 4.75
N ALA A 206 5.23 34.29 4.96
CA ALA A 206 6.06 33.50 5.85
C ALA A 206 7.45 33.43 5.24
N SER A 207 8.45 33.43 6.08
CA SER A 207 9.83 33.35 5.62
C SER A 207 10.57 32.20 6.31
N GLY A 208 10.75 31.11 5.57
CA GLY A 208 11.32 29.87 6.11
C GLY A 208 12.61 29.47 5.40
N SER A 209 12.51 28.71 4.31
CA SER A 209 13.73 28.37 3.57
C SER A 209 14.14 29.51 2.62
N ALA A 210 13.21 30.44 2.38
CA ALA A 210 13.47 31.80 1.83
C ALA A 210 13.17 32.01 0.34
N GLY A 211 12.89 30.95 -0.37
CA GLY A 211 12.61 31.07 -1.81
C GLY A 211 11.40 31.93 -2.14
N THR A 212 10.35 31.83 -1.35
CA THR A 212 9.13 32.60 -1.55
C THR A 212 9.40 34.11 -1.30
N HIS A 213 9.92 34.43 -0.13
CA HIS A 213 10.34 35.77 0.28
C HIS A 213 11.24 36.39 -0.79
N ALA A 214 12.38 35.71 -1.08
CA ALA A 214 13.37 36.23 -2.06
C ALA A 214 12.78 36.43 -3.46
N GLY A 215 11.98 35.47 -3.91
CA GLY A 215 11.35 35.58 -5.22
C GLY A 215 10.37 36.74 -5.27
N LEU A 216 9.62 36.91 -4.20
CA LEU A 216 8.70 38.03 -4.13
C LEU A 216 9.46 39.36 -4.07
N ALA A 217 10.54 39.42 -3.28
CA ALA A 217 11.37 40.61 -3.18
C ALA A 217 11.78 41.10 -4.58
N VAL A 218 12.40 40.23 -5.35
CA VAL A 218 12.89 40.60 -6.68
C VAL A 218 11.73 41.06 -7.54
N GLY A 219 10.67 40.25 -7.65
CA GLY A 219 9.53 40.63 -8.44
C GLY A 219 8.90 41.95 -8.03
N LEU A 220 8.60 42.10 -6.74
CA LEU A 220 7.94 43.30 -6.24
C LEU A 220 8.78 44.57 -6.35
N GLU A 221 10.09 44.48 -6.07
CA GLU A 221 10.98 45.64 -6.28
C GLU A 221 10.79 46.19 -7.69
N HIS A 222 10.72 45.32 -8.69
CA HIS A 222 10.59 45.79 -10.07
C HIS A 222 9.17 46.06 -10.59
N LEU A 223 8.15 45.55 -9.92
CA LEU A 223 6.76 45.73 -10.38
C LEU A 223 5.90 46.66 -9.52
N MET A 224 6.24 46.76 -8.23
CA MET A 224 5.47 47.55 -7.23
C MET A 224 6.45 48.11 -6.21
N PRO A 225 7.41 48.93 -6.67
CA PRO A 225 8.55 49.31 -5.83
C PRO A 225 8.20 50.09 -4.56
N ASP A 226 6.96 50.56 -4.46
CA ASP A 226 6.47 51.29 -3.27
C ASP A 226 5.86 50.39 -2.18
N VAL A 227 5.59 49.13 -2.53
CA VAL A 227 5.03 48.22 -1.58
C VAL A 227 6.12 47.72 -0.64
N GLU A 228 5.83 47.74 0.66
CA GLU A 228 6.68 47.16 1.68
C GLU A 228 6.44 45.62 1.77
N LEU A 229 7.49 44.83 1.60
CA LEU A 229 7.42 43.35 1.77
C LEU A 229 8.00 42.91 3.12
N ILE A 230 7.19 42.25 3.94
CA ILE A 230 7.59 41.80 5.28
C ILE A 230 7.60 40.29 5.30
N GLY A 231 8.70 39.68 5.69
CA GLY A 231 8.74 38.27 5.92
C GLY A 231 8.70 38.03 7.41
N VAL A 232 7.77 37.19 7.85
CA VAL A 232 7.66 36.75 9.22
C VAL A 232 8.38 35.41 9.34
N THR A 233 9.45 35.36 10.12
CA THR A 233 10.22 34.11 10.20
C THR A 233 9.44 32.98 10.90
N VAL A 234 9.72 31.76 10.44
CA VAL A 234 9.05 30.60 10.99
C VAL A 234 10.03 29.65 11.63
N SER A 235 11.33 29.91 11.47
CA SER A 235 12.37 29.04 12.03
C SER A 235 13.62 29.72 12.64
N ARG A 236 13.81 31.02 12.42
CA ARG A 236 15.10 31.68 12.73
C ARG A 236 14.93 33.14 13.16
N SER A 237 15.92 33.65 13.90
CA SER A 237 16.04 35.08 14.17
C SER A 237 16.28 35.83 12.86
N VAL A 238 15.98 37.13 12.87
CA VAL A 238 16.38 38.06 11.80
C VAL A 238 17.86 37.89 11.43
N ALA A 239 18.75 37.91 12.43
CA ALA A 239 20.21 37.76 12.20
C ALA A 239 20.59 36.51 11.40
N GLU A 240 19.95 35.38 11.70
CA GLU A 240 20.22 34.16 10.93
C GLU A 240 19.52 34.11 9.58
N GLN A 241 18.33 34.69 9.47
CA GLN A 241 17.50 34.56 8.27
C GLN A 241 17.84 35.58 7.19
N LYS A 242 18.18 36.81 7.58
CA LYS A 242 18.44 37.87 6.59
C LYS A 242 19.46 37.48 5.57
N PRO A 243 20.66 37.05 6.00
CA PRO A 243 21.67 36.74 4.97
C PRO A 243 21.16 35.71 3.95
N LYS A 244 20.31 34.79 4.39
CA LYS A 244 19.82 33.75 3.51
C LYS A 244 18.86 34.30 2.45
N VAL A 245 17.93 35.16 2.87
CA VAL A 245 17.06 35.83 1.93
C VAL A 245 17.85 36.74 0.97
N ILE A 246 18.81 37.50 1.50
CA ILE A 246 19.63 38.39 0.68
C ILE A 246 20.40 37.66 -0.45
N ALA A 247 21.12 36.61 -0.06
CA ALA A 247 21.89 35.80 -1.01
C ALA A 247 21.00 35.32 -2.16
N LEU A 248 19.83 34.79 -1.82
CA LEU A 248 18.88 34.33 -2.83
C LEU A 248 18.39 35.47 -3.69
N GLN A 249 17.97 36.56 -3.04
CA GLN A 249 17.59 37.78 -3.76
C GLN A 249 18.65 38.20 -4.81
N GLN A 250 19.92 38.24 -4.41
CA GLN A 250 21.00 38.61 -5.33
C GLN A 250 21.21 37.60 -6.46
N ALA A 251 21.16 36.33 -6.12
CA ALA A 251 21.32 35.26 -7.12
C ALA A 251 20.17 35.26 -8.12
N ILE A 252 18.93 35.42 -7.64
CA ILE A 252 17.75 35.53 -8.51
C ILE A 252 17.91 36.73 -9.45
N ALA A 253 18.23 37.89 -8.88
CA ALA A 253 18.50 39.09 -9.69
C ALA A 253 19.57 38.88 -10.75
N GLY A 254 20.71 38.32 -10.34
CA GLY A 254 21.80 37.99 -11.25
C GLY A 254 21.30 37.19 -12.44
N GLN A 255 20.48 36.17 -12.18
CA GLN A 255 20.06 35.24 -13.21
C GLN A 255 19.06 35.85 -14.16
N LEU A 256 18.46 36.95 -13.74
CA LEU A 256 17.48 37.65 -14.54
C LEU A 256 18.09 38.92 -15.08
N ALA A 257 19.41 39.04 -14.96
CA ALA A 257 20.16 40.24 -15.35
C ALA A 257 19.52 41.55 -14.82
N LEU A 258 19.18 41.57 -13.55
CA LEU A 258 18.62 42.74 -12.93
C LEU A 258 19.48 43.07 -11.72
N THR A 259 19.21 44.22 -11.11
CA THR A 259 19.78 44.54 -9.83
C THR A 259 18.64 44.53 -8.83
N ALA A 260 18.97 44.24 -7.58
CA ALA A 260 18.03 44.26 -6.48
C ALA A 260 18.65 45.05 -5.36
N THR A 261 18.16 46.27 -5.17
CA THR A 261 18.69 47.13 -4.12
C THR A 261 17.77 47.24 -2.92
N ALA A 262 16.56 46.69 -3.03
CA ALA A 262 15.64 46.76 -1.91
C ALA A 262 16.25 46.16 -0.62
N ASP A 263 15.91 46.75 0.49
CA ASP A 263 16.16 46.19 1.79
C ASP A 263 15.18 45.04 2.06
N ILE A 264 15.68 43.96 2.64
CA ILE A 264 14.85 42.86 3.13
C ILE A 264 14.30 43.15 4.53
N HIS A 265 12.97 43.04 4.69
CA HIS A 265 12.37 43.20 6.05
C HIS A 265 11.89 41.87 6.67
N LEU A 266 12.32 41.61 7.91
CA LEU A 266 11.96 40.37 8.64
C LEU A 266 11.51 40.65 10.05
N TRP A 267 10.50 39.91 10.48
CA TRP A 267 10.00 40.00 11.85
C TRP A 267 10.14 38.64 12.45
N ASP A 268 10.92 38.54 13.53
CA ASP A 268 11.25 37.24 14.11
C ASP A 268 10.56 36.97 15.45
N ASP A 269 9.62 37.84 15.81
CA ASP A 269 8.94 37.72 17.09
C ASP A 269 7.86 36.63 17.18
N TYR A 270 7.56 35.92 16.09
CA TYR A 270 6.32 35.15 16.02
C TYR A 270 6.47 33.61 15.84
N PHE A 271 7.66 33.07 16.05
CA PHE A 271 7.87 31.63 15.81
C PHE A 271 8.24 30.83 17.06
N ALA A 272 8.61 31.52 18.14
CA ALA A 272 8.98 30.84 19.37
C ALA A 272 7.87 29.87 19.78
N PRO A 273 8.25 28.68 20.30
CA PRO A 273 9.65 28.36 20.67
C PRO A 273 10.52 27.71 19.60
N GLY A 274 10.06 27.57 18.36
CA GLY A 274 10.88 26.91 17.35
C GLY A 274 10.13 26.46 16.11
N TYR A 275 10.89 26.07 15.10
CA TYR A 275 10.29 25.63 13.87
C TYR A 275 9.39 24.43 14.21
N GLY A 276 8.19 24.40 13.64
CA GLY A 276 7.31 23.25 13.78
C GLY A 276 6.61 23.09 15.12
N VAL A 277 6.83 24.03 16.04
CA VAL A 277 6.12 24.09 17.32
C VAL A 277 4.98 25.14 17.29
N PRO A 278 3.74 24.72 17.59
CA PRO A 278 2.65 25.70 17.52
C PRO A 278 2.82 26.64 18.67
N ASN A 279 2.29 27.86 18.53
CA ASN A 279 2.18 28.78 19.66
C ASN A 279 0.79 29.43 19.74
N ASP A 280 0.48 30.09 20.85
CA ASP A 280 -0.89 30.51 21.09
C ASP A 280 -1.36 31.50 20.02
N ALA A 281 -0.51 32.48 19.73
CA ALA A 281 -0.83 33.52 18.73
C ALA A 281 -1.07 32.91 17.35
N GLY A 282 -0.24 31.91 17.00
CA GLY A 282 -0.42 31.11 15.79
C GLY A 282 -1.80 30.49 15.70
N MET A 283 -2.16 29.74 16.74
CA MET A 283 -3.44 29.05 16.79
C MET A 283 -4.61 30.02 16.85
N GLU A 284 -4.43 31.12 17.54
CA GLU A 284 -5.45 32.16 17.54
C GLU A 284 -5.69 32.72 16.14
N ALA A 285 -4.61 32.90 15.36
CA ALA A 285 -4.71 33.37 13.98
C ALA A 285 -5.46 32.35 13.12
N VAL A 286 -5.11 31.06 13.27
CA VAL A 286 -5.79 29.96 12.60
C VAL A 286 -7.30 30.02 12.95
N LYS A 287 -7.59 30.23 14.22
CA LYS A 287 -8.98 30.27 14.68
C LYS A 287 -9.71 31.48 14.12
N LEU A 288 -8.99 32.62 14.09
CA LEU A 288 -9.56 33.85 13.57
C LEU A 288 -9.98 33.78 12.09
N LEU A 289 -9.13 33.19 11.27
CA LEU A 289 -9.28 33.14 9.86
C LEU A 289 -10.25 32.11 9.47
N ALA A 290 -10.37 31.07 10.26
CA ALA A 290 -11.31 30.01 10.04
C ALA A 290 -12.72 30.56 10.33
N SER A 291 -12.86 31.12 11.52
CA SER A 291 -14.17 31.58 11.96
C SER A 291 -14.72 32.80 11.27
N LEU A 292 -13.84 33.68 10.72
CA LEU A 292 -14.24 34.93 10.03
C LEU A 292 -14.32 34.82 8.52
N GLU A 293 -13.51 33.95 7.94
CA GLU A 293 -13.44 33.88 6.48
C GLU A 293 -13.49 32.46 5.92
N GLY A 294 -13.59 31.46 6.78
CA GLY A 294 -13.59 30.06 6.31
C GLY A 294 -12.31 29.74 5.54
N VAL A 295 -11.22 30.36 5.95
CA VAL A 295 -9.95 30.18 5.33
C VAL A 295 -9.16 29.34 6.30
N LEU A 296 -8.40 28.38 5.80
CA LEU A 296 -7.66 27.50 6.69
C LEU A 296 -6.18 27.81 6.64
N LEU A 297 -5.61 28.11 7.78
CA LEU A 297 -4.19 28.36 7.84
C LEU A 297 -3.59 27.14 8.52
N ASP A 298 -2.40 27.20 9.02
CA ASP A 298 -1.73 26.04 9.54
C ASP A 298 -0.91 26.37 10.77
N PRO A 299 -0.49 25.41 11.59
CA PRO A 299 0.15 25.83 12.81
C PRO A 299 1.65 26.09 12.73
N VAL A 300 2.30 25.76 11.59
CA VAL A 300 3.74 25.85 11.42
C VAL A 300 4.14 27.12 10.63
N TYR A 301 3.40 27.41 9.57
CA TYR A 301 3.78 28.49 8.67
C TYR A 301 2.82 29.66 8.70
N THR A 302 1.65 29.50 8.06
CA THR A 302 0.73 30.63 7.82
C THR A 302 0.08 31.16 9.09
N GLY A 303 -0.20 30.28 10.04
CA GLY A 303 -0.68 30.74 11.34
C GLY A 303 0.25 31.73 12.02
N LYS A 304 1.55 31.41 12.10
CA LYS A 304 2.54 32.32 12.69
C LYS A 304 2.72 33.60 11.83
N ALA A 305 2.76 33.46 10.50
CA ALA A 305 2.79 34.60 9.62
C ALA A 305 1.58 35.54 9.82
N MET A 306 0.36 34.97 9.92
CA MET A 306 -0.81 35.79 10.15
C MET A 306 -0.78 36.45 11.54
N ALA A 307 -0.29 35.71 12.54
CA ALA A 307 -0.05 36.28 13.85
C ALA A 307 0.88 37.52 13.78
N GLY A 308 1.89 37.43 12.92
CA GLY A 308 2.78 38.56 12.66
C GLY A 308 2.06 39.77 12.11
N LEU A 309 1.31 39.56 11.02
CA LEU A 309 0.51 40.57 10.38
C LEU A 309 -0.36 41.24 11.44
N ILE A 310 -1.10 40.44 12.20
CA ILE A 310 -2.01 40.97 13.18
C ILE A 310 -1.27 41.86 14.18
N ASP A 311 -0.19 41.36 14.77
CA ASP A 311 0.60 42.13 15.75
C ASP A 311 1.25 43.37 15.17
N GLY A 312 1.59 43.34 13.88
CA GLY A 312 2.09 44.50 13.23
C GLY A 312 1.06 45.62 13.12
N ILE A 313 -0.23 45.29 13.02
CA ILE A 313 -1.30 46.29 13.02
C ILE A 313 -1.43 46.79 14.45
N SER A 314 -1.48 45.86 15.38
CA SER A 314 -1.49 46.16 16.79
C SER A 314 -0.42 47.18 17.21
N GLN A 315 0.81 46.96 16.75
CA GLN A 315 1.98 47.72 17.19
C GLN A 315 2.40 48.81 16.20
N LYS A 316 1.59 49.03 15.17
CA LYS A 316 1.89 50.04 14.14
C LYS A 316 3.28 49.85 13.55
N ARG A 317 3.61 48.58 13.26
CA ARG A 317 4.90 48.18 12.73
C ARG A 317 5.04 48.41 11.23
N PHE A 318 3.93 48.43 10.49
CA PHE A 318 3.93 48.69 9.06
C PHE A 318 4.26 50.17 8.75
N ASN A 319 4.70 50.41 7.52
CA ASN A 319 5.12 51.73 7.12
C ASN A 319 3.99 52.77 7.09
N ASP A 320 2.78 52.32 6.75
CA ASP A 320 1.55 53.15 6.89
C ASP A 320 0.27 52.34 7.11
N ASP A 321 -0.86 53.04 7.07
CA ASP A 321 -2.15 52.48 7.45
C ASP A 321 -2.90 51.82 6.30
N GLY A 322 -2.20 51.58 5.19
CA GLY A 322 -2.83 51.12 3.95
C GLY A 322 -2.99 49.61 3.78
N PRO A 323 -3.66 49.20 2.68
CA PRO A 323 -4.02 47.79 2.46
C PRO A 323 -2.84 46.84 2.55
N ILE A 324 -3.07 45.68 3.18
CA ILE A 324 -2.06 44.62 3.30
C ILE A 324 -2.47 43.40 2.50
N LEU A 325 -1.52 42.85 1.78
CA LEU A 325 -1.75 41.58 1.13
C LEU A 325 -1.00 40.51 1.90
N PHE A 326 -1.77 39.52 2.38
CA PHE A 326 -1.26 38.25 2.94
C PHE A 326 -1.08 37.15 1.86
N ILE A 327 0.12 36.58 1.76
CA ILE A 327 0.34 35.50 0.79
C ILE A 327 0.05 34.17 1.47
N HIS A 328 -1.02 33.50 1.08
CA HIS A 328 -1.27 32.22 1.71
C HIS A 328 -0.49 31.10 1.02
N THR A 329 0.52 30.60 1.71
CA THR A 329 1.50 29.69 1.16
C THR A 329 1.10 28.20 1.32
N GLY A 330 -0.02 27.93 1.99
CA GLY A 330 -0.58 26.59 2.11
C GLY A 330 -0.45 26.01 3.51
N GLY A 331 -0.20 24.70 3.60
CA GLY A 331 0.09 24.07 4.85
C GLY A 331 -1.04 23.41 5.62
N ALA A 332 -2.29 23.69 5.27
CA ALA A 332 -3.45 23.16 5.97
C ALA A 332 -3.44 21.66 6.34
N PRO A 333 -2.89 20.76 5.47
CA PRO A 333 -2.90 19.35 5.89
C PRO A 333 -2.23 19.06 7.21
N ALA A 334 -1.31 19.92 7.63
CA ALA A 334 -0.62 19.76 8.91
C ALA A 334 -1.55 19.93 10.08
N LEU A 335 -2.75 20.49 9.87
CA LEU A 335 -3.74 20.71 10.96
C LEU A 335 -4.10 19.37 11.53
N PHE A 336 -4.26 18.42 10.63
CA PHE A 336 -4.71 17.10 10.99
C PHE A 336 -3.63 16.28 11.64
N ALA A 337 -2.36 16.64 11.44
CA ALA A 337 -1.25 15.94 12.03
C ALA A 337 -0.95 16.50 13.40
N TYR A 338 -1.23 17.79 13.59
CA TYR A 338 -0.96 18.48 14.82
C TYR A 338 -2.02 18.29 15.86
N HIS A 339 -3.15 17.72 15.43
CA HIS A 339 -4.29 17.45 16.33
C HIS A 339 -4.20 16.07 16.96
N PRO A 340 -4.50 15.96 18.26
CA PRO A 340 -4.90 16.99 19.21
C PRO A 340 -3.76 17.79 19.80
N HIS A 341 -2.57 17.19 19.88
CA HIS A 341 -1.40 17.88 20.42
C HIS A 341 -0.11 17.22 19.94
N VAL A 342 1.02 17.87 20.15
N VAL A 342 0.97 17.97 20.18
CA VAL A 342 2.29 17.25 19.79
CA VAL A 342 2.34 17.57 20.02
C VAL A 342 3.22 17.08 21.01
C VAL A 342 2.60 16.84 18.72
N HIS B 18 -30.24 28.30 -19.89
CA HIS B 18 -31.03 29.45 -20.29
C HIS B 18 -31.64 30.15 -19.06
N HIS B 19 -32.56 29.47 -18.41
CA HIS B 19 -33.19 29.92 -17.20
C HIS B 19 -32.29 29.84 -15.98
N LEU B 20 -31.17 29.15 -16.10
CA LEU B 20 -30.23 29.02 -14.99
C LEU B 20 -29.79 30.34 -14.41
N THR B 21 -29.48 31.25 -15.30
CA THR B 21 -29.22 32.68 -15.00
C THR B 21 -30.31 33.38 -14.15
N ARG B 22 -31.58 33.06 -14.37
CA ARG B 22 -32.65 33.71 -13.58
C ARG B 22 -32.58 33.38 -12.08
N PHE B 23 -31.85 32.31 -11.71
CA PHE B 23 -31.62 31.99 -10.29
C PHE B 23 -30.48 32.82 -9.72
N PRO B 24 -30.75 33.52 -8.59
CA PRO B 24 -29.68 34.23 -7.87
C PRO B 24 -28.66 33.25 -7.32
N ARG B 25 -27.39 33.60 -7.45
CA ARG B 25 -26.28 32.76 -6.96
C ARG B 25 -25.15 33.62 -6.39
N LEU B 26 -24.45 33.12 -5.40
CA LEU B 26 -23.23 33.78 -4.95
C LEU B 26 -22.02 33.29 -5.73
N GLU B 27 -20.93 34.05 -5.68
CA GLU B 27 -19.69 33.65 -6.33
C GLU B 27 -18.81 32.96 -5.26
N PHE B 28 -18.74 31.64 -5.31
CA PHE B 28 -17.83 30.92 -4.43
C PHE B 28 -16.68 30.29 -5.17
N ILE B 29 -16.82 30.12 -6.49
CA ILE B 29 -15.85 29.37 -7.29
C ILE B 29 -15.03 30.22 -8.26
N GLY B 30 -15.68 31.08 -9.05
CA GLY B 30 -14.95 31.94 -9.99
C GLY B 30 -14.71 31.23 -11.30
N ALA B 31 -13.43 31.06 -11.64
CA ALA B 31 -13.09 30.35 -12.88
C ALA B 31 -13.60 28.89 -12.88
N PRO B 32 -13.88 28.33 -14.08
CA PRO B 32 -14.17 26.89 -14.18
C PRO B 32 -13.06 26.06 -13.52
N THR B 33 -13.41 24.95 -12.89
CA THR B 33 -12.41 24.04 -12.32
C THR B 33 -11.72 23.24 -13.43
N PRO B 34 -10.48 22.77 -13.18
CA PRO B 34 -9.75 22.13 -14.30
C PRO B 34 -10.44 20.87 -14.80
N LEU B 35 -10.24 20.57 -16.08
CA LEU B 35 -10.58 19.28 -16.65
C LEU B 35 -9.28 18.77 -17.25
N GLU B 36 -8.80 17.65 -16.74
CA GLU B 36 -7.43 17.22 -17.03
C GLU B 36 -7.46 15.81 -17.62
N TYR B 37 -6.58 15.54 -18.57
CA TYR B 37 -6.27 14.19 -19.00
C TYR B 37 -5.38 13.51 -17.96
N LEU B 38 -5.57 12.22 -17.75
CA LEU B 38 -4.81 11.43 -16.79
C LEU B 38 -4.02 10.40 -17.60
N PRO B 39 -2.84 10.82 -18.09
CA PRO B 39 -2.08 9.96 -18.99
C PRO B 39 -1.57 8.66 -18.33
N ARG B 40 -1.16 8.69 -17.06
CA ARG B 40 -0.57 7.49 -16.44
C ARG B 40 -1.70 6.51 -16.09
N LEU B 41 -2.77 7.00 -15.52
CA LEU B 41 -3.92 6.14 -15.27
C LEU B 41 -4.48 5.58 -16.56
N SER B 42 -4.56 6.41 -17.61
CA SER B 42 -5.07 5.96 -18.90
C SER B 42 -4.20 4.85 -19.45
N ASP B 43 -2.91 5.05 -19.35
CA ASP B 43 -1.94 4.06 -19.75
C ASP B 43 -2.17 2.71 -19.03
N TYR B 44 -2.48 2.76 -17.74
CA TYR B 44 -2.58 1.53 -16.97
C TYR B 44 -3.90 0.81 -17.23
N LEU B 45 -4.98 1.55 -17.35
CA LEU B 45 -6.31 0.98 -17.61
C LEU B 45 -6.56 0.61 -19.10
N GLY B 46 -5.71 1.10 -20.00
CA GLY B 46 -5.89 0.90 -21.45
C GLY B 46 -7.02 1.68 -22.06
N ARG B 47 -7.21 2.91 -21.63
CA ARG B 47 -8.44 3.65 -21.92
C ARG B 47 -8.17 5.12 -21.57
N GLU B 48 -8.61 6.02 -22.44
CA GLU B 48 -8.47 7.46 -22.19
C GLU B 48 -9.32 7.90 -20.99
N ILE B 49 -8.68 8.48 -19.97
CA ILE B 49 -9.43 8.96 -18.81
C ILE B 49 -9.17 10.41 -18.49
N TYR B 50 -10.25 11.14 -18.24
CA TYR B 50 -10.18 12.56 -17.89
C TYR B 50 -10.85 12.70 -16.54
N ILE B 51 -10.51 13.79 -15.84
CA ILE B 51 -11.04 14.07 -14.56
C ILE B 51 -11.50 15.55 -14.48
N LYS B 52 -12.71 15.73 -13.97
CA LYS B 52 -13.23 17.04 -13.63
C LYS B 52 -12.87 17.34 -12.17
N ARG B 53 -11.99 18.30 -11.95
CA ARG B 53 -11.43 18.50 -10.61
C ARG B 53 -12.25 19.45 -9.74
N ASP B 54 -13.46 19.04 -9.37
CA ASP B 54 -14.29 19.79 -8.43
C ASP B 54 -13.83 19.63 -6.98
N ASP B 55 -12.77 18.84 -6.79
CA ASP B 55 -12.08 18.79 -5.54
C ASP B 55 -11.24 20.08 -5.30
N VAL B 56 -11.06 20.90 -6.33
CA VAL B 56 -10.20 22.08 -6.27
C VAL B 56 -10.95 23.42 -6.08
N THR B 57 -12.26 23.38 -5.85
CA THR B 57 -12.99 24.59 -5.53
C THR B 57 -12.31 25.30 -4.32
N PRO B 58 -12.34 26.65 -4.26
CA PRO B 58 -11.37 27.31 -3.39
C PRO B 58 -11.69 27.44 -1.89
N ILE B 59 -12.88 27.06 -1.45
CA ILE B 59 -13.19 27.25 -0.02
C ILE B 59 -12.98 26.00 0.82
N ALA B 60 -12.25 26.19 1.93
CA ALA B 60 -12.00 25.17 2.94
C ALA B 60 -11.84 23.74 2.41
N MET B 61 -10.85 23.54 1.54
CA MET B 61 -10.48 22.22 1.03
C MET B 61 -11.45 21.63 0.02
N GLY B 62 -12.49 22.37 -0.34
CA GLY B 62 -13.12 22.18 -1.64
C GLY B 62 -14.24 21.15 -1.67
N GLY B 63 -14.75 20.87 -2.87
CA GLY B 63 -15.77 19.87 -3.02
C GLY B 63 -16.90 20.29 -3.90
N ASN B 64 -17.78 19.33 -4.21
CA ASN B 64 -18.98 19.50 -5.04
C ASN B 64 -20.08 20.35 -4.40
N LYS B 65 -20.09 20.42 -3.08
CA LYS B 65 -21.15 21.11 -2.39
C LYS B 65 -21.08 22.63 -2.55
N LEU B 66 -19.89 23.15 -2.82
CA LEU B 66 -19.71 24.59 -3.01
C LEU B 66 -20.58 25.08 -4.16
N ARG B 67 -20.64 24.30 -5.25
CA ARG B 67 -21.54 24.61 -6.39
C ARG B 67 -23.01 24.75 -5.96
N LYS B 68 -23.52 23.78 -5.18
CA LYS B 68 -24.88 23.87 -4.67
C LYS B 68 -25.06 25.05 -3.72
N LEU B 69 -24.05 25.30 -2.90
CA LEU B 69 -24.15 26.33 -1.87
C LEU B 69 -24.28 27.74 -2.48
N GLU B 70 -23.72 27.92 -3.67
CA GLU B 70 -23.90 29.16 -4.41
C GLU B 70 -25.38 29.52 -4.56
N PHE B 71 -26.21 28.52 -4.88
CA PHE B 71 -27.63 28.79 -5.10
C PHE B 71 -28.35 28.82 -3.76
N LEU B 72 -28.12 27.81 -2.93
CA LEU B 72 -28.82 27.71 -1.66
C LEU B 72 -28.55 28.88 -0.72
N VAL B 73 -27.30 29.31 -0.61
CA VAL B 73 -26.97 30.40 0.29
C VAL B 73 -27.49 31.74 -0.25
N ALA B 74 -27.43 31.94 -1.57
CA ALA B 74 -28.06 33.09 -2.21
C ALA B 74 -29.49 33.17 -1.73
N ASP B 75 -30.22 32.05 -1.85
CA ASP B 75 -31.61 31.98 -1.44
C ASP B 75 -31.78 32.32 0.02
N ALA B 76 -30.86 31.86 0.87
CA ALA B 76 -30.98 32.12 2.31
C ALA B 76 -30.88 33.58 2.60
N LEU B 77 -29.88 34.22 2.00
CA LEU B 77 -29.67 35.65 2.14
C LEU B 77 -30.91 36.46 1.67
N ARG B 78 -31.44 36.13 0.48
CA ARG B 78 -32.68 36.74 -0.03
C ARG B 78 -33.86 36.59 0.94
N GLU B 79 -33.81 35.63 1.86
CA GLU B 79 -34.87 35.54 2.85
C GLU B 79 -34.45 36.17 4.15
N GLY B 80 -33.25 36.74 4.18
CA GLY B 80 -32.78 37.46 5.39
C GLY B 80 -32.43 36.56 6.55
N ALA B 81 -32.18 35.29 6.24
CA ALA B 81 -31.66 34.33 7.23
C ALA B 81 -30.32 34.77 7.81
N ASP B 82 -30.05 34.33 9.03
CA ASP B 82 -28.77 34.61 9.67
C ASP B 82 -28.07 33.31 10.17
N THR B 83 -28.67 32.17 9.87
CA THR B 83 -28.21 30.88 10.38
C THR B 83 -28.43 29.80 9.34
N LEU B 84 -27.37 29.04 9.04
CA LEU B 84 -27.54 27.85 8.22
C LEU B 84 -27.60 26.61 9.08
N ILE B 85 -28.55 25.76 8.73
CA ILE B 85 -28.77 24.52 9.46
C ILE B 85 -28.74 23.35 8.49
N THR B 86 -27.91 22.36 8.80
CA THR B 86 -27.83 21.15 7.95
C THR B 86 -27.49 19.89 8.73
N ALA B 87 -27.43 18.79 8.02
CA ALA B 87 -27.16 17.50 8.68
C ALA B 87 -26.27 16.62 7.82
N GLY B 88 -25.59 15.69 8.51
CA GLY B 88 -24.71 14.70 7.86
C GLY B 88 -23.99 13.85 8.89
N ALA B 89 -23.12 12.95 8.41
CA ALA B 89 -22.27 12.15 9.31
C ALA B 89 -21.26 13.05 9.99
N ILE B 90 -20.70 12.57 11.10
CA ILE B 90 -19.61 13.31 11.77
C ILE B 90 -18.54 13.74 10.77
N GLN B 91 -18.29 12.92 9.75
CA GLN B 91 -17.24 13.21 8.78
C GLN B 91 -17.75 13.67 7.41
N SER B 92 -19.02 14.06 7.31
CA SER B 92 -19.57 14.69 6.11
C SER B 92 -18.74 15.90 5.52
N ASN B 93 -18.55 15.90 4.20
CA ASN B 93 -17.92 17.03 3.52
C ASN B 93 -18.93 18.19 3.36
N HIS B 94 -20.19 17.81 3.15
CA HIS B 94 -21.27 18.76 2.96
C HIS B 94 -21.39 19.70 4.14
N VAL B 95 -21.47 19.15 5.34
CA VAL B 95 -21.47 19.91 6.59
C VAL B 95 -20.22 20.79 6.75
N ARG B 96 -19.05 20.28 6.37
CA ARG B 96 -17.86 21.07 6.49
C ARG B 96 -17.87 22.23 5.49
N GLN B 97 -18.37 21.99 4.28
CA GLN B 97 -18.47 23.02 3.29
C GLN B 97 -19.49 24.11 3.66
N THR B 98 -20.67 23.67 4.12
CA THR B 98 -21.70 24.57 4.67
C THR B 98 -21.13 25.40 5.83
N ALA B 99 -20.42 24.76 6.73
CA ALA B 99 -19.89 25.47 7.90
C ALA B 99 -18.85 26.53 7.49
N ALA B 100 -18.17 26.31 6.38
CA ALA B 100 -17.08 27.19 6.01
C ALA B 100 -17.73 28.41 5.39
N VAL B 101 -18.78 28.15 4.59
CA VAL B 101 -19.52 29.18 3.91
C VAL B 101 -20.25 30.05 4.93
N ALA B 102 -20.86 29.43 5.93
CA ALA B 102 -21.48 30.21 7.02
C ALA B 102 -20.49 31.16 7.69
N ALA B 103 -19.32 30.62 8.06
CA ALA B 103 -18.26 31.38 8.69
C ALA B 103 -17.81 32.58 7.84
N LYS B 104 -17.61 32.39 6.57
CA LYS B 104 -17.15 33.42 5.75
C LYS B 104 -18.17 34.49 5.46
N LEU B 105 -19.43 34.13 5.52
CA LEU B 105 -20.51 35.14 5.36
C LEU B 105 -21.04 35.77 6.66
N GLY B 106 -20.52 35.39 7.81
CA GLY B 106 -21.00 35.93 9.11
C GLY B 106 -22.31 35.29 9.58
N LEU B 107 -22.65 34.13 9.02
CA LEU B 107 -23.86 33.41 9.40
C LEU B 107 -23.52 32.38 10.45
N HIS B 108 -24.39 32.20 11.44
CA HIS B 108 -24.21 31.08 12.38
C HIS B 108 -24.49 29.79 11.64
N CYS B 109 -23.96 28.69 12.16
CA CYS B 109 -24.18 27.42 11.57
C CYS B 109 -24.48 26.35 12.61
N VAL B 110 -25.52 25.58 12.39
CA VAL B 110 -25.85 24.49 13.30
C VAL B 110 -25.88 23.19 12.50
N ALA B 111 -25.05 22.22 12.94
CA ALA B 111 -24.95 20.94 12.28
C ALA B 111 -25.53 19.79 13.12
N LEU B 112 -26.51 19.11 12.55
CA LEU B 112 -27.04 17.91 13.13
C LEU B 112 -26.23 16.66 12.68
N LEU B 113 -25.42 16.09 13.58
CA LEU B 113 -24.54 14.98 13.22
C LEU B 113 -24.92 13.60 13.79
N GLU B 114 -24.60 12.57 13.03
CA GLU B 114 -24.70 11.16 13.45
C GLU B 114 -23.41 10.39 13.18
N ASN B 115 -23.22 9.33 13.94
CA ASN B 115 -22.17 8.35 13.70
C ASN B 115 -22.78 7.17 13.01
N PRO B 116 -22.66 7.09 11.67
CA PRO B 116 -23.41 6.08 10.92
C PRO B 116 -22.75 4.69 10.99
N ILE B 117 -21.56 4.58 11.56
CA ILE B 117 -20.83 3.31 11.45
C ILE B 117 -20.48 2.71 12.82
N GLY B 118 -20.91 3.39 13.88
CA GLY B 118 -20.80 2.90 15.23
C GLY B 118 -19.37 2.89 15.73
N THR B 119 -18.50 3.68 15.14
CA THR B 119 -17.09 3.63 15.50
C THR B 119 -16.78 4.42 16.76
N THR B 120 -15.76 4.00 17.51
CA THR B 120 -15.25 4.85 18.59
C THR B 120 -13.82 5.32 18.28
N ALA B 121 -13.36 5.15 17.04
CA ALA B 121 -11.99 5.58 16.67
C ALA B 121 -11.80 7.09 16.83
N GLU B 122 -10.78 7.48 17.56
CA GLU B 122 -10.55 8.88 17.92
C GLU B 122 -10.47 9.85 16.72
N ASN B 123 -9.82 9.42 15.63
CA ASN B 123 -9.71 10.27 14.46
C ASN B 123 -11.03 10.41 13.72
N TYR B 124 -11.84 9.35 13.65
CA TYR B 124 -13.16 9.53 13.07
C TYR B 124 -13.99 10.51 13.88
N LEU B 125 -13.85 10.44 15.20
CA LEU B 125 -14.67 11.24 16.05
C LEU B 125 -14.23 12.70 16.11
N THR B 126 -12.95 12.97 15.90
CA THR B 126 -12.41 14.29 16.27
C THR B 126 -11.53 15.02 15.25
N ASN B 127 -11.07 14.29 14.25
CA ASN B 127 -10.13 14.78 13.28
C ASN B 127 -10.86 14.99 11.94
N GLY B 128 -10.12 15.35 10.90
CA GLY B 128 -10.66 15.51 9.55
C GLY B 128 -11.72 16.59 9.51
N ASN B 129 -12.79 16.32 8.78
CA ASN B 129 -13.92 17.25 8.70
C ASN B 129 -14.47 17.76 10.06
N ARG B 130 -14.53 16.85 11.03
CA ARG B 130 -15.03 17.17 12.36
C ARG B 130 -14.17 18.22 13.06
N LEU B 131 -12.86 18.18 12.85
CA LEU B 131 -11.97 19.19 13.43
C LEU B 131 -12.25 20.54 12.78
N LEU B 132 -12.51 20.52 11.47
CA LEU B 132 -12.71 21.76 10.78
C LEU B 132 -13.97 22.46 11.30
N LEU B 133 -15.02 21.69 11.62
CA LEU B 133 -16.26 22.29 12.14
C LEU B 133 -16.00 23.12 13.37
N ASP B 134 -15.10 22.63 14.17
CA ASP B 134 -14.69 23.29 15.37
C ASP B 134 -13.98 24.59 15.15
N LEU B 135 -13.08 24.60 14.19
CA LEU B 135 -12.42 25.82 13.74
C LEU B 135 -13.43 26.82 13.14
N PHE B 136 -14.53 26.33 12.54
CA PHE B 136 -15.57 27.21 12.01
C PHE B 136 -16.62 27.64 13.07
N ASN B 137 -16.44 27.27 14.33
CA ASN B 137 -17.42 27.63 15.37
C ASN B 137 -18.79 27.07 15.06
N THR B 138 -18.83 25.90 14.47
CA THR B 138 -20.10 25.26 14.19
C THR B 138 -20.74 24.81 15.51
N GLN B 139 -22.01 25.12 15.69
CA GLN B 139 -22.76 24.60 16.80
C GLN B 139 -23.10 23.18 16.39
N ILE B 140 -22.80 22.24 17.28
CA ILE B 140 -22.97 20.82 16.98
C ILE B 140 -24.13 20.18 17.77
N GLU B 141 -24.99 19.49 17.05
CA GLU B 141 -26.12 18.74 17.61
C GLU B 141 -25.94 17.23 17.33
N MET B 142 -25.52 16.46 18.31
CA MET B 142 -25.41 15.02 18.09
C MET B 142 -26.78 14.32 18.16
N CYS B 143 -27.03 13.37 17.28
CA CYS B 143 -28.19 12.52 17.46
C CYS B 143 -27.91 11.06 17.09
N ASP B 144 -28.71 10.16 17.64
CA ASP B 144 -28.43 8.72 17.62
C ASP B 144 -28.52 8.16 16.21
N ALA B 145 -29.50 8.60 15.45
CA ALA B 145 -29.59 8.20 14.06
C ALA B 145 -30.48 9.16 13.30
N LEU B 146 -30.00 9.58 12.13
CA LEU B 146 -30.78 10.43 11.26
C LEU B 146 -31.75 9.53 10.51
N THR B 147 -32.79 9.09 11.21
CA THR B 147 -33.85 8.29 10.61
C THR B 147 -34.74 9.09 9.64
N ASP B 148 -35.04 10.34 9.98
CA ASP B 148 -35.83 11.22 9.11
C ASP B 148 -35.23 12.62 9.01
N PRO B 149 -34.22 12.78 8.15
CA PRO B 149 -33.41 14.00 8.20
C PRO B 149 -34.17 15.26 7.88
N ASP B 150 -35.12 15.22 6.95
CA ASP B 150 -35.90 16.42 6.62
C ASP B 150 -36.74 16.92 7.80
N ALA B 151 -37.42 15.98 8.45
CA ALA B 151 -38.19 16.24 9.65
C ALA B 151 -37.32 16.66 10.84
N GLN B 152 -36.21 15.95 11.03
CA GLN B 152 -35.32 16.24 12.15
C GLN B 152 -34.74 17.66 12.02
N LEU B 153 -34.33 18.02 10.79
CA LEU B 153 -33.85 19.37 10.50
C LEU B 153 -34.87 20.46 10.82
N GLN B 154 -36.15 20.17 10.52
CA GLN B 154 -37.27 21.09 10.75
C GLN B 154 -37.54 21.36 12.21
N THR B 155 -37.53 20.31 13.02
CA THR B 155 -37.66 20.43 14.47
C THR B 155 -36.53 21.28 15.01
N LEU B 156 -35.31 21.00 14.54
CA LEU B 156 -34.14 21.75 14.96
C LEU B 156 -34.37 23.24 14.62
N ALA B 157 -34.74 23.50 13.37
CA ALA B 157 -34.99 24.86 12.89
C ALA B 157 -35.93 25.68 13.80
N THR B 158 -36.98 25.03 14.29
CA THR B 158 -37.96 25.65 15.17
C THR B 158 -37.36 26.04 16.54
N ARG B 159 -36.63 25.14 17.18
CA ARG B 159 -35.96 25.47 18.45
C ARG B 159 -34.93 26.58 18.27
N ILE B 160 -34.24 26.58 17.13
CA ILE B 160 -33.25 27.60 16.83
C ILE B 160 -33.97 28.96 16.68
N GLU B 161 -35.12 28.90 16.03
CA GLU B 161 -35.90 30.11 15.77
C GLU B 161 -36.46 30.70 17.07
N ALA B 162 -36.82 29.81 18.00
CA ALA B 162 -37.27 30.20 19.34
C ALA B 162 -36.18 30.89 20.14
N GLN B 163 -34.91 30.66 19.84
CA GLN B 163 -33.86 31.44 20.49
C GLN B 163 -33.66 32.79 19.81
N GLY B 164 -34.49 33.07 18.79
CA GLY B 164 -34.43 34.36 18.09
C GLY B 164 -33.61 34.41 16.81
N PHE B 165 -33.08 33.27 16.35
CA PHE B 165 -32.35 33.22 15.09
C PHE B 165 -33.33 33.15 13.91
N ARG B 166 -32.80 33.34 12.71
CA ARG B 166 -33.58 33.20 11.50
C ARG B 166 -32.88 32.15 10.65
N PRO B 167 -33.26 30.89 10.87
CA PRO B 167 -32.56 29.76 10.25
C PRO B 167 -33.02 29.45 8.82
N TYR B 168 -32.12 28.87 8.05
CA TYR B 168 -32.45 28.38 6.74
C TYR B 168 -31.97 26.95 6.65
N VAL B 169 -32.88 26.05 6.32
CA VAL B 169 -32.58 24.63 6.31
C VAL B 169 -31.90 24.29 4.98
N ILE B 170 -30.71 23.72 5.03
CA ILE B 170 -30.14 23.11 3.85
C ILE B 170 -30.33 21.61 4.01
N PRO B 171 -31.04 20.97 3.07
CA PRO B 171 -31.25 19.52 3.20
C PRO B 171 -29.95 18.72 3.01
N VAL B 172 -29.94 17.48 3.51
CA VAL B 172 -28.82 16.56 3.36
C VAL B 172 -28.20 16.65 1.95
N GLY B 173 -26.91 16.90 1.93
CA GLY B 173 -26.15 16.96 0.69
C GLY B 173 -26.46 18.17 -0.14
N GLY B 174 -27.26 19.10 0.39
CA GLY B 174 -27.77 20.24 -0.39
C GLY B 174 -28.55 19.82 -1.63
N SER B 175 -29.05 18.57 -1.64
CA SER B 175 -29.67 17.98 -2.84
C SER B 175 -31.20 18.26 -2.98
N SER B 176 -31.54 19.53 -3.06
CA SER B 176 -32.84 19.97 -3.54
C SER B 176 -32.64 20.44 -4.98
N ALA B 177 -33.76 20.65 -5.70
CA ALA B 177 -33.68 21.05 -7.10
C ALA B 177 -32.89 22.38 -7.26
N LEU B 178 -33.10 23.33 -6.35
CA LEU B 178 -32.30 24.56 -6.38
C LEU B 178 -30.83 24.19 -6.24
N GLY B 179 -30.52 23.46 -5.15
CA GLY B 179 -29.14 23.02 -4.88
C GLY B 179 -28.50 22.36 -6.10
N ALA B 180 -29.25 21.48 -6.75
CA ALA B 180 -28.69 20.76 -7.91
C ALA B 180 -28.41 21.67 -9.15
N MET B 181 -28.83 22.93 -9.09
CA MET B 181 -28.59 23.80 -10.23
C MET B 181 -27.07 23.97 -10.43
N GLY B 182 -26.33 23.96 -9.32
CA GLY B 182 -24.89 24.04 -9.35
C GLY B 182 -24.24 22.99 -10.22
N TYR B 183 -24.88 21.81 -10.35
CA TYR B 183 -24.35 20.75 -11.21
C TYR B 183 -24.86 20.78 -12.64
N VAL B 184 -26.00 21.41 -12.84
CA VAL B 184 -26.41 21.74 -14.19
C VAL B 184 -25.31 22.67 -14.71
N GLU B 185 -24.92 23.63 -13.88
CA GLU B 185 -23.94 24.68 -14.20
C GLU B 185 -22.62 23.99 -14.54
N SER B 186 -22.30 22.96 -13.76
CA SER B 186 -21.05 22.21 -13.96
C SER B 186 -20.98 21.51 -15.34
N ALA B 187 -22.13 20.98 -15.79
CA ALA B 187 -22.27 20.40 -17.14
C ALA B 187 -21.92 21.40 -18.25
N LEU B 188 -22.23 22.66 -18.08
CA LEU B 188 -21.85 23.69 -19.02
C LEU B 188 -20.37 23.84 -19.15
N GLU B 189 -19.76 23.96 -18.01
CA GLU B 189 -18.29 23.97 -17.91
C GLU B 189 -17.72 22.72 -18.60
N ILE B 190 -18.26 21.58 -18.28
CA ILE B 190 -17.74 20.37 -18.88
C ILE B 190 -17.86 20.43 -20.40
N ALA B 191 -19.08 20.75 -20.90
CA ALA B 191 -19.39 20.79 -22.34
C ALA B 191 -18.41 21.68 -23.09
N GLN B 192 -18.18 22.86 -22.56
CA GLN B 192 -17.27 23.79 -23.15
C GLN B 192 -15.82 23.33 -23.07
N GLN B 193 -15.47 22.63 -22.02
CA GLN B 193 -14.09 22.19 -21.82
C GLN B 193 -13.79 20.99 -22.70
N CYS B 194 -14.82 20.28 -23.05
CA CYS B 194 -14.67 19.04 -23.75
C CYS B 194 -14.61 19.06 -25.24
N GLU B 195 -14.78 20.20 -25.86
CA GLU B 195 -14.71 20.35 -27.29
C GLU B 195 -13.28 20.13 -27.75
N GLU B 196 -12.33 20.54 -26.92
CA GLU B 196 -10.94 20.21 -27.12
C GLU B 196 -10.73 18.89 -26.44
N VAL B 197 -11.04 17.81 -27.15
CA VAL B 197 -10.93 16.51 -26.59
C VAL B 197 -12.20 15.77 -26.85
N VAL B 198 -12.53 14.81 -26.02
CA VAL B 198 -13.63 13.95 -26.37
C VAL B 198 -13.23 13.54 -27.75
N GLY B 199 -14.08 12.77 -28.39
CA GLY B 199 -15.35 12.47 -27.81
C GLY B 199 -15.49 11.50 -26.69
N LEU B 200 -15.96 11.99 -25.55
CA LEU B 200 -16.34 11.14 -24.45
C LEU B 200 -17.34 10.11 -24.80
N SER B 201 -17.23 8.94 -24.24
CA SER B 201 -18.31 8.02 -24.21
C SER B 201 -19.01 8.11 -22.92
N SER B 202 -18.31 8.33 -21.84
CA SER B 202 -18.84 8.01 -20.53
C SER B 202 -18.46 9.04 -19.45
N VAL B 203 -19.36 9.32 -18.54
CA VAL B 203 -19.05 10.13 -17.38
C VAL B 203 -19.37 9.28 -16.14
N VAL B 204 -18.45 9.29 -15.16
CA VAL B 204 -18.67 8.63 -13.87
C VAL B 204 -18.68 9.58 -12.70
N VAL B 205 -19.75 9.53 -11.91
CA VAL B 205 -19.80 10.34 -10.70
C VAL B 205 -20.37 9.50 -9.54
N ALA B 206 -19.91 9.77 -8.32
CA ALA B 206 -20.49 9.18 -7.12
C ALA B 206 -21.94 9.65 -6.99
N SER B 207 -22.81 8.73 -6.56
CA SER B 207 -24.23 9.06 -6.42
C SER B 207 -24.72 8.78 -5.01
N GLY B 208 -24.84 9.83 -4.21
CA GLY B 208 -25.17 9.72 -2.80
C GLY B 208 -26.55 10.29 -2.48
N SER B 209 -26.60 11.58 -2.14
CA SER B 209 -27.88 12.24 -1.85
C SER B 209 -28.53 12.68 -3.14
N ALA B 210 -27.80 12.58 -4.26
CA ALA B 210 -28.32 12.65 -5.67
C ALA B 210 -28.25 13.99 -6.46
N GLY B 211 -28.04 15.11 -5.76
CA GLY B 211 -28.01 16.40 -6.45
C GLY B 211 -27.00 16.45 -7.58
N THR B 212 -25.80 15.89 -7.33
CA THR B 212 -24.73 15.91 -8.33
C THR B 212 -25.15 15.11 -9.58
N HIS B 213 -25.59 13.89 -9.32
CA HIS B 213 -26.00 12.97 -10.36
C HIS B 213 -27.13 13.61 -11.20
N ALA B 214 -28.23 13.94 -10.52
CA ALA B 214 -29.41 14.51 -11.14
C ALA B 214 -29.13 15.81 -11.93
N GLY B 215 -28.37 16.73 -11.35
CA GLY B 215 -28.03 17.95 -12.06
C GLY B 215 -27.17 17.70 -13.30
N LEU B 216 -26.36 16.63 -13.24
CA LEU B 216 -25.43 16.39 -14.33
C LEU B 216 -26.29 15.75 -15.37
N ALA B 217 -27.24 14.95 -14.92
CA ALA B 217 -28.16 14.27 -15.87
C ALA B 217 -28.89 15.30 -16.75
N VAL B 218 -29.50 16.30 -16.11
CA VAL B 218 -30.21 17.33 -16.84
C VAL B 218 -29.24 18.08 -17.78
N GLY B 219 -28.16 18.60 -17.23
CA GLY B 219 -27.21 19.36 -18.03
C GLY B 219 -26.67 18.58 -19.20
N LEU B 220 -26.23 17.34 -18.96
CA LEU B 220 -25.63 16.52 -20.03
C LEU B 220 -26.62 16.02 -21.11
N GLU B 221 -27.84 15.60 -20.71
CA GLU B 221 -28.89 15.32 -21.68
C GLU B 221 -28.99 16.45 -22.71
N HIS B 222 -29.02 17.69 -22.25
CA HIS B 222 -29.19 18.80 -23.19
C HIS B 222 -27.91 19.31 -23.87
N LEU B 223 -26.73 18.98 -23.34
CA LEU B 223 -25.50 19.55 -23.88
C LEU B 223 -24.60 18.54 -24.54
N MET B 224 -24.70 17.28 -24.12
CA MET B 224 -23.90 16.19 -24.68
C MET B 224 -24.77 14.94 -24.67
N PRO B 225 -25.88 14.94 -25.46
CA PRO B 225 -26.87 13.85 -25.30
C PRO B 225 -26.35 12.44 -25.64
N ASP B 226 -25.19 12.34 -26.30
CA ASP B 226 -24.62 11.02 -26.66
C ASP B 226 -23.73 10.40 -25.58
N VAL B 227 -23.45 11.16 -24.54
CA VAL B 227 -22.59 10.68 -23.47
C VAL B 227 -23.44 9.90 -22.46
N GLU B 228 -22.91 8.76 -22.04
CA GLU B 228 -23.51 7.91 -21.03
C GLU B 228 -23.06 8.39 -19.64
N LEU B 229 -24.03 8.61 -18.76
CA LEU B 229 -23.74 9.10 -17.39
C LEU B 229 -24.02 7.97 -16.44
N ILE B 230 -23.06 7.61 -15.62
CA ILE B 230 -23.19 6.51 -14.70
C ILE B 230 -22.89 6.96 -13.30
N GLY B 231 -23.82 6.72 -12.41
CA GLY B 231 -23.65 7.05 -11.03
C GLY B 231 -23.29 5.80 -10.30
N VAL B 232 -22.21 5.84 -9.55
CA VAL B 232 -21.86 4.73 -8.68
C VAL B 232 -22.40 5.03 -7.29
N THR B 233 -23.34 4.22 -6.80
CA THR B 233 -23.93 4.52 -5.50
C THR B 233 -22.91 4.35 -4.34
N VAL B 234 -23.11 5.14 -3.30
CA VAL B 234 -22.18 5.16 -2.20
C VAL B 234 -22.88 4.81 -0.89
N SER B 235 -24.21 4.68 -0.95
CA SER B 235 -25.00 4.37 0.24
C SER B 235 -26.17 3.42 0.07
N ARG B 236 -26.58 3.13 -1.19
CA ARG B 236 -27.87 2.47 -1.49
C ARG B 236 -27.85 1.52 -2.69
N SER B 237 -28.76 0.55 -2.71
CA SER B 237 -29.00 -0.28 -3.91
C SER B 237 -29.58 0.58 -5.03
N VAL B 238 -29.45 0.10 -6.28
CA VAL B 238 -30.10 0.71 -7.47
C VAL B 238 -31.61 0.97 -7.20
N ALA B 239 -32.30 -0.03 -6.66
CA ALA B 239 -33.74 0.07 -6.38
C ALA B 239 -34.12 1.22 -5.46
N GLU B 240 -33.29 1.45 -4.42
CA GLU B 240 -33.47 2.53 -3.47
C GLU B 240 -33.09 3.89 -4.04
N GLN B 241 -32.02 3.93 -4.84
CA GLN B 241 -31.43 5.21 -5.29
C GLN B 241 -32.14 5.80 -6.55
N LYS B 242 -32.51 4.92 -7.48
CA LYS B 242 -33.05 5.39 -8.77
C LYS B 242 -34.24 6.36 -8.63
N PRO B 243 -35.30 5.95 -7.91
CA PRO B 243 -36.38 6.91 -7.72
C PRO B 243 -35.92 8.28 -7.20
N LYS B 244 -34.89 8.32 -6.33
CA LYS B 244 -34.39 9.60 -5.75
C LYS B 244 -33.72 10.47 -6.80
N VAL B 245 -32.88 9.86 -7.64
CA VAL B 245 -32.22 10.62 -8.71
C VAL B 245 -33.26 11.11 -9.72
N ILE B 246 -34.18 10.21 -10.14
CA ILE B 246 -35.25 10.54 -11.12
C ILE B 246 -36.16 11.71 -10.64
N ALA B 247 -36.70 11.61 -9.42
CA ALA B 247 -37.48 12.71 -8.84
C ALA B 247 -36.75 14.04 -8.96
N LEU B 248 -35.47 14.06 -8.57
CA LEU B 248 -34.67 15.28 -8.58
C LEU B 248 -34.44 15.75 -10.02
N GLN B 249 -34.19 14.80 -10.92
CA GLN B 249 -34.01 15.08 -12.37
C GLN B 249 -35.26 15.78 -12.95
N GLN B 250 -36.44 15.28 -12.58
CA GLN B 250 -37.71 15.83 -13.09
C GLN B 250 -38.02 17.25 -12.51
N ALA B 251 -37.73 17.43 -11.22
CA ALA B 251 -37.93 18.70 -10.56
C ALA B 251 -36.98 19.75 -11.12
N ILE B 252 -35.71 19.39 -11.29
CA ILE B 252 -34.72 20.31 -11.88
C ILE B 252 -35.18 20.74 -13.27
N ALA B 253 -35.58 19.74 -14.09
CA ALA B 253 -36.01 19.98 -15.47
C ALA B 253 -37.23 20.88 -15.50
N GLY B 254 -38.23 20.58 -14.65
CA GLY B 254 -39.41 21.44 -14.46
C GLY B 254 -39.10 22.91 -14.16
N GLN B 255 -38.15 23.14 -13.24
CA GLN B 255 -37.72 24.48 -12.85
C GLN B 255 -36.93 25.21 -13.92
N LEU B 256 -36.42 24.49 -14.90
CA LEU B 256 -35.74 25.16 -15.98
C LEU B 256 -36.58 25.14 -17.22
N ALA B 257 -37.82 24.68 -17.07
CA ALA B 257 -38.78 24.56 -18.19
C ALA B 257 -38.17 23.74 -19.30
N LEU B 258 -37.61 22.59 -18.92
CA LEU B 258 -37.15 21.60 -19.88
C LEU B 258 -37.82 20.25 -19.61
N THR B 259 -37.61 19.34 -20.54
CA THR B 259 -37.98 17.96 -20.33
C THR B 259 -36.68 17.15 -20.19
N ALA B 260 -36.77 16.07 -19.43
CA ALA B 260 -35.66 15.17 -19.21
C ALA B 260 -36.17 13.76 -19.42
N THR B 261 -35.79 13.18 -20.57
CA THR B 261 -36.26 11.85 -20.93
C THR B 261 -35.17 10.77 -20.81
N ALA B 262 -33.91 11.22 -20.65
CA ALA B 262 -32.80 10.29 -20.40
C ALA B 262 -33.05 9.33 -19.25
N ASP B 263 -32.64 8.10 -19.47
CA ASP B 263 -32.58 7.05 -18.45
C ASP B 263 -31.45 7.37 -17.44
N ILE B 264 -31.70 7.06 -16.16
CA ILE B 264 -30.65 7.16 -15.14
C ILE B 264 -29.94 5.84 -15.00
N HIS B 265 -28.62 5.84 -15.12
CA HIS B 265 -27.79 4.64 -14.91
C HIS B 265 -27.07 4.65 -13.57
N LEU B 266 -27.22 3.54 -12.82
CA LEU B 266 -26.65 3.36 -11.49
C LEU B 266 -26.00 2.00 -11.32
N TRP B 267 -24.78 1.99 -10.77
CA TRP B 267 -24.06 0.78 -10.43
C TRP B 267 -23.96 0.77 -8.92
N ASP B 268 -24.56 -0.24 -8.29
CA ASP B 268 -24.58 -0.36 -6.83
C ASP B 268 -23.63 -1.44 -6.23
N ASP B 269 -22.67 -1.90 -7.02
CA ASP B 269 -21.82 -3.03 -6.62
C ASP B 269 -20.64 -2.58 -5.75
N TYR B 270 -20.50 -1.27 -5.55
CA TYR B 270 -19.20 -0.76 -5.12
C TYR B 270 -19.14 -0.08 -3.75
N PHE B 271 -20.16 -0.26 -2.93
CA PHE B 271 -20.22 0.49 -1.66
C PHE B 271 -20.34 -0.38 -0.40
N ALA B 272 -20.53 -1.68 -0.60
CA ALA B 272 -20.59 -2.62 0.51
C ALA B 272 -19.35 -2.45 1.42
N PRO B 273 -19.53 -2.54 2.75
CA PRO B 273 -20.76 -2.97 3.38
C PRO B 273 -21.67 -1.82 3.85
N GLY B 274 -21.53 -0.63 3.30
CA GLY B 274 -22.40 0.46 3.73
C GLY B 274 -21.83 1.85 3.57
N TYR B 275 -22.70 2.85 3.70
CA TYR B 275 -22.29 4.24 3.61
C TYR B 275 -21.20 4.53 4.64
N GLY B 276 -20.11 5.17 4.22
CA GLY B 276 -19.11 5.60 5.21
C GLY B 276 -18.16 4.53 5.73
N VAL B 277 -18.22 3.34 5.14
CA VAL B 277 -17.32 2.27 5.49
C VAL B 277 -16.38 2.07 4.32
N PRO B 278 -15.08 2.13 4.58
CA PRO B 278 -14.13 1.84 3.49
C PRO B 278 -14.17 0.36 3.07
N ASN B 279 -13.97 0.08 1.78
CA ASN B 279 -13.75 -1.27 1.31
C ASN B 279 -12.41 -1.37 0.55
N ASP B 280 -11.93 -2.60 0.31
CA ASP B 280 -10.62 -2.80 -0.31
C ASP B 280 -10.48 -2.15 -1.72
N ALA B 281 -11.46 -2.39 -2.60
CA ALA B 281 -11.44 -1.84 -3.94
C ALA B 281 -11.36 -0.29 -3.92
N GLY B 282 -12.12 0.30 -2.97
CA GLY B 282 -12.12 1.75 -2.75
C GLY B 282 -10.77 2.29 -2.36
N MET B 283 -10.15 1.66 -1.35
CA MET B 283 -8.81 2.07 -0.92
C MET B 283 -7.78 1.77 -2.01
N GLU B 284 -7.97 0.67 -2.76
CA GLU B 284 -7.05 0.41 -3.89
C GLU B 284 -7.15 1.50 -4.99
N ALA B 285 -8.34 2.04 -5.17
CA ALA B 285 -8.57 3.15 -6.11
C ALA B 285 -7.87 4.45 -5.63
N VAL B 286 -8.02 4.75 -4.33
CA VAL B 286 -7.28 5.83 -3.65
C VAL B 286 -5.81 5.67 -3.92
N LYS B 287 -5.28 4.47 -3.67
CA LYS B 287 -3.85 4.20 -3.82
C LYS B 287 -3.39 4.34 -5.27
N LEU B 288 -4.20 3.82 -6.20
CA LEU B 288 -3.93 3.91 -7.64
C LEU B 288 -3.79 5.36 -8.17
N LEU B 289 -4.79 6.18 -7.86
CA LEU B 289 -4.79 7.58 -8.27
C LEU B 289 -3.69 8.39 -7.60
N ALA B 290 -3.40 8.08 -6.33
CA ALA B 290 -2.34 8.78 -5.65
C ALA B 290 -0.98 8.48 -6.31
N SER B 291 -0.65 7.20 -6.47
CA SER B 291 0.69 6.81 -6.92
C SER B 291 0.89 7.09 -8.41
N LEU B 292 -0.20 7.07 -9.18
CA LEU B 292 -0.08 7.31 -10.64
C LEU B 292 -0.19 8.78 -11.09
N GLU B 293 -1.02 9.57 -10.39
CA GLU B 293 -1.33 10.91 -10.85
C GLU B 293 -1.20 11.96 -9.75
N GLY B 294 -0.81 11.59 -8.53
CA GLY B 294 -0.77 12.57 -7.45
C GLY B 294 -2.13 13.21 -7.16
N VAL B 295 -3.19 12.49 -7.44
CA VAL B 295 -4.54 12.91 -7.16
C VAL B 295 -5.02 12.20 -5.89
N LEU B 296 -5.73 12.93 -5.04
CA LEU B 296 -6.21 12.38 -3.77
C LEU B 296 -7.71 12.21 -3.83
N LEU B 297 -8.16 10.95 -3.72
CA LEU B 297 -9.58 10.63 -3.63
C LEU B 297 -9.90 10.40 -2.17
N ASP B 298 -11.01 9.74 -1.87
CA ASP B 298 -11.33 9.54 -0.46
C ASP B 298 -12.01 8.21 -0.20
N PRO B 299 -12.08 7.78 1.07
CA PRO B 299 -12.58 6.41 1.29
C PRO B 299 -14.08 6.26 1.21
N VAL B 300 -14.82 7.37 1.28
CA VAL B 300 -16.27 7.28 1.39
C VAL B 300 -17.00 7.40 0.06
N TYR B 301 -16.53 8.36 -0.75
CA TYR B 301 -17.21 8.75 -1.95
C TYR B 301 -16.42 8.46 -3.21
N THR B 302 -15.38 9.26 -3.50
CA THR B 302 -14.65 9.14 -4.78
C THR B 302 -13.85 7.84 -4.94
N GLY B 303 -13.34 7.29 -3.83
CA GLY B 303 -12.63 6.00 -3.87
C GLY B 303 -13.53 4.91 -4.40
N LYS B 304 -14.75 4.82 -3.85
CA LYS B 304 -15.71 3.81 -4.32
C LYS B 304 -16.18 4.08 -5.78
N ALA B 305 -16.47 5.33 -6.08
CA ALA B 305 -16.80 5.73 -7.42
C ALA B 305 -15.72 5.34 -8.42
N MET B 306 -14.44 5.62 -8.12
CA MET B 306 -13.31 5.22 -8.98
C MET B 306 -13.16 3.69 -9.09
N ALA B 307 -13.31 2.99 -7.96
CA ALA B 307 -13.39 1.54 -8.03
C ALA B 307 -14.45 1.08 -9.03
N GLY B 308 -15.62 1.73 -9.05
CA GLY B 308 -16.67 1.36 -10.03
C GLY B 308 -16.27 1.61 -11.49
N LEU B 309 -15.72 2.79 -11.79
CA LEU B 309 -15.16 3.09 -13.11
C LEU B 309 -14.16 2.01 -13.51
N ILE B 310 -13.27 1.64 -12.60
CA ILE B 310 -12.26 0.62 -12.93
C ILE B 310 -12.92 -0.75 -13.26
N ASP B 311 -13.83 -1.18 -12.41
CA ASP B 311 -14.51 -2.45 -12.65
C ASP B 311 -15.40 -2.46 -13.90
N GLY B 312 -15.91 -1.27 -14.28
CA GLY B 312 -16.65 -1.13 -15.51
C GLY B 312 -15.77 -1.41 -16.72
N ILE B 313 -14.50 -1.04 -16.65
CA ILE B 313 -13.59 -1.29 -17.76
C ILE B 313 -13.27 -2.80 -17.74
N SER B 314 -12.88 -3.28 -16.57
CA SER B 314 -12.71 -4.69 -16.27
C SER B 314 -13.82 -5.63 -16.85
N GLN B 315 -15.07 -5.23 -16.64
CA GLN B 315 -16.24 -6.04 -17.03
C GLN B 315 -16.95 -5.57 -18.31
N LYS B 316 -16.34 -4.66 -19.05
CA LYS B 316 -16.95 -4.08 -20.27
C LYS B 316 -18.39 -3.61 -20.01
N ARG B 317 -18.58 -2.92 -18.88
CA ARG B 317 -19.90 -2.42 -18.46
C ARG B 317 -20.34 -1.16 -19.20
N PHE B 318 -19.38 -0.37 -19.69
CA PHE B 318 -19.69 0.88 -20.41
C PHE B 318 -20.26 0.55 -21.78
N ASN B 319 -20.96 1.52 -22.37
CA ASN B 319 -21.61 1.35 -23.67
C ASN B 319 -20.59 1.14 -24.80
N ASP B 320 -19.42 1.81 -24.73
CA ASP B 320 -18.29 1.54 -25.65
C ASP B 320 -16.91 1.77 -25.02
N ASP B 321 -15.87 1.66 -25.85
CA ASP B 321 -14.46 1.67 -25.47
C ASP B 321 -13.86 3.08 -25.41
N GLY B 322 -14.70 4.11 -25.48
CA GLY B 322 -14.20 5.48 -25.65
C GLY B 322 -13.93 6.21 -24.35
N PRO B 323 -13.44 7.46 -24.45
CA PRO B 323 -12.97 8.23 -23.30
C PRO B 323 -13.99 8.29 -22.16
N ILE B 324 -13.50 8.14 -20.94
CA ILE B 324 -14.31 8.35 -19.73
C ILE B 324 -13.90 9.63 -18.98
N LEU B 325 -14.90 10.36 -18.51
CA LEU B 325 -14.71 11.49 -17.59
C LEU B 325 -15.18 11.07 -16.20
N PHE B 326 -14.24 11.15 -15.27
CA PHE B 326 -14.52 10.99 -13.86
C PHE B 326 -14.70 12.36 -13.26
N ILE B 327 -15.82 12.54 -12.57
CA ILE B 327 -16.06 13.79 -11.80
C ILE B 327 -15.48 13.65 -10.41
N HIS B 328 -14.44 14.41 -10.09
CA HIS B 328 -13.95 14.39 -8.71
C HIS B 328 -14.73 15.34 -7.84
N THR B 329 -15.47 14.78 -6.89
CA THR B 329 -16.40 15.53 -6.09
C THR B 329 -15.82 15.97 -4.75
N GLY B 330 -14.60 15.53 -4.44
CA GLY B 330 -13.89 16.03 -3.26
C GLY B 330 -13.67 14.93 -2.25
N GLY B 331 -13.80 15.26 -0.97
CA GLY B 331 -13.74 14.27 0.08
C GLY B 331 -12.40 14.02 0.78
N ALA B 332 -11.29 14.45 0.18
CA ALA B 332 -9.95 14.07 0.70
C ALA B 332 -9.69 14.27 2.18
N PRO B 333 -10.29 15.32 2.79
CA PRO B 333 -9.98 15.48 4.23
C PRO B 333 -10.39 14.31 5.04
N ALA B 334 -11.31 13.51 4.56
CA ALA B 334 -11.71 12.33 5.36
C ALA B 334 -10.60 11.26 5.43
N LEU B 335 -9.61 11.32 4.54
CA LEU B 335 -8.44 10.41 4.60
C LEU B 335 -7.78 10.44 5.97
N PHE B 336 -7.77 11.62 6.56
CA PHE B 336 -7.12 11.83 7.82
C PHE B 336 -8.00 11.45 9.01
N ALA B 337 -9.30 11.31 8.76
CA ALA B 337 -10.22 10.87 9.81
C ALA B 337 -10.28 9.34 9.84
N TYR B 338 -10.09 8.75 8.67
CA TYR B 338 -10.22 7.33 8.50
C TYR B 338 -8.96 6.56 8.83
N HIS B 339 -7.84 7.28 8.96
CA HIS B 339 -6.57 6.70 9.38
C HIS B 339 -6.48 6.67 10.92
N PRO B 340 -5.98 5.56 11.49
CA PRO B 340 -5.50 4.37 10.76
C PRO B 340 -6.58 3.37 10.38
N HIS B 341 -7.64 3.32 11.17
CA HIS B 341 -8.77 2.46 10.88
C HIS B 341 -10.04 3.04 11.51
N VAL B 342 -11.16 2.65 10.92
N VAL B 342 -11.22 2.64 11.05
CA VAL B 342 -12.48 2.60 11.55
CA VAL B 342 -12.44 2.94 11.78
C VAL B 342 -12.92 3.96 12.04
C VAL B 342 -13.00 1.69 12.45
N LEU C 20 14.62 -34.30 -20.74
CA LEU C 20 13.85 -35.49 -20.47
C LEU C 20 14.76 -36.60 -20.80
N THR C 21 15.41 -36.45 -21.90
CA THR C 21 16.17 -37.54 -22.34
C THR C 21 16.84 -38.10 -21.11
N ARG C 22 16.96 -39.40 -21.10
CA ARG C 22 18.11 -40.15 -20.59
C ARG C 22 19.19 -39.47 -19.72
N PHE C 23 18.90 -38.35 -19.08
CA PHE C 23 19.82 -37.62 -18.25
C PHE C 23 19.51 -38.07 -16.90
N PRO C 24 20.55 -38.32 -16.13
CA PRO C 24 20.39 -38.63 -14.71
C PRO C 24 19.90 -37.40 -13.93
N ARG C 25 18.98 -37.63 -13.00
CA ARG C 25 18.41 -36.55 -12.19
C ARG C 25 18.07 -37.02 -10.77
N LEU C 26 18.18 -36.13 -9.80
CA LEU C 26 17.75 -36.46 -8.44
C LEU C 26 16.27 -36.12 -8.28
N GLU C 27 15.61 -36.68 -7.26
CA GLU C 27 14.21 -36.34 -6.91
C GLU C 27 14.18 -35.23 -5.83
N PHE C 28 13.95 -34.00 -6.23
CA PHE C 28 13.89 -32.93 -5.28
C PHE C 28 12.45 -32.41 -5.13
N ILE C 29 11.61 -32.75 -6.11
CA ILE C 29 10.29 -32.14 -6.22
C ILE C 29 9.16 -33.15 -6.03
N GLY C 30 9.22 -34.27 -6.76
CA GLY C 30 8.20 -35.30 -6.62
C GLY C 30 7.00 -35.03 -7.50
N ALA C 31 5.85 -34.82 -6.88
CA ALA C 31 4.63 -34.55 -7.64
C ALA C 31 4.76 -33.25 -8.45
N PRO C 32 4.02 -33.16 -9.60
CA PRO C 32 3.91 -31.89 -10.35
C PRO C 32 3.42 -30.74 -9.45
N THR C 33 4.01 -29.55 -9.61
CA THR C 33 3.59 -28.39 -8.83
C THR C 33 2.23 -27.95 -9.35
N PRO C 34 1.43 -27.34 -8.48
CA PRO C 34 0.08 -26.95 -8.90
C PRO C 34 0.03 -25.97 -10.09
N LEU C 35 -1.05 -26.07 -10.86
CA LEU C 35 -1.37 -25.10 -11.87
C LEU C 35 -2.77 -24.64 -11.53
N GLU C 36 -2.90 -23.37 -11.16
CA GLU C 36 -4.14 -22.88 -10.57
C GLU C 36 -4.73 -21.75 -11.40
N TYR C 37 -6.06 -21.68 -11.40
CA TYR C 37 -6.76 -20.55 -11.96
C TYR C 37 -6.81 -19.49 -10.89
N LEU C 38 -6.75 -18.22 -11.31
CA LEU C 38 -6.71 -17.08 -10.40
C LEU C 38 -7.99 -16.26 -10.65
N PRO C 39 -9.11 -16.67 -10.04
CA PRO C 39 -10.38 -16.15 -10.43
C PRO C 39 -10.54 -14.68 -10.07
N ARG C 40 -9.92 -14.24 -8.96
CA ARG C 40 -10.06 -12.82 -8.55
C ARG C 40 -9.20 -11.88 -9.37
N LEU C 41 -7.95 -12.26 -9.61
CA LEU C 41 -7.08 -11.52 -10.51
C LEU C 41 -7.67 -11.51 -11.95
N SER C 42 -8.23 -12.65 -12.38
CA SER C 42 -8.82 -12.72 -13.73
C SER C 42 -9.96 -11.73 -13.87
N ASP C 43 -10.80 -11.73 -12.85
CA ASP C 43 -11.90 -10.82 -12.78
C ASP C 43 -11.46 -9.33 -12.87
N TYR C 44 -10.30 -9.00 -12.28
CA TYR C 44 -9.89 -7.62 -12.23
C TYR C 44 -9.19 -7.21 -13.53
N LEU C 45 -8.45 -8.14 -14.13
CA LEU C 45 -7.76 -7.85 -15.37
C LEU C 45 -8.67 -8.06 -16.61
N GLY C 46 -9.83 -8.69 -16.42
CA GLY C 46 -10.76 -9.01 -17.51
C GLY C 46 -10.26 -10.03 -18.52
N ARG C 47 -9.61 -11.07 -18.01
CA ARG C 47 -8.81 -11.97 -18.82
C ARG C 47 -8.54 -13.22 -17.98
N GLU C 48 -8.64 -14.40 -18.58
CA GLU C 48 -8.37 -15.62 -17.82
C GLU C 48 -6.90 -15.74 -17.47
N ILE C 49 -6.58 -15.81 -16.17
CA ILE C 49 -5.19 -16.01 -15.75
C ILE C 49 -4.98 -17.27 -14.90
N TYR C 50 -3.97 -18.06 -15.27
CA TYR C 50 -3.50 -19.21 -14.54
C TYR C 50 -2.10 -18.97 -13.99
N ILE C 51 -1.70 -19.73 -12.96
CA ILE C 51 -0.35 -19.66 -12.43
C ILE C 51 0.20 -21.06 -12.26
N LYS C 52 1.45 -21.25 -12.69
CA LYS C 52 2.22 -22.44 -12.44
C LYS C 52 3.07 -22.18 -11.19
N ARG C 53 2.79 -22.93 -10.12
CA ARG C 53 3.34 -22.60 -8.80
CA ARG C 53 3.34 -22.60 -8.80
C ARG C 53 4.66 -23.26 -8.53
N ASP C 54 5.69 -22.88 -9.26
CA ASP C 54 7.02 -23.41 -8.97
C ASP C 54 7.64 -22.73 -7.76
N ASP C 55 6.86 -21.83 -7.12
CA ASP C 55 7.29 -21.24 -5.87
C ASP C 55 7.08 -22.24 -4.74
N VAL C 56 6.35 -23.30 -5.01
CA VAL C 56 5.95 -24.27 -4.00
C VAL C 56 6.77 -25.57 -4.00
N THR C 57 7.85 -25.64 -4.77
CA THR C 57 8.77 -26.79 -4.67
C THR C 57 9.18 -26.96 -3.19
N PRO C 58 9.40 -28.20 -2.74
CA PRO C 58 9.45 -28.37 -1.26
C PRO C 58 10.76 -28.04 -0.49
N ILE C 59 11.85 -27.69 -1.19
CA ILE C 59 13.08 -27.43 -0.44
C ILE C 59 13.28 -25.96 -0.11
N ALA C 60 13.59 -25.70 1.15
CA ALA C 60 14.00 -24.38 1.69
C ALA C 60 13.37 -23.18 1.00
N MET C 61 12.05 -23.17 1.04
CA MET C 61 11.27 -22.04 0.54
C MET C 61 11.11 -21.95 -0.95
N GLY C 62 11.58 -22.96 -1.68
CA GLY C 62 11.04 -23.22 -3.02
C GLY C 62 11.67 -22.42 -4.15
N GLY C 63 11.18 -22.61 -5.38
CA GLY C 63 11.74 -21.88 -6.52
C GLY C 63 12.06 -22.70 -7.76
N ASN C 64 12.37 -21.99 -8.83
CA ASN C 64 12.62 -22.58 -10.14
C ASN C 64 13.94 -23.34 -10.18
N LYS C 65 14.90 -22.94 -9.35
CA LYS C 65 16.21 -23.51 -9.40
C LYS C 65 16.24 -24.97 -8.96
N LEU C 66 15.31 -25.39 -8.12
CA LEU C 66 15.28 -26.79 -7.72
C LEU C 66 15.20 -27.69 -8.96
N ARG C 67 14.36 -27.34 -9.95
CA ARG C 67 14.27 -28.10 -11.22
C ARG C 67 15.60 -28.27 -11.93
N LYS C 68 16.39 -27.20 -12.02
CA LYS C 68 17.72 -27.26 -12.64
C LYS C 68 18.67 -28.07 -11.78
N LEU C 69 18.52 -27.91 -10.46
CA LEU C 69 19.46 -28.55 -9.52
C LEU C 69 19.37 -30.08 -9.58
N GLU C 70 18.18 -30.59 -9.90
CA GLU C 70 17.97 -32.03 -10.05
C GLU C 70 18.97 -32.60 -11.07
N PHE C 71 19.19 -31.87 -12.17
CA PHE C 71 20.08 -32.34 -13.21
C PHE C 71 21.50 -32.03 -12.86
N LEU C 72 21.79 -30.81 -12.47
CA LEU C 72 23.13 -30.39 -12.18
C LEU C 72 23.77 -31.12 -11.00
N VAL C 73 22.99 -31.35 -9.96
CA VAL C 73 23.55 -32.01 -8.77
C VAL C 73 23.73 -33.51 -9.01
N ALA C 74 22.79 -34.12 -9.75
CA ALA C 74 22.96 -35.50 -10.26
C ALA C 74 24.35 -35.65 -10.92
N ASP C 75 24.65 -34.71 -11.83
CA ASP C 75 25.88 -34.70 -12.56
C ASP C 75 27.03 -34.55 -11.58
N ALA C 76 26.94 -33.63 -10.63
CA ALA C 76 28.03 -33.43 -9.67
C ALA C 76 28.41 -34.75 -8.94
N LEU C 77 27.39 -35.52 -8.54
CA LEU C 77 27.57 -36.76 -7.84
C LEU C 77 28.12 -37.91 -8.70
N ARG C 78 27.58 -38.07 -9.90
CA ARG C 78 28.11 -38.94 -10.90
C ARG C 78 29.60 -38.62 -11.12
N GLU C 79 30.02 -37.45 -10.73
CA GLU C 79 31.39 -37.02 -10.89
C GLU C 79 32.22 -37.17 -9.63
N GLY C 80 31.58 -37.55 -8.56
CA GLY C 80 32.17 -37.72 -7.22
C GLY C 80 32.59 -36.44 -6.51
N ALA C 81 31.96 -35.31 -6.87
CA ALA C 81 32.21 -34.01 -6.24
C ALA C 81 31.72 -34.07 -4.82
N ASP C 82 32.33 -33.26 -3.96
CA ASP C 82 31.89 -33.16 -2.57
C ASP C 82 31.58 -31.70 -2.17
N THR C 83 31.60 -30.79 -3.15
CA THR C 83 31.44 -29.36 -2.91
C THR C 83 30.72 -28.78 -4.10
N LEU C 84 29.66 -28.00 -3.84
CA LEU C 84 29.03 -27.18 -4.87
C LEU C 84 29.49 -25.72 -4.75
N ILE C 85 29.80 -25.12 -5.91
CA ILE C 85 30.31 -23.76 -5.96
C ILE C 85 29.42 -23.02 -6.92
N THR C 86 28.93 -21.85 -6.48
CA THR C 86 28.09 -20.98 -7.37
C THR C 86 28.17 -19.48 -7.01
N ALA C 87 27.44 -18.66 -7.75
CA ALA C 87 27.56 -17.22 -7.51
C ALA C 87 26.24 -16.58 -7.71
N GLY C 88 26.10 -15.41 -7.11
CA GLY C 88 24.95 -14.52 -7.37
C GLY C 88 25.02 -13.32 -6.48
N ALA C 89 23.92 -12.56 -6.43
CA ALA C 89 23.83 -11.40 -5.55
C ALA C 89 23.70 -11.88 -4.10
N ILE C 90 24.02 -11.00 -3.15
CA ILE C 90 23.78 -11.31 -1.75
C ILE C 90 22.40 -11.95 -1.54
N GLN C 91 21.39 -11.48 -2.25
CA GLN C 91 20.00 -11.93 -2.03
C GLN C 91 19.50 -12.86 -3.09
N SER C 92 20.41 -13.51 -3.82
CA SER C 92 20.05 -14.50 -4.82
C SER C 92 19.21 -15.69 -4.27
N ASN C 93 18.13 -16.03 -4.98
CA ASN C 93 17.39 -17.28 -4.69
C ASN C 93 18.17 -18.55 -5.07
N HIS C 94 18.86 -18.46 -6.21
CA HIS C 94 19.64 -19.55 -6.78
C HIS C 94 20.69 -20.04 -5.80
N VAL C 95 21.44 -19.11 -5.21
CA VAL C 95 22.46 -19.41 -4.19
C VAL C 95 21.84 -20.07 -2.97
N ARG C 96 20.67 -19.59 -2.57
CA ARG C 96 19.98 -20.12 -1.40
C ARG C 96 19.52 -21.55 -1.66
N GLN C 97 18.98 -21.82 -2.86
CA GLN C 97 18.51 -23.13 -3.23
C GLN C 97 19.67 -24.15 -3.41
N THR C 98 20.73 -23.73 -4.08
CA THR C 98 21.99 -24.49 -4.12
C THR C 98 22.55 -24.78 -2.70
N ALA C 99 22.53 -23.80 -1.83
CA ALA C 99 23.05 -24.00 -0.48
C ALA C 99 22.21 -25.01 0.28
N ALA C 100 20.90 -25.09 -0.06
CA ALA C 100 19.96 -25.92 0.71
C ALA C 100 20.15 -27.35 0.26
N VAL C 101 20.32 -27.51 -1.04
CA VAL C 101 20.54 -28.81 -1.62
C VAL C 101 21.91 -29.35 -1.15
N ALA C 102 22.93 -28.50 -1.15
CA ALA C 102 24.24 -28.95 -0.65
C ALA C 102 24.11 -29.49 0.75
N ALA C 103 23.43 -28.72 1.61
CA ALA C 103 23.24 -29.09 3.00
C ALA C 103 22.53 -30.45 3.15
N LYS C 104 21.48 -30.65 2.37
CA LYS C 104 20.64 -31.83 2.44
C LYS C 104 21.38 -33.07 1.95
N LEU C 105 22.29 -32.90 1.00
CA LEU C 105 23.10 -34.05 0.55
C LEU C 105 24.45 -34.23 1.23
N GLY C 106 24.80 -33.37 2.17
CA GLY C 106 26.07 -33.50 2.86
C GLY C 106 27.24 -32.97 2.03
N LEU C 107 26.96 -32.09 1.08
CA LEU C 107 28.02 -31.49 0.27
C LEU C 107 28.37 -30.18 0.92
N HIS C 108 29.65 -29.80 0.88
CA HIS C 108 30.05 -28.42 1.19
CA HIS C 108 30.05 -28.41 1.21
C HIS C 108 29.54 -27.47 0.11
N CYS C 109 29.34 -26.20 0.48
CA CYS C 109 28.89 -25.21 -0.48
C CYS C 109 29.64 -23.89 -0.34
N VAL C 110 30.11 -23.34 -1.46
CA VAL C 110 30.84 -22.06 -1.49
C VAL C 110 30.13 -21.14 -2.46
N ALA C 111 29.81 -19.96 -1.96
CA ALA C 111 29.02 -18.99 -2.70
C ALA C 111 29.85 -17.72 -2.89
N LEU C 112 30.06 -17.39 -4.14
CA LEU C 112 30.70 -16.11 -4.47
C LEU C 112 29.60 -15.05 -4.59
N LEU C 113 29.56 -14.09 -3.67
CA LEU C 113 28.49 -13.07 -3.66
C LEU C 113 28.97 -11.64 -3.99
N GLU C 114 28.04 -10.87 -4.58
CA GLU C 114 28.26 -9.44 -4.85
C GLU C 114 27.05 -8.61 -4.44
N ASN C 115 27.30 -7.35 -4.07
CA ASN C 115 26.27 -6.37 -3.81
C ASN C 115 26.05 -5.59 -5.11
N PRO C 116 25.06 -6.02 -5.92
CA PRO C 116 24.88 -5.38 -7.22
C PRO C 116 24.25 -3.98 -7.19
N ILE C 117 23.76 -3.51 -6.04
CA ILE C 117 22.97 -2.27 -5.98
C ILE C 117 23.59 -1.19 -5.06
N GLY C 118 24.71 -1.52 -4.46
CA GLY C 118 25.48 -0.58 -3.65
C GLY C 118 24.84 -0.25 -2.32
N THR C 119 23.87 -1.06 -1.86
CA THR C 119 23.12 -0.67 -0.66
C THR C 119 23.91 -0.94 0.60
N THR C 120 23.58 -0.25 1.68
CA THR C 120 24.15 -0.58 2.99
C THR C 120 23.06 -0.94 3.97
N ALA C 121 21.83 -1.09 3.50
CA ALA C 121 20.69 -1.49 4.34
C ALA C 121 20.98 -2.79 5.06
N GLU C 122 20.75 -2.82 6.38
CA GLU C 122 20.99 -4.04 7.17
C GLU C 122 20.25 -5.29 6.63
N ASN C 123 18.99 -5.12 6.18
CA ASN C 123 18.20 -6.29 5.83
C ASN C 123 18.61 -6.85 4.50
N TYR C 124 18.96 -5.96 3.58
CA TYR C 124 19.53 -6.47 2.35
C TYR C 124 20.84 -7.22 2.60
N LEU C 125 21.68 -6.69 3.50
CA LEU C 125 22.94 -7.35 3.76
C LEU C 125 22.90 -8.61 4.62
N THR C 126 21.92 -8.78 5.51
CA THR C 126 21.97 -9.87 6.50
C THR C 126 20.71 -10.77 6.60
N ASN C 127 19.59 -10.30 6.05
CA ASN C 127 18.29 -10.95 6.25
C ASN C 127 17.90 -11.67 4.98
N GLY C 128 16.69 -12.22 4.94
CA GLY C 128 16.24 -12.87 3.71
C GLY C 128 17.13 -14.04 3.34
N ASN C 129 17.42 -14.17 2.04
CA ASN C 129 18.19 -15.29 1.52
C ASN C 129 19.57 -15.42 2.18
N ARG C 130 20.15 -14.27 2.53
CA ARG C 130 21.50 -14.24 3.08
C ARG C 130 21.55 -14.85 4.46
N LEU C 131 20.49 -14.68 5.24
CA LEU C 131 20.36 -15.31 6.55
C LEU C 131 20.27 -16.83 6.38
N LEU C 132 19.56 -17.27 5.35
CA LEU C 132 19.41 -18.68 5.14
C LEU C 132 20.76 -19.35 4.79
N LEU C 133 21.60 -18.68 4.00
CA LEU C 133 22.92 -19.20 3.68
C LEU C 133 23.70 -19.52 4.95
N ASP C 134 23.53 -18.67 5.91
CA ASP C 134 24.19 -18.75 7.14
C ASP C 134 23.81 -19.97 7.95
N LEU C 135 22.52 -20.19 8.04
CA LEU C 135 21.92 -21.37 8.59
C LEU C 135 22.26 -22.64 7.81
N PHE C 136 22.44 -22.54 6.53
CA PHE C 136 22.82 -23.67 5.74
C PHE C 136 24.30 -23.88 5.77
N ASN C 137 25.01 -23.13 6.56
CA ASN C 137 26.43 -23.24 6.70
C ASN C 137 27.29 -23.08 5.44
N THR C 138 26.88 -22.21 4.56
CA THR C 138 27.54 -21.84 3.33
C THR C 138 28.82 -21.06 3.64
N GLN C 139 29.91 -21.48 3.02
CA GLN C 139 31.13 -20.67 3.02
C GLN C 139 30.93 -19.53 2.02
N ILE C 140 31.10 -18.31 2.50
CA ILE C 140 30.79 -17.10 1.73
C ILE C 140 32.06 -16.41 1.23
N GLU C 141 32.06 -16.06 -0.04
CA GLU C 141 33.15 -15.34 -0.69
C GLU C 141 32.65 -14.00 -1.23
N MET C 142 32.91 -12.91 -0.53
CA MET C 142 32.52 -11.58 -1.04
C MET C 142 33.44 -11.09 -2.15
N CYS C 143 32.85 -10.52 -3.17
CA CYS C 143 33.55 -10.18 -4.36
C CYS C 143 33.06 -8.80 -4.69
N ASP C 144 33.96 -7.91 -5.10
CA ASP C 144 33.61 -6.52 -5.37
C ASP C 144 32.76 -6.34 -6.61
N ALA C 145 32.69 -7.29 -7.50
CA ALA C 145 31.74 -7.19 -8.59
C ALA C 145 31.91 -8.33 -9.56
N LEU C 146 30.85 -9.05 -9.80
CA LEU C 146 30.94 -10.26 -10.64
C LEU C 146 30.98 -9.83 -12.10
N THR C 147 32.13 -9.32 -12.52
CA THR C 147 32.33 -8.84 -13.90
C THR C 147 32.44 -9.99 -14.90
N ASP C 148 33.08 -11.08 -14.49
CA ASP C 148 33.18 -12.29 -15.31
C ASP C 148 32.86 -13.53 -14.43
N PRO C 149 31.56 -13.87 -14.32
CA PRO C 149 31.19 -14.90 -13.36
C PRO C 149 31.74 -16.31 -13.65
N ASP C 150 31.69 -16.75 -14.90
CA ASP C 150 32.20 -18.08 -15.25
C ASP C 150 33.69 -18.24 -14.93
N ALA C 151 34.49 -17.25 -15.31
CA ALA C 151 35.92 -17.20 -14.99
C ALA C 151 36.13 -17.10 -13.49
N GLN C 152 35.39 -16.19 -12.85
CA GLN C 152 35.57 -15.97 -11.41
C GLN C 152 35.27 -17.26 -10.62
N LEU C 153 34.29 -18.02 -11.10
CA LEU C 153 33.91 -19.28 -10.46
C LEU C 153 35.02 -20.31 -10.58
N GLN C 154 35.64 -20.34 -11.76
CA GLN C 154 36.78 -21.22 -12.05
C GLN C 154 37.99 -20.96 -11.19
N THR C 155 38.27 -19.72 -10.96
CA THR C 155 39.41 -19.44 -10.20
C THR C 155 39.16 -20.08 -8.91
N LEU C 156 38.01 -19.80 -8.33
CA LEU C 156 37.78 -20.10 -6.96
C LEU C 156 37.58 -21.58 -6.74
N ALA C 157 37.15 -22.25 -7.78
CA ALA C 157 37.15 -23.72 -7.82
C ALA C 157 38.55 -24.28 -7.60
N THR C 158 39.52 -23.67 -8.30
CA THR C 158 40.93 -24.07 -8.22
C THR C 158 41.50 -23.92 -6.80
N ARG C 159 41.33 -22.77 -6.15
CA ARG C 159 41.80 -22.67 -4.74
C ARG C 159 41.07 -23.58 -3.74
N ILE C 160 39.78 -23.84 -4.01
CA ILE C 160 38.98 -24.79 -3.24
C ILE C 160 39.55 -26.21 -3.42
N GLU C 161 39.86 -26.57 -4.67
CA GLU C 161 40.50 -27.84 -4.99
C GLU C 161 41.88 -27.97 -4.35
N ALA C 162 42.66 -26.89 -4.35
CA ALA C 162 43.93 -26.89 -3.65
C ALA C 162 43.78 -27.24 -2.17
N GLN C 163 42.66 -26.89 -1.55
CA GLN C 163 42.45 -27.25 -0.13
C GLN C 163 42.06 -28.73 0.04
N GLY C 164 41.96 -29.45 -1.09
CA GLY C 164 41.63 -30.88 -1.10
C GLY C 164 40.16 -31.27 -1.34
N PHE C 165 39.33 -30.30 -1.67
CA PHE C 165 37.95 -30.58 -1.94
C PHE C 165 37.85 -31.00 -3.38
N ARG C 166 36.70 -31.57 -3.74
CA ARG C 166 36.38 -31.88 -5.13
C ARG C 166 35.15 -31.06 -5.56
N PRO C 167 35.38 -29.83 -6.09
CA PRO C 167 34.31 -28.88 -6.40
C PRO C 167 33.59 -29.16 -7.72
N TYR C 168 32.35 -28.72 -7.79
CA TYR C 168 31.60 -28.75 -9.00
C TYR C 168 30.95 -27.35 -9.20
N VAL C 169 31.26 -26.70 -10.33
CA VAL C 169 30.84 -25.33 -10.58
C VAL C 169 29.44 -25.40 -11.11
N ILE C 170 28.52 -24.73 -10.41
CA ILE C 170 27.19 -24.47 -10.99
C ILE C 170 27.19 -23.03 -11.46
N PRO C 171 26.96 -22.81 -12.76
CA PRO C 171 27.01 -21.43 -13.29
C PRO C 171 25.84 -20.60 -12.79
N VAL C 172 25.98 -19.27 -12.91
CA VAL C 172 24.96 -18.31 -12.50
C VAL C 172 23.57 -18.75 -12.91
N GLY C 173 22.70 -18.84 -11.90
CA GLY C 173 21.29 -19.22 -12.10
C GLY C 173 21.08 -20.67 -12.52
N GLY C 174 22.16 -21.46 -12.50
CA GLY C 174 22.12 -22.85 -12.98
C GLY C 174 21.80 -22.96 -14.47
N SER C 175 21.94 -21.85 -15.20
CA SER C 175 21.51 -21.78 -16.57
C SER C 175 22.57 -22.24 -17.57
N SER C 176 22.88 -23.55 -17.51
CA SER C 176 23.58 -24.26 -18.61
C SER C 176 22.55 -25.14 -19.31
N ALA C 177 22.90 -25.69 -20.48
CA ALA C 177 21.89 -26.50 -21.20
C ALA C 177 21.39 -27.64 -20.31
N LEU C 178 22.30 -28.28 -19.55
CA LEU C 178 21.92 -29.36 -18.62
C LEU C 178 20.93 -28.83 -17.59
N GLY C 179 21.33 -27.76 -16.91
CA GLY C 179 20.45 -27.09 -15.94
C GLY C 179 19.06 -26.82 -16.49
N ALA C 180 19.03 -26.30 -17.71
CA ALA C 180 17.77 -25.91 -18.32
C ALA C 180 16.85 -27.10 -18.67
N MET C 181 17.37 -28.31 -18.51
CA MET C 181 16.56 -29.48 -18.80
C MET C 181 15.38 -29.58 -17.84
N GLY C 182 15.59 -29.11 -16.61
CA GLY C 182 14.53 -29.00 -15.62
C GLY C 182 13.31 -28.24 -16.12
N TYR C 183 13.55 -27.20 -16.93
CA TYR C 183 12.40 -26.47 -17.44
C TYR C 183 11.81 -27.01 -18.70
N VAL C 184 12.58 -27.83 -19.41
CA VAL C 184 11.99 -28.63 -20.48
C VAL C 184 11.00 -29.55 -19.83
N GLU C 185 11.38 -30.20 -18.72
CA GLU C 185 10.49 -31.09 -17.96
C GLU C 185 9.25 -30.35 -17.53
N SER C 186 9.45 -29.14 -17.04
CA SER C 186 8.35 -28.31 -16.55
C SER C 186 7.27 -28.15 -17.63
N ALA C 187 7.71 -28.04 -18.88
CA ALA C 187 6.80 -27.87 -20.02
C ALA C 187 5.88 -29.06 -20.19
N LEU C 188 6.47 -30.25 -20.03
CA LEU C 188 5.69 -31.48 -20.00
C LEU C 188 4.61 -31.51 -18.90
N GLU C 189 4.97 -31.18 -17.65
CA GLU C 189 3.96 -30.97 -16.59
C GLU C 189 2.87 -30.01 -17.05
N ILE C 190 3.29 -28.83 -17.53
CA ILE C 190 2.33 -27.83 -17.93
C ILE C 190 1.41 -28.42 -19.01
N ALA C 191 1.99 -28.98 -20.08
CA ALA C 191 1.19 -29.52 -21.18
C ALA C 191 0.11 -30.46 -20.66
N GLN C 192 0.52 -31.39 -19.81
CA GLN C 192 -0.42 -32.35 -19.28
C GLN C 192 -1.44 -31.71 -18.37
N GLN C 193 -1.04 -30.70 -17.62
CA GLN C 193 -1.97 -30.04 -16.73
C GLN C 193 -3.01 -29.22 -17.50
N CYS C 194 -2.66 -28.74 -18.67
CA CYS C 194 -3.59 -27.98 -19.45
C CYS C 194 -4.50 -28.78 -20.36
N GLU C 195 -4.09 -29.96 -20.80
CA GLU C 195 -4.95 -30.81 -21.59
C GLU C 195 -6.49 -30.77 -21.35
N GLU C 196 -7.05 -30.19 -20.34
CA GLU C 196 -8.51 -30.15 -20.44
C GLU C 196 -9.00 -29.01 -19.67
N VAL C 197 -8.03 -28.16 -19.38
CA VAL C 197 -8.28 -26.98 -18.66
C VAL C 197 -8.68 -25.93 -19.63
N VAL C 198 -7.79 -25.53 -20.49
CA VAL C 198 -8.04 -24.35 -21.25
C VAL C 198 -7.13 -24.11 -22.43
N GLY C 199 -7.66 -23.38 -23.40
CA GLY C 199 -6.97 -23.09 -24.61
C GLY C 199 -6.05 -21.94 -24.45
N LEU C 200 -4.93 -22.24 -23.85
CA LEU C 200 -3.90 -21.23 -23.52
C LEU C 200 -3.41 -20.44 -24.76
N SER C 201 -3.28 -19.12 -24.64
CA SER C 201 -2.67 -18.32 -25.70
CA SER C 201 -2.70 -18.30 -25.70
C SER C 201 -1.25 -17.93 -25.40
N SER C 202 -1.00 -17.56 -24.15
CA SER C 202 0.30 -17.03 -23.76
C SER C 202 0.82 -17.59 -22.45
N VAL C 203 2.14 -17.49 -22.30
CA VAL C 203 2.79 -17.87 -21.08
C VAL C 203 3.74 -16.74 -20.74
N VAL C 204 3.76 -16.32 -19.48
CA VAL C 204 4.70 -15.30 -19.08
C VAL C 204 5.71 -15.79 -18.04
N VAL C 205 6.98 -15.56 -18.29
CA VAL C 205 7.99 -15.91 -17.30
C VAL C 205 9.06 -14.85 -17.19
N ALA C 206 9.56 -14.65 -15.98
CA ALA C 206 10.73 -13.79 -15.80
C ALA C 206 11.90 -14.33 -16.62
N SER C 207 12.68 -13.44 -17.22
CA SER C 207 13.84 -13.87 -18.02
C SER C 207 15.14 -13.25 -17.53
N GLY C 208 15.97 -14.03 -16.85
CA GLY C 208 17.11 -13.50 -16.12
C GLY C 208 18.40 -14.07 -16.65
N SER C 209 18.92 -15.08 -15.97
CA SER C 209 20.06 -15.83 -16.51
C SER C 209 19.67 -16.71 -17.69
N ALA C 210 18.36 -16.94 -17.87
CA ALA C 210 17.78 -17.50 -19.13
C ALA C 210 17.41 -18.97 -19.20
N GLY C 211 17.93 -19.77 -18.27
CA GLY C 211 17.64 -21.20 -18.22
C GLY C 211 16.16 -21.48 -18.31
N THR C 212 15.36 -20.74 -17.53
CA THR C 212 13.95 -21.03 -17.39
C THR C 212 13.27 -20.73 -18.70
N HIS C 213 13.58 -19.56 -19.24
CA HIS C 213 12.99 -19.09 -20.49
C HIS C 213 13.33 -20.04 -21.66
N ALA C 214 14.63 -20.29 -21.86
CA ALA C 214 15.09 -21.21 -22.90
C ALA C 214 14.55 -22.61 -22.76
N GLY C 215 14.53 -23.14 -21.53
CA GLY C 215 13.99 -24.49 -21.34
C GLY C 215 12.53 -24.59 -21.69
N LEU C 216 11.77 -23.54 -21.35
CA LEU C 216 10.36 -23.55 -21.60
C LEU C 216 10.15 -23.38 -23.09
N ALA C 217 10.99 -22.54 -23.70
CA ALA C 217 10.95 -22.35 -25.15
C ALA C 217 11.02 -23.68 -25.88
N VAL C 218 12.07 -24.47 -25.61
CA VAL C 218 12.22 -25.81 -26.27
C VAL C 218 11.00 -26.70 -25.96
N GLY C 219 10.74 -26.87 -24.68
CA GLY C 219 9.58 -27.66 -24.27
C GLY C 219 8.32 -27.27 -24.96
N LEU C 220 7.94 -25.99 -24.88
CA LEU C 220 6.65 -25.51 -25.41
C LEU C 220 6.53 -25.54 -26.95
N GLU C 221 7.61 -25.20 -27.64
CA GLU C 221 7.68 -25.35 -29.10
C GLU C 221 7.26 -26.76 -29.52
N HIS C 222 7.77 -27.76 -28.79
CA HIS C 222 7.39 -29.14 -29.11
C HIS C 222 6.09 -29.68 -28.58
N LEU C 223 5.55 -29.06 -27.52
CA LEU C 223 4.38 -29.61 -26.86
C LEU C 223 3.12 -28.79 -27.02
N MET C 224 3.27 -27.47 -27.18
CA MET C 224 2.14 -26.53 -27.33
C MET C 224 2.58 -25.45 -28.29
N PRO C 225 2.83 -25.82 -29.57
CA PRO C 225 3.52 -24.90 -30.49
C PRO C 225 2.73 -23.63 -30.86
N ASP C 226 1.43 -23.59 -30.53
CA ASP C 226 0.55 -22.43 -30.75
C ASP C 226 0.57 -21.35 -29.63
N VAL C 227 1.22 -21.67 -28.53
CA VAL C 227 1.23 -20.80 -27.36
C VAL C 227 2.39 -19.82 -27.47
N GLU C 228 2.10 -18.55 -27.23
CA GLU C 228 3.11 -17.52 -27.26
C GLU C 228 3.87 -17.47 -25.91
N LEU C 229 5.19 -17.58 -25.95
CA LEU C 229 5.99 -17.50 -24.75
C LEU C 229 6.70 -16.15 -24.64
N ILE C 230 6.43 -15.41 -23.57
CA ILE C 230 6.95 -14.07 -23.36
C ILE C 230 7.83 -14.00 -22.14
N GLY C 231 9.07 -13.63 -22.29
CA GLY C 231 9.98 -13.47 -21.18
C GLY C 231 10.08 -11.99 -20.91
N VAL C 232 9.87 -11.61 -19.65
CA VAL C 232 10.02 -10.24 -19.21
C VAL C 232 11.38 -10.16 -18.59
N THR C 233 12.25 -9.33 -19.12
CA THR C 233 13.62 -9.30 -18.65
C THR C 233 13.64 -8.66 -17.30
N VAL C 234 14.64 -8.99 -16.52
CA VAL C 234 14.71 -8.53 -15.14
C VAL C 234 16.08 -7.96 -14.93
N SER C 235 16.95 -8.07 -15.94
CA SER C 235 18.28 -7.51 -15.81
C SER C 235 18.85 -6.76 -17.01
N ARG C 236 18.24 -6.91 -18.17
CA ARG C 236 18.87 -6.55 -19.45
C ARG C 236 17.88 -6.08 -20.52
N SER C 237 18.36 -5.28 -21.46
CA SER C 237 17.59 -4.91 -22.66
C SER C 237 17.34 -6.14 -23.53
N VAL C 238 16.33 -6.05 -24.41
CA VAL C 238 16.07 -7.09 -25.41
C VAL C 238 17.36 -7.46 -26.19
N ALA C 239 18.05 -6.43 -26.71
CA ALA C 239 19.28 -6.60 -27.46
C ALA C 239 20.37 -7.39 -26.72
N GLU C 240 20.54 -7.13 -25.42
CA GLU C 240 21.50 -7.90 -24.61
C GLU C 240 21.00 -9.30 -24.28
N GLN C 241 19.68 -9.46 -24.04
CA GLN C 241 19.15 -10.74 -23.50
C GLN C 241 18.89 -11.78 -24.57
N LYS C 242 18.27 -11.36 -25.69
CA LYS C 242 17.94 -12.29 -26.78
C LYS C 242 19.04 -13.31 -27.17
N PRO C 243 20.28 -12.83 -27.48
CA PRO C 243 21.30 -13.80 -27.89
C PRO C 243 21.54 -14.88 -26.83
N LYS C 244 21.38 -14.50 -25.54
CA LYS C 244 21.63 -15.44 -24.43
C LYS C 244 20.56 -16.48 -24.39
N VAL C 245 19.31 -16.06 -24.55
CA VAL C 245 18.20 -17.04 -24.57
C VAL C 245 18.31 -17.94 -25.79
N ILE C 246 18.58 -17.34 -26.95
CA ILE C 246 18.72 -18.10 -28.20
C ILE C 246 19.82 -19.19 -28.17
N ALA C 247 21.02 -18.79 -27.72
CA ALA C 247 22.14 -19.71 -27.58
C ALA C 247 21.75 -20.94 -26.72
N LEU C 248 21.21 -20.68 -25.51
CA LEU C 248 20.69 -21.75 -24.64
C LEU C 248 19.62 -22.60 -25.29
N GLN C 249 18.68 -21.94 -25.96
CA GLN C 249 17.63 -22.65 -26.68
C GLN C 249 18.27 -23.67 -27.64
N GLN C 250 19.25 -23.20 -28.41
CA GLN C 250 19.90 -24.00 -29.44
C GLN C 250 20.70 -25.18 -28.88
N ALA C 251 21.47 -24.91 -27.83
CA ALA C 251 22.23 -25.94 -27.12
C ALA C 251 21.31 -27.01 -26.51
N ILE C 252 20.30 -26.58 -25.76
CA ILE C 252 19.24 -27.48 -25.24
C ILE C 252 18.73 -28.37 -26.36
N ALA C 253 18.33 -27.75 -27.46
CA ALA C 253 17.73 -28.51 -28.57
C ALA C 253 18.72 -29.54 -29.12
N GLY C 254 19.96 -29.10 -29.27
CA GLY C 254 21.07 -29.96 -29.71
C GLY C 254 21.26 -31.20 -28.85
N GLN C 255 21.22 -31.01 -27.53
CA GLN C 255 21.38 -32.09 -26.58
C GLN C 255 20.22 -33.03 -26.55
N LEU C 256 19.09 -32.56 -27.05
CA LEU C 256 17.87 -33.36 -27.05
C LEU C 256 17.60 -33.83 -28.45
N ALA C 257 18.59 -33.60 -29.33
CA ALA C 257 18.52 -33.97 -30.77
C ALA C 257 17.17 -33.51 -31.36
N LEU C 258 16.82 -32.27 -31.04
CA LEU C 258 15.67 -31.65 -31.66
C LEU C 258 16.15 -30.38 -32.38
N THR C 259 15.25 -29.83 -33.19
CA THR C 259 15.43 -28.49 -33.73
C THR C 259 14.47 -27.53 -33.00
N ALA C 260 14.96 -26.31 -32.79
CA ALA C 260 14.15 -25.24 -32.19
C ALA C 260 14.17 -24.05 -33.15
N THR C 261 13.03 -23.79 -33.79
CA THR C 261 12.95 -22.72 -34.77
C THR C 261 12.16 -21.52 -34.21
N ALA C 262 11.41 -21.74 -33.12
CA ALA C 262 10.56 -20.70 -32.57
C ALA C 262 11.33 -19.42 -32.27
N ASP C 263 10.63 -18.32 -32.48
CA ASP C 263 11.13 -17.01 -32.15
C ASP C 263 11.10 -16.81 -30.63
N ILE C 264 12.16 -16.23 -30.06
CA ILE C 264 12.15 -15.81 -28.69
C ILE C 264 11.50 -14.43 -28.57
N HIS C 265 10.52 -14.28 -27.70
CA HIS C 265 9.92 -12.96 -27.39
C HIS C 265 10.35 -12.42 -26.04
N LEU C 266 10.75 -11.14 -26.03
CA LEU C 266 11.27 -10.47 -24.82
C LEU C 266 10.72 -9.05 -24.64
N TRP C 267 10.26 -8.73 -23.43
CA TRP C 267 9.78 -7.38 -23.09
C TRP C 267 10.71 -6.82 -22.03
N ASP C 268 11.42 -5.74 -22.37
CA ASP C 268 12.44 -5.22 -21.50
C ASP C 268 12.03 -3.92 -20.80
N ASP C 269 10.75 -3.58 -20.87
CA ASP C 269 10.22 -2.33 -20.33
C ASP C 269 10.03 -2.30 -18.81
N TYR C 270 10.31 -3.40 -18.14
CA TYR C 270 9.76 -3.57 -16.79
C TYR C 270 10.75 -3.77 -15.65
N PHE C 271 12.03 -3.50 -15.89
CA PHE C 271 13.05 -3.82 -14.88
C PHE C 271 13.83 -2.61 -14.42
N ALA C 272 13.58 -1.48 -15.05
CA ALA C 272 14.26 -0.21 -14.71
C ALA C 272 14.08 0.11 -13.22
N PRO C 273 15.12 0.64 -12.57
CA PRO C 273 16.40 1.05 -13.14
C PRO C 273 17.51 -0.01 -13.15
N GLY C 274 17.20 -1.30 -13.00
CA GLY C 274 18.25 -2.34 -13.01
C GLY C 274 17.92 -3.62 -12.21
N TYR C 275 18.71 -4.67 -12.46
CA TYR C 275 18.62 -5.90 -11.73
C TYR C 275 18.65 -5.63 -10.23
N GLY C 276 17.71 -6.24 -9.52
CA GLY C 276 17.78 -6.18 -8.06
C GLY C 276 17.27 -4.91 -7.45
N VAL C 277 16.79 -3.99 -8.27
CA VAL C 277 16.19 -2.73 -7.77
C VAL C 277 14.68 -2.84 -7.93
N PRO C 278 13.92 -2.69 -6.84
CA PRO C 278 12.46 -2.66 -6.96
C PRO C 278 12.02 -1.42 -7.73
N ASN C 279 10.92 -1.54 -8.49
CA ASN C 279 10.24 -0.39 -9.04
C ASN C 279 8.75 -0.39 -8.62
N ASP C 280 8.06 0.73 -8.84
CA ASP C 280 6.69 0.88 -8.38
C ASP C 280 5.77 -0.16 -8.99
N ALA C 281 5.88 -0.44 -10.28
CA ALA C 281 4.92 -1.32 -10.95
C ALA C 281 5.13 -2.75 -10.44
N GLY C 282 6.39 -3.02 -10.07
CA GLY C 282 6.80 -4.31 -9.52
C GLY C 282 6.12 -4.52 -8.19
N MET C 283 6.26 -3.55 -7.30
CA MET C 283 5.68 -3.62 -5.95
C MET C 283 4.17 -3.58 -6.02
N GLU C 284 3.61 -2.90 -7.04
CA GLU C 284 2.14 -2.86 -7.20
C GLU C 284 1.62 -4.24 -7.64
N ALA C 285 2.39 -4.95 -8.46
CA ALA C 285 2.04 -6.32 -8.83
C ALA C 285 2.09 -7.30 -7.61
N VAL C 286 3.15 -7.19 -6.79
CA VAL C 286 3.28 -7.91 -5.52
C VAL C 286 2.03 -7.66 -4.66
N LYS C 287 1.65 -6.39 -4.49
CA LYS C 287 0.52 -5.99 -3.66
C LYS C 287 -0.80 -6.55 -4.24
N LEU C 288 -0.93 -6.49 -5.57
CA LEU C 288 -2.15 -6.94 -6.27
C LEU C 288 -2.36 -8.45 -6.06
N LEU C 289 -1.30 -9.25 -6.29
CA LEU C 289 -1.43 -10.70 -6.16
C LEU C 289 -1.70 -11.08 -4.73
N ALA C 290 -1.05 -10.38 -3.79
CA ALA C 290 -1.21 -10.68 -2.37
C ALA C 290 -2.64 -10.40 -1.92
N SER C 291 -3.17 -9.23 -2.22
CA SER C 291 -4.48 -8.88 -1.73
C SER C 291 -5.65 -9.59 -2.43
N LEU C 292 -5.46 -9.96 -3.70
CA LEU C 292 -6.48 -10.62 -4.51
C LEU C 292 -6.44 -12.13 -4.40
N GLU C 293 -5.26 -12.71 -4.22
CA GLU C 293 -5.13 -14.19 -4.34
C GLU C 293 -4.30 -14.80 -3.24
N GLY C 294 -3.80 -13.99 -2.31
CA GLY C 294 -2.93 -14.48 -1.23
C GLY C 294 -1.71 -15.20 -1.77
N VAL C 295 -1.25 -14.80 -2.95
CA VAL C 295 -0.02 -15.30 -3.57
C VAL C 295 1.09 -14.30 -3.28
N LEU C 296 2.30 -14.78 -3.01
CA LEU C 296 3.40 -13.90 -2.74
C LEU C 296 4.38 -13.87 -3.88
N LEU C 297 4.56 -12.70 -4.50
CA LEU C 297 5.57 -12.54 -5.55
C LEU C 297 6.80 -11.92 -4.91
N ASP C 298 7.70 -11.33 -5.67
CA ASP C 298 8.89 -10.76 -5.06
C ASP C 298 9.37 -9.52 -5.79
N PRO C 299 10.22 -8.69 -5.15
CA PRO C 299 10.52 -7.41 -5.80
C PRO C 299 11.50 -7.48 -6.92
N VAL C 300 12.24 -8.57 -7.07
CA VAL C 300 13.34 -8.64 -8.06
C VAL C 300 12.86 -9.33 -9.36
N TYR C 301 12.16 -10.45 -9.22
CA TYR C 301 11.86 -11.29 -10.37
C TYR C 301 10.37 -11.28 -10.70
N THR C 302 9.58 -11.96 -9.89
CA THR C 302 8.17 -12.21 -10.24
C THR C 302 7.27 -10.96 -10.22
N GLY C 303 7.55 -10.05 -9.28
CA GLY C 303 6.90 -8.72 -9.28
C GLY C 303 6.99 -8.01 -10.64
N LYS C 304 8.22 -7.88 -11.17
CA LYS C 304 8.45 -7.20 -12.44
C LYS C 304 7.85 -8.02 -13.60
N ALA C 305 8.02 -9.36 -13.54
CA ALA C 305 7.41 -10.24 -14.54
C ALA C 305 5.87 -10.09 -14.57
N MET C 306 5.21 -10.07 -13.41
CA MET C 306 3.75 -9.82 -13.34
C MET C 306 3.35 -8.42 -13.74
N ALA C 307 4.19 -7.42 -13.44
CA ALA C 307 3.98 -6.06 -13.92
C ALA C 307 3.99 -6.05 -15.44
N GLY C 308 4.88 -6.88 -16.02
CA GLY C 308 4.94 -7.01 -17.47
C GLY C 308 3.62 -7.54 -18.02
N LEU C 309 3.14 -8.64 -17.44
CA LEU C 309 1.91 -9.32 -17.89
C LEU C 309 0.75 -8.36 -17.88
N ILE C 310 0.64 -7.62 -16.79
CA ILE C 310 -0.45 -6.65 -16.63
C ILE C 310 -0.35 -5.54 -17.73
N ASP C 311 0.85 -5.00 -17.94
CA ASP C 311 1.03 -3.99 -18.96
C ASP C 311 0.79 -4.50 -20.36
N GLY C 312 0.95 -5.81 -20.54
CA GLY C 312 0.71 -6.43 -21.84
C GLY C 312 -0.77 -6.45 -22.15
N ILE C 313 -1.58 -6.59 -21.11
CA ILE C 313 -3.03 -6.63 -21.25
C ILE C 313 -3.50 -5.22 -21.50
N SER C 314 -2.90 -4.30 -20.75
CA SER C 314 -3.16 -2.87 -20.79
C SER C 314 -2.90 -2.31 -22.20
N GLN C 315 -1.80 -2.76 -22.81
CA GLN C 315 -1.34 -2.27 -24.10
C GLN C 315 -1.64 -3.22 -25.30
N LYS C 316 -2.47 -4.23 -25.07
CA LYS C 316 -2.79 -5.25 -26.07
C LYS C 316 -1.53 -5.78 -26.74
N ARG C 317 -0.50 -6.06 -25.94
CA ARG C 317 0.79 -6.57 -26.43
C ARG C 317 0.79 -8.05 -26.80
N PHE C 318 -0.12 -8.81 -26.23
CA PHE C 318 -0.20 -10.26 -26.49
C PHE C 318 -0.80 -10.48 -27.85
N ASN C 319 -0.57 -11.68 -28.40
CA ASN C 319 -1.02 -12.03 -29.74
C ASN C 319 -2.56 -12.07 -29.82
N ASP C 320 -3.23 -12.57 -28.78
CA ASP C 320 -4.68 -12.43 -28.71
C ASP C 320 -5.22 -12.25 -27.29
N ASP C 321 -6.55 -12.35 -27.16
CA ASP C 321 -7.28 -12.06 -25.94
C ASP C 321 -7.44 -13.27 -25.01
N GLY C 322 -6.78 -14.38 -25.32
CA GLY C 322 -7.03 -15.63 -24.60
C GLY C 322 -6.20 -15.85 -23.33
N PRO C 323 -6.46 -16.98 -22.65
CA PRO C 323 -5.88 -17.28 -21.34
C PRO C 323 -4.37 -17.14 -21.27
N ILE C 324 -3.89 -16.50 -20.19
CA ILE C 324 -2.45 -16.41 -19.93
C ILE C 324 -2.02 -17.33 -18.78
N LEU C 325 -0.91 -18.01 -18.94
CA LEU C 325 -0.31 -18.72 -17.84
C LEU C 325 0.92 -17.96 -17.34
N PHE C 326 0.90 -17.57 -16.07
CA PHE C 326 2.05 -16.99 -15.37
C PHE C 326 2.89 -18.05 -14.67
N ILE C 327 4.18 -18.08 -14.96
CA ILE C 327 5.09 -19.02 -14.30
C ILE C 327 5.61 -18.38 -13.05
N HIS C 328 5.22 -18.90 -11.89
CA HIS C 328 5.76 -18.32 -10.68
C HIS C 328 7.05 -19.02 -10.35
N THR C 329 8.16 -18.32 -10.50
CA THR C 329 9.48 -18.90 -10.33
C THR C 329 10.03 -18.74 -8.89
N GLY C 330 9.28 -18.08 -8.00
CA GLY C 330 9.69 -18.02 -6.61
C GLY C 330 10.07 -16.65 -6.09
N GLY C 331 11.04 -16.62 -5.18
CA GLY C 331 11.67 -15.37 -4.73
C GLY C 331 11.13 -14.71 -3.48
N ALA C 332 9.96 -15.16 -2.99
CA ALA C 332 9.35 -14.47 -1.85
C ALA C 332 10.26 -14.16 -0.67
N PRO C 333 11.29 -15.00 -0.39
CA PRO C 333 12.07 -14.60 0.80
C PRO C 333 12.75 -13.27 0.67
N ALA C 334 13.01 -12.81 -0.55
CA ALA C 334 13.60 -11.49 -0.74
C ALA C 334 12.71 -10.34 -0.24
N LEU C 335 11.40 -10.57 -0.10
CA LEU C 335 10.50 -9.54 0.43
C LEU C 335 11.01 -9.02 1.77
N PHE C 336 11.53 -9.95 2.57
CA PHE C 336 11.95 -9.64 3.91
C PHE C 336 13.29 -8.94 3.92
N ALA C 337 14.02 -9.07 2.83
CA ALA C 337 15.37 -8.53 2.73
C ALA C 337 15.30 -7.11 2.22
N TYR C 338 14.27 -6.86 1.43
CA TYR C 338 14.03 -5.58 0.76
C TYR C 338 13.25 -4.62 1.62
N HIS C 339 12.71 -5.10 2.75
CA HIS C 339 11.92 -4.28 3.64
C HIS C 339 12.90 -3.70 4.67
N PRO C 340 12.73 -2.42 5.06
CA PRO C 340 11.72 -1.50 4.55
C PRO C 340 12.13 -0.78 3.23
N HIS C 341 13.44 -0.68 2.96
CA HIS C 341 13.93 -0.06 1.70
C HIS C 341 15.39 -0.45 1.55
N VAL C 342 16.01 -0.10 0.42
CA VAL C 342 17.48 -0.33 0.26
C VAL C 342 18.23 0.87 -0.28
N MET D 15 -12.59 -46.35 9.23
CA MET D 15 -13.93 -46.71 9.84
C MET D 15 -14.09 -46.12 11.23
N PRO D 16 -13.03 -46.15 12.08
CA PRO D 16 -13.22 -45.59 13.42
C PRO D 16 -13.56 -44.08 13.41
N LEU D 17 -13.17 -43.37 12.33
CA LEU D 17 -13.35 -41.92 12.19
C LEU D 17 -14.17 -41.59 10.96
N HIS D 18 -15.19 -42.34 10.69
CA HIS D 18 -16.03 -42.05 9.55
C HIS D 18 -16.85 -40.82 9.78
N HIS D 19 -16.80 -40.32 10.98
CA HIS D 19 -17.63 -39.17 11.30
C HIS D 19 -17.05 -37.86 10.80
N LEU D 20 -15.78 -37.87 10.44
CA LEU D 20 -15.15 -36.71 9.87
C LEU D 20 -15.94 -36.25 8.64
N THR D 21 -16.16 -37.16 7.68
CA THR D 21 -16.78 -36.82 6.35
C THR D 21 -18.06 -35.96 6.42
N ARG D 22 -18.68 -35.88 7.58
CA ARG D 22 -19.88 -35.08 7.67
C ARG D 22 -19.62 -33.57 7.90
N PHE D 23 -18.39 -33.20 8.27
CA PHE D 23 -18.03 -31.79 8.38
C PHE D 23 -17.65 -31.18 7.03
N PRO D 24 -18.34 -30.09 6.63
CA PRO D 24 -17.97 -29.37 5.41
C PRO D 24 -16.57 -28.78 5.54
N ARG D 25 -15.82 -28.79 4.46
CA ARG D 25 -14.45 -28.29 4.47
C ARG D 25 -14.09 -27.74 3.11
N LEU D 26 -13.21 -26.76 3.07
CA LEU D 26 -12.71 -26.26 1.79
C LEU D 26 -11.45 -27.02 1.38
N GLU D 27 -11.06 -26.96 0.10
CA GLU D 27 -9.83 -27.60 -0.38
C GLU D 27 -8.71 -26.55 -0.38
N PHE D 28 -7.85 -26.54 0.64
CA PHE D 28 -6.72 -25.61 0.64
C PHE D 28 -5.41 -26.30 0.40
N ILE D 29 -5.39 -27.63 0.59
CA ILE D 29 -4.14 -28.40 0.61
C ILE D 29 -4.02 -29.36 -0.60
N GLY D 30 -5.05 -30.19 -0.82
CA GLY D 30 -5.07 -31.10 -1.97
C GLY D 30 -4.37 -32.41 -1.62
N ALA D 31 -3.23 -32.68 -2.26
CA ALA D 31 -2.44 -33.89 -1.93
C ALA D 31 -1.90 -33.86 -0.48
N PRO D 32 -1.71 -35.05 0.11
CA PRO D 32 -1.04 -35.19 1.41
C PRO D 32 0.32 -34.53 1.39
N THR D 33 0.66 -33.82 2.45
CA THR D 33 1.99 -33.28 2.60
C THR D 33 3.04 -34.39 2.78
N PRO D 34 4.29 -34.16 2.35
CA PRO D 34 5.27 -35.22 2.38
C PRO D 34 5.57 -35.71 3.80
N LEU D 35 5.92 -37.00 3.89
CA LEU D 35 6.47 -37.54 5.12
C LEU D 35 7.81 -38.11 4.71
N GLU D 36 8.88 -37.57 5.29
CA GLU D 36 10.23 -37.81 4.81
C GLU D 36 11.09 -38.39 5.90
N TYR D 37 11.99 -39.29 5.52
CA TYR D 37 13.10 -39.71 6.37
C TYR D 37 14.22 -38.65 6.34
N LEU D 38 14.86 -38.44 7.49
CA LEU D 38 15.91 -37.47 7.67
C LEU D 38 17.20 -38.21 7.96
N PRO D 39 17.88 -38.65 6.90
CA PRO D 39 18.96 -39.61 7.10
C PRO D 39 20.16 -38.98 7.77
N ARG D 40 20.38 -37.69 7.58
CA ARG D 40 21.58 -37.07 8.13
C ARG D 40 21.38 -36.77 9.58
N LEU D 41 20.22 -36.19 9.90
CA LEU D 41 19.85 -35.97 11.29
C LEU D 41 19.74 -37.26 12.08
N SER D 42 19.17 -38.31 11.48
CA SER D 42 19.08 -39.64 12.12
C SER D 42 20.45 -40.19 12.46
N ASP D 43 21.39 -40.01 11.54
CA ASP D 43 22.76 -40.43 11.71
C ASP D 43 23.43 -39.67 12.87
N TYR D 44 23.10 -38.38 13.01
CA TYR D 44 23.71 -37.59 14.07
C TYR D 44 23.13 -37.89 15.47
N LEU D 45 21.83 -38.17 15.51
CA LEU D 45 21.11 -38.40 16.77
C LEU D 45 21.14 -39.88 17.20
N GLY D 46 21.56 -40.75 16.29
CA GLY D 46 21.63 -42.18 16.54
C GLY D 46 20.29 -42.91 16.58
N ARG D 47 19.35 -42.48 15.77
CA ARG D 47 17.95 -42.81 15.95
C ARG D 47 17.21 -42.44 14.67
N GLU D 48 16.33 -43.31 14.20
CA GLU D 48 15.58 -43.01 13.01
C GLU D 48 14.63 -41.83 13.21
N ILE D 49 14.74 -40.80 12.38
CA ILE D 49 13.82 -39.65 12.47
C ILE D 49 13.15 -39.30 11.15
N TYR D 50 11.83 -39.13 11.22
CA TYR D 50 11.03 -38.76 10.08
C TYR D 50 10.35 -37.42 10.37
N ILE D 51 9.96 -36.73 9.33
CA ILE D 51 9.31 -35.44 9.52
C ILE D 51 8.02 -35.35 8.65
N LYS D 52 6.96 -34.84 9.25
CA LYS D 52 5.71 -34.59 8.54
C LYS D 52 5.72 -33.15 8.08
N ARG D 53 5.69 -32.95 6.77
CA ARG D 53 5.99 -31.63 6.24
C ARG D 53 4.79 -30.73 6.08
N ASP D 54 4.18 -30.30 7.18
CA ASP D 54 3.02 -29.42 7.07
C ASP D 54 3.49 -27.96 6.89
N ASP D 55 4.80 -27.76 6.83
CA ASP D 55 5.37 -26.46 6.56
C ASP D 55 5.26 -26.23 5.07
N VAL D 56 4.84 -27.26 4.34
CA VAL D 56 4.80 -27.20 2.89
C VAL D 56 3.40 -27.06 2.30
N THR D 57 2.40 -26.83 3.13
CA THR D 57 1.04 -26.52 2.64
C THR D 57 1.09 -25.29 1.66
N PRO D 58 0.24 -25.29 0.61
CA PRO D 58 0.61 -24.38 -0.52
C PRO D 58 0.22 -22.88 -0.42
N ILE D 59 -0.45 -22.45 0.68
CA ILE D 59 -0.87 -21.05 0.76
C ILE D 59 0.04 -20.18 1.58
N ALA D 60 0.42 -19.05 0.99
CA ALA D 60 1.25 -18.03 1.62
C ALA D 60 2.23 -18.56 2.68
N MET D 61 3.17 -19.38 2.23
CA MET D 61 4.29 -19.80 3.08
C MET D 61 3.97 -20.89 4.09
N GLY D 62 2.75 -21.42 4.02
CA GLY D 62 2.39 -22.72 4.61
C GLY D 62 2.12 -22.76 6.10
N GLY D 63 1.91 -23.96 6.62
CA GLY D 63 1.70 -24.10 8.05
C GLY D 63 0.54 -24.96 8.46
N ASN D 64 0.52 -25.29 9.75
CA ASN D 64 -0.45 -26.18 10.35
C ASN D 64 -1.87 -25.57 10.37
N LYS D 65 -1.96 -24.25 10.28
CA LYS D 65 -3.25 -23.59 10.42
C LYS D 65 -4.12 -23.72 9.19
N LEU D 66 -3.50 -23.97 8.03
CA LEU D 66 -4.30 -24.22 6.82
C LEU D 66 -5.27 -25.41 6.99
N ARG D 67 -4.82 -26.48 7.66
CA ARG D 67 -5.68 -27.62 7.95
C ARG D 67 -6.94 -27.23 8.75
N LYS D 68 -6.74 -26.45 9.82
CA LYS D 68 -7.86 -26.01 10.64
C LYS D 68 -8.77 -25.04 9.86
N LEU D 69 -8.15 -24.19 9.05
CA LEU D 69 -8.89 -23.20 8.33
C LEU D 69 -9.84 -23.82 7.31
N GLU D 70 -9.48 -24.98 6.77
CA GLU D 70 -10.36 -25.67 5.84
C GLU D 70 -11.74 -25.89 6.49
N PHE D 71 -11.75 -26.14 7.80
CA PHE D 71 -13.00 -26.45 8.46
C PHE D 71 -13.69 -25.18 8.94
N LEU D 72 -12.92 -24.33 9.62
CA LEU D 72 -13.39 -23.06 10.13
C LEU D 72 -13.97 -22.13 9.04
N VAL D 73 -13.26 -21.99 7.91
CA VAL D 73 -13.69 -21.07 6.88
C VAL D 73 -14.89 -21.65 6.11
N ALA D 74 -14.88 -22.96 5.90
CA ALA D 74 -16.07 -23.64 5.39
C ALA D 74 -17.26 -23.22 6.21
N ASP D 75 -17.14 -23.30 7.54
CA ASP D 75 -18.21 -22.97 8.47
C ASP D 75 -18.60 -21.51 8.30
N ALA D 76 -17.62 -20.63 8.10
CA ALA D 76 -17.89 -19.22 8.05
C ALA D 76 -18.75 -18.93 6.84
N LEU D 77 -18.38 -19.51 5.71
CA LEU D 77 -19.08 -19.34 4.45
C LEU D 77 -20.48 -19.88 4.56
N ARG D 78 -20.63 -21.06 5.18
CA ARG D 78 -21.94 -21.63 5.49
C ARG D 78 -22.86 -20.69 6.28
N GLU D 79 -22.28 -19.78 7.05
CA GLU D 79 -23.09 -18.80 7.78
C GLU D 79 -23.29 -17.50 7.01
N GLY D 80 -22.65 -17.39 5.85
CA GLY D 80 -22.73 -16.16 5.04
C GLY D 80 -21.91 -15.00 5.56
N ALA D 81 -20.92 -15.30 6.41
CA ALA D 81 -19.92 -14.34 6.86
C ALA D 81 -19.13 -13.75 5.70
N ASP D 82 -18.73 -12.49 5.82
CA ASP D 82 -17.86 -11.85 4.83
C ASP D 82 -16.51 -11.38 5.44
N THR D 83 -16.31 -11.63 6.72
CA THR D 83 -15.19 -11.10 7.43
C THR D 83 -14.67 -12.11 8.42
N LEU D 84 -13.37 -12.37 8.38
CA LEU D 84 -12.75 -13.21 9.38
C LEU D 84 -12.03 -12.32 10.36
N ILE D 85 -12.18 -12.65 11.65
CA ILE D 85 -11.58 -11.92 12.74
C ILE D 85 -10.87 -12.88 13.65
N THR D 86 -9.61 -12.59 13.95
CA THR D 86 -8.78 -13.43 14.81
C THR D 86 -7.71 -12.63 15.53
N ALA D 87 -6.91 -13.33 16.34
CA ALA D 87 -5.96 -12.68 17.23
C ALA D 87 -4.66 -13.48 17.35
N GLY D 88 -3.58 -12.81 17.75
CA GLY D 88 -2.29 -13.45 17.94
C GLY D 88 -1.21 -12.40 18.16
N ALA D 89 0.03 -12.85 18.29
CA ALA D 89 1.16 -11.92 18.40
C ALA D 89 1.36 -11.21 17.06
N ILE D 90 2.07 -10.06 17.08
CA ILE D 90 2.46 -9.38 15.84
C ILE D 90 3.06 -10.38 14.85
N GLN D 91 3.84 -11.34 15.31
CA GLN D 91 4.48 -12.30 14.40
C GLN D 91 3.78 -13.63 14.26
N SER D 92 2.52 -13.74 14.68
CA SER D 92 1.81 -15.01 14.57
C SER D 92 1.72 -15.55 13.13
N ASN D 93 1.91 -16.87 12.98
CA ASN D 93 1.70 -17.58 11.71
C ASN D 93 0.21 -17.80 11.43
N HIS D 94 -0.55 -17.97 12.51
CA HIS D 94 -1.98 -18.23 12.42
C HIS D 94 -2.68 -17.05 11.81
N VAL D 95 -2.36 -15.86 12.30
CA VAL D 95 -2.91 -14.63 11.76
C VAL D 95 -2.51 -14.48 10.29
N ARG D 96 -1.30 -14.86 9.95
CA ARG D 96 -0.84 -14.68 8.58
C ARG D 96 -1.60 -15.62 7.65
N GLN D 97 -1.83 -16.85 8.11
CA GLN D 97 -2.51 -17.83 7.33
C GLN D 97 -4.00 -17.49 7.17
N THR D 98 -4.60 -17.03 8.25
CA THR D 98 -5.98 -16.54 8.19
C THR D 98 -6.05 -15.31 7.26
N ALA D 99 -5.07 -14.44 7.32
CA ALA D 99 -5.15 -13.28 6.45
C ALA D 99 -5.01 -13.67 4.98
N ALA D 100 -4.28 -14.76 4.72
CA ALA D 100 -3.97 -15.15 3.36
C ALA D 100 -5.19 -15.80 2.71
N VAL D 101 -5.85 -16.66 3.50
CA VAL D 101 -7.12 -17.29 3.14
C VAL D 101 -8.18 -16.21 2.97
N ALA D 102 -8.30 -15.29 3.90
CA ALA D 102 -9.31 -14.23 3.70
C ALA D 102 -9.13 -13.55 2.36
N ALA D 103 -7.89 -13.17 2.07
CA ALA D 103 -7.58 -12.50 0.82
C ALA D 103 -7.96 -13.37 -0.38
N LYS D 104 -7.62 -14.66 -0.34
CA LYS D 104 -7.89 -15.56 -1.45
C LYS D 104 -9.37 -15.69 -1.76
N LEU D 105 -10.18 -15.70 -0.72
CA LEU D 105 -11.60 -15.87 -0.84
C LEU D 105 -12.41 -14.57 -0.92
N GLY D 106 -11.75 -13.43 -0.81
CA GLY D 106 -12.46 -12.21 -1.03
C GLY D 106 -13.14 -11.77 0.24
N LEU D 107 -12.77 -12.41 1.34
CA LEU D 107 -13.24 -11.97 2.67
C LEU D 107 -12.38 -10.87 3.27
N HIS D 108 -13.00 -9.98 4.02
CA HIS D 108 -12.25 -9.01 4.78
C HIS D 108 -11.65 -9.74 5.96
N CYS D 109 -10.58 -9.20 6.52
CA CYS D 109 -9.93 -9.79 7.68
C CYS D 109 -9.50 -8.75 8.68
N VAL D 110 -9.80 -9.00 9.93
CA VAL D 110 -9.40 -8.11 11.00
C VAL D 110 -8.58 -8.87 12.02
N ALA D 111 -7.41 -8.33 12.36
CA ALA D 111 -6.48 -9.00 13.22
C ALA D 111 -6.19 -8.21 14.45
N LEU D 112 -6.49 -8.79 15.59
CA LEU D 112 -6.21 -8.17 16.85
C LEU D 112 -4.80 -8.60 17.32
N LEU D 113 -3.83 -7.70 17.34
CA LEU D 113 -2.46 -8.11 17.66
C LEU D 113 -1.89 -7.54 18.96
N GLU D 114 -0.92 -8.27 19.51
CA GLU D 114 -0.18 -7.83 20.70
C GLU D 114 1.31 -8.08 20.54
N ASN D 115 2.09 -7.31 21.26
CA ASN D 115 3.51 -7.50 21.36
C ASN D 115 3.76 -8.23 22.67
N PRO D 116 3.99 -9.56 22.60
CA PRO D 116 4.05 -10.35 23.83
C PRO D 116 5.43 -10.36 24.49
N ILE D 117 6.44 -9.77 23.84
CA ILE D 117 7.77 -9.83 24.39
C ILE D 117 8.37 -8.45 24.71
N GLY D 118 7.57 -7.39 24.51
CA GLY D 118 7.97 -6.03 24.83
C GLY D 118 9.10 -5.47 23.96
N THR D 119 9.32 -6.08 22.80
CA THR D 119 10.44 -5.68 21.95
C THR D 119 10.17 -4.35 21.21
N THR D 120 11.21 -3.61 20.87
CA THR D 120 11.06 -2.48 19.94
C THR D 120 11.87 -2.67 18.68
N ALA D 121 12.45 -3.86 18.49
CA ALA D 121 13.23 -4.16 17.28
C ALA D 121 12.34 -4.03 16.03
N GLU D 122 12.84 -3.28 15.05
CA GLU D 122 12.02 -2.94 13.89
CA GLU D 122 12.09 -2.92 13.83
C GLU D 122 11.61 -4.16 13.07
N ASN D 123 12.48 -5.18 12.99
CA ASN D 123 12.10 -6.38 12.20
C ASN D 123 10.97 -7.17 12.85
N TYR D 124 11.01 -7.33 14.17
CA TYR D 124 9.87 -7.93 14.84
C TYR D 124 8.58 -7.11 14.61
N LEU D 125 8.69 -5.78 14.72
CA LEU D 125 7.50 -4.92 14.53
C LEU D 125 6.98 -4.86 13.11
N THR D 126 7.84 -4.99 12.08
CA THR D 126 7.42 -4.65 10.73
C THR D 126 7.70 -5.69 9.62
N ASN D 127 8.57 -6.65 9.90
CA ASN D 127 9.00 -7.62 8.91
C ASN D 127 8.35 -9.00 9.18
N GLY D 128 8.79 -10.02 8.46
CA GLY D 128 8.20 -11.35 8.60
C GLY D 128 6.71 -11.36 8.37
N ASN D 129 6.01 -12.15 9.19
CA ASN D 129 4.55 -12.26 9.15
C ASN D 129 3.82 -10.92 9.13
N ARG D 130 4.27 -9.98 9.95
CA ARG D 130 3.66 -8.65 10.01
C ARG D 130 3.65 -7.88 8.66
N LEU D 131 4.77 -7.94 7.93
CA LEU D 131 4.80 -7.46 6.54
C LEU D 131 3.77 -8.15 5.66
N LEU D 132 3.56 -9.44 5.85
CA LEU D 132 2.67 -10.17 4.96
C LEU D 132 1.19 -9.74 5.16
N LEU D 133 0.81 -9.53 6.40
CA LEU D 133 -0.49 -8.99 6.73
C LEU D 133 -0.82 -7.70 5.97
N ASP D 134 0.15 -6.85 5.73
CA ASP D 134 -0.06 -5.65 5.01
C ASP D 134 -0.29 -5.93 3.55
N LEU D 135 0.46 -6.86 3.01
CA LEU D 135 0.27 -7.28 1.64
C LEU D 135 -1.11 -7.89 1.43
N PHE D 136 -1.66 -8.50 2.50
CA PHE D 136 -3.00 -9.08 2.42
C PHE D 136 -4.10 -8.09 2.79
N ASN D 137 -3.78 -6.80 2.92
CA ASN D 137 -4.81 -5.82 3.28
C ASN D 137 -5.56 -6.22 4.56
N THR D 138 -4.83 -6.73 5.54
CA THR D 138 -5.41 -7.02 6.83
C THR D 138 -5.65 -5.73 7.60
N GLN D 139 -6.86 -5.56 8.12
CA GLN D 139 -7.12 -4.48 9.04
C GLN D 139 -6.54 -4.85 10.42
N ILE D 140 -5.68 -4.00 10.95
CA ILE D 140 -4.92 -4.27 12.15
C ILE D 140 -5.46 -3.52 13.36
N GLU D 141 -5.55 -4.23 14.47
CA GLU D 141 -6.09 -3.69 15.72
C GLU D 141 -5.04 -4.00 16.79
N MET D 142 -4.24 -3.01 17.17
CA MET D 142 -3.24 -3.23 18.20
C MET D 142 -3.88 -3.15 19.56
N CYS D 143 -3.40 -3.94 20.49
CA CYS D 143 -3.86 -3.82 21.86
C CYS D 143 -2.71 -4.17 22.79
N ASP D 144 -2.83 -3.72 24.04
CA ASP D 144 -1.72 -3.74 24.97
C ASP D 144 -1.33 -5.16 25.38
N ALA D 145 -2.33 -5.98 25.69
CA ALA D 145 -2.12 -7.37 26.04
C ALA D 145 -3.41 -8.14 25.82
N LEU D 146 -3.33 -9.24 25.08
CA LEU D 146 -4.47 -10.16 24.95
C LEU D 146 -4.68 -10.95 26.27
N THR D 147 -5.23 -10.28 27.28
CA THR D 147 -5.50 -10.89 28.58
C THR D 147 -6.69 -11.85 28.52
N ASP D 148 -7.74 -11.48 27.79
CA ASP D 148 -8.89 -12.38 27.55
C ASP D 148 -9.26 -12.49 26.06
N PRO D 149 -8.52 -13.33 25.30
CA PRO D 149 -8.64 -13.26 23.87
C PRO D 149 -10.05 -13.56 23.34
N ASP D 150 -10.74 -14.54 23.91
CA ASP D 150 -12.08 -14.93 23.43
C ASP D 150 -13.08 -13.79 23.57
N ALA D 151 -13.05 -13.13 24.74
CA ALA D 151 -13.85 -11.94 25.04
C ALA D 151 -13.45 -10.73 24.20
N GLN D 152 -12.15 -10.50 24.10
CA GLN D 152 -11.64 -9.37 23.32
C GLN D 152 -12.02 -9.50 21.82
N LEU D 153 -11.92 -10.71 21.29
CA LEU D 153 -12.39 -10.98 19.94
C LEU D 153 -13.88 -10.66 19.77
N GLN D 154 -14.70 -11.01 20.76
CA GLN D 154 -16.14 -10.80 20.74
C GLN D 154 -16.54 -9.32 20.73
N THR D 155 -15.87 -8.53 21.57
CA THR D 155 -16.05 -7.09 21.55
C THR D 155 -15.71 -6.50 20.18
N LEU D 156 -14.60 -6.92 19.59
CA LEU D 156 -14.20 -6.44 18.30
C LEU D 156 -15.19 -6.86 17.20
N ALA D 157 -15.70 -8.08 17.29
CA ALA D 157 -16.70 -8.58 16.35
C ALA D 157 -17.96 -7.70 16.34
N THR D 158 -18.37 -7.25 17.53
CA THR D 158 -19.54 -6.40 17.68
C THR D 158 -19.38 -5.02 17.01
N ARG D 159 -18.26 -4.35 17.23
CA ARG D 159 -17.97 -3.09 16.54
C ARG D 159 -17.81 -3.25 15.02
N ILE D 160 -17.28 -4.40 14.57
CA ILE D 160 -17.13 -4.70 13.15
C ILE D 160 -18.51 -4.88 12.51
N GLU D 161 -19.39 -5.53 13.26
CA GLU D 161 -20.75 -5.82 12.82
C GLU D 161 -21.53 -4.52 12.71
N ALA D 162 -21.31 -3.62 13.66
CA ALA D 162 -21.93 -2.30 13.65
C ALA D 162 -21.55 -1.47 12.41
N GLN D 163 -20.42 -1.79 11.79
CA GLN D 163 -20.06 -1.15 10.52
C GLN D 163 -20.74 -1.83 9.31
N GLY D 164 -21.54 -2.85 9.58
CA GLY D 164 -22.28 -3.55 8.54
C GLY D 164 -21.63 -4.82 7.99
N PHE D 165 -20.49 -5.21 8.53
CA PHE D 165 -19.88 -6.46 8.12
C PHE D 165 -20.59 -7.65 8.78
N ARG D 166 -20.34 -8.84 8.24
CA ARG D 166 -20.80 -10.06 8.88
C ARG D 166 -19.58 -10.88 9.29
N PRO D 167 -19.08 -10.66 10.53
CA PRO D 167 -17.85 -11.28 11.02
C PRO D 167 -18.01 -12.73 11.53
N TYR D 168 -16.91 -13.47 11.42
CA TYR D 168 -16.83 -14.80 12.00
C TYR D 168 -15.56 -14.85 12.84
N VAL D 169 -15.70 -15.10 14.12
CA VAL D 169 -14.56 -15.14 15.02
C VAL D 169 -13.81 -16.46 14.86
N ILE D 170 -12.50 -16.39 14.57
CA ILE D 170 -11.67 -17.55 14.64
C ILE D 170 -10.85 -17.40 15.91
N PRO D 171 -11.02 -18.33 16.87
CA PRO D 171 -10.30 -18.21 18.14
C PRO D 171 -8.79 -18.38 17.96
N VAL D 172 -8.01 -17.95 18.96
CA VAL D 172 -6.55 -18.03 18.95
C VAL D 172 -6.06 -19.40 18.44
N GLY D 173 -5.15 -19.38 17.46
CA GLY D 173 -4.62 -20.60 16.85
C GLY D 173 -5.62 -21.46 16.08
N GLY D 174 -6.85 -20.99 15.91
CA GLY D 174 -7.90 -21.78 15.30
C GLY D 174 -8.27 -23.01 16.13
N SER D 175 -7.87 -23.02 17.40
CA SER D 175 -7.98 -24.22 18.21
C SER D 175 -9.34 -24.37 18.91
N SER D 176 -10.38 -24.60 18.12
CA SER D 176 -11.66 -25.07 18.64
C SER D 176 -11.72 -26.52 18.18
N ALA D 177 -12.72 -27.26 18.66
CA ALA D 177 -12.89 -28.65 18.25
C ALA D 177 -13.13 -28.78 16.74
N LEU D 178 -13.87 -27.84 16.16
CA LEU D 178 -14.04 -27.84 14.70
C LEU D 178 -12.69 -27.62 14.02
N GLY D 179 -11.95 -26.62 14.47
CA GLY D 179 -10.62 -26.36 13.90
C GLY D 179 -9.70 -27.56 13.98
N ALA D 180 -9.73 -28.24 15.11
CA ALA D 180 -8.83 -29.35 15.36
C ALA D 180 -9.13 -30.57 14.48
N MET D 181 -10.27 -30.55 13.80
CA MET D 181 -10.61 -31.65 12.89
C MET D 181 -9.56 -31.80 11.79
N GLY D 182 -8.95 -30.70 11.36
CA GLY D 182 -7.87 -30.75 10.41
C GLY D 182 -6.69 -31.59 10.87
N TYR D 183 -6.46 -31.66 12.18
CA TYR D 183 -5.37 -32.50 12.65
C TYR D 183 -5.73 -33.97 12.90
N VAL D 184 -7.03 -34.20 13.08
CA VAL D 184 -7.56 -35.54 13.04
C VAL D 184 -7.37 -36.04 11.61
N GLU D 185 -7.66 -35.20 10.62
CA GLU D 185 -7.40 -35.56 9.22
C GLU D 185 -5.94 -35.85 8.98
N SER D 186 -5.08 -35.03 9.58
CA SER D 186 -3.65 -35.18 9.41
C SER D 186 -3.14 -36.56 9.92
N ALA D 187 -3.73 -37.05 11.01
CA ALA D 187 -3.40 -38.36 11.56
C ALA D 187 -3.66 -39.46 10.56
N LEU D 188 -4.76 -39.34 9.81
CA LEU D 188 -5.12 -40.31 8.78
C LEU D 188 -4.08 -40.35 7.65
N GLU D 189 -3.65 -39.16 7.19
CA GLU D 189 -2.53 -39.05 6.25
C GLU D 189 -1.30 -39.77 6.80
N ILE D 190 -0.95 -39.44 8.04
CA ILE D 190 0.23 -40.00 8.70
C ILE D 190 0.10 -41.54 8.76
N ALA D 191 -1.04 -42.03 9.24
CA ALA D 191 -1.22 -43.49 9.38
C ALA D 191 -1.00 -44.20 8.06
N GLN D 192 -1.54 -43.67 6.97
CA GLN D 192 -1.39 -44.24 5.67
C GLN D 192 0.02 -44.18 5.12
N GLN D 193 0.70 -43.11 5.44
CA GLN D 193 2.05 -42.84 4.99
C GLN D 193 3.03 -43.68 5.74
N CYS D 194 2.67 -44.01 6.95
CA CYS D 194 3.50 -44.81 7.79
C CYS D 194 3.33 -46.30 7.59
N GLU D 195 2.27 -46.68 6.87
CA GLU D 195 1.63 -47.97 6.85
C GLU D 195 2.32 -48.77 5.83
N GLU D 196 3.61 -48.89 6.15
CA GLU D 196 4.82 -49.11 5.35
C GLU D 196 6.13 -48.45 5.96
N VAL D 197 6.50 -48.78 7.19
CA VAL D 197 7.71 -48.24 7.82
C VAL D 197 8.01 -48.41 9.32
N VAL D 198 8.96 -49.32 9.54
CA VAL D 198 9.81 -49.44 10.69
C VAL D 198 9.30 -49.43 12.10
N GLY D 199 7.99 -49.50 12.26
CA GLY D 199 7.32 -49.30 13.51
C GLY D 199 7.68 -48.05 14.29
N LEU D 200 7.04 -46.96 13.94
CA LEU D 200 7.12 -45.73 14.64
C LEU D 200 6.85 -45.92 16.10
N SER D 201 7.66 -45.35 16.94
CA SER D 201 7.45 -45.38 18.40
C SER D 201 6.79 -44.09 18.93
N SER D 202 7.28 -42.96 18.47
CA SER D 202 6.93 -41.65 19.01
C SER D 202 6.60 -40.58 17.96
N VAL D 203 5.85 -39.59 18.37
CA VAL D 203 5.55 -38.46 17.52
C VAL D 203 5.77 -37.23 18.37
N VAL D 204 6.48 -36.25 17.81
CA VAL D 204 6.70 -34.95 18.48
C VAL D 204 6.04 -33.78 17.75
N VAL D 205 5.23 -33.02 18.49
CA VAL D 205 4.64 -31.81 17.93
C VAL D 205 4.66 -30.68 18.94
N ALA D 206 4.79 -29.45 18.44
CA ALA D 206 4.72 -28.28 19.27
C ALA D 206 3.33 -28.19 19.84
N SER D 207 3.21 -27.72 21.08
CA SER D 207 1.92 -27.67 21.72
C SER D 207 1.73 -26.26 22.23
N GLY D 208 0.85 -25.51 21.56
CA GLY D 208 0.68 -24.09 21.83
C GLY D 208 -0.72 -23.79 22.26
N SER D 209 -1.56 -23.42 21.28
CA SER D 209 -2.98 -23.19 21.56
C SER D 209 -3.75 -24.49 21.64
N ALA D 210 -3.11 -25.59 21.23
CA ALA D 210 -3.53 -27.00 21.50
C ALA D 210 -4.25 -27.75 20.41
N GLY D 211 -4.77 -27.05 19.42
CA GLY D 211 -5.54 -27.75 18.36
C GLY D 211 -4.80 -28.86 17.63
N THR D 212 -3.51 -28.66 17.38
CA THR D 212 -2.72 -29.63 16.61
C THR D 212 -2.52 -30.89 17.47
N HIS D 213 -2.01 -30.68 18.70
CA HIS D 213 -1.76 -31.73 19.68
C HIS D 213 -3.03 -32.57 19.93
N ALA D 214 -4.14 -31.90 20.30
CA ALA D 214 -5.41 -32.55 20.61
C ALA D 214 -5.97 -33.30 19.40
N GLY D 215 -5.87 -32.70 18.21
CA GLY D 215 -6.40 -33.37 17.02
C GLY D 215 -5.59 -34.61 16.70
N LEU D 216 -4.28 -34.50 16.89
CA LEU D 216 -3.42 -35.64 16.60
C LEU D 216 -3.66 -36.72 17.66
N ALA D 217 -3.89 -36.29 18.91
CA ALA D 217 -4.15 -37.23 19.99
C ALA D 217 -5.36 -38.12 19.65
N VAL D 218 -6.49 -37.51 19.26
CA VAL D 218 -7.67 -38.28 18.93
C VAL D 218 -7.36 -39.20 17.76
N GLY D 219 -6.86 -38.65 16.65
CA GLY D 219 -6.59 -39.47 15.47
C GLY D 219 -5.65 -40.64 15.72
N LEU D 220 -4.52 -40.36 16.37
CA LEU D 220 -3.51 -41.36 16.65
C LEU D 220 -3.97 -42.43 17.66
N GLU D 221 -4.71 -42.03 18.70
CA GLU D 221 -5.29 -43.01 19.60
C GLU D 221 -6.08 -44.09 18.80
N HIS D 222 -6.84 -43.67 17.77
CA HIS D 222 -7.66 -44.62 17.06
C HIS D 222 -6.99 -45.29 15.88
N LEU D 223 -5.86 -44.75 15.42
CA LEU D 223 -5.26 -45.25 14.18
C LEU D 223 -3.92 -45.94 14.42
N MET D 224 -3.20 -45.49 15.46
CA MET D 224 -1.85 -45.99 15.79
C MET D 224 -1.71 -46.03 17.30
N PRO D 225 -2.59 -46.79 17.98
CA PRO D 225 -2.75 -46.63 19.44
C PRO D 225 -1.50 -46.94 20.25
N ASP D 226 -0.48 -47.55 19.62
CA ASP D 226 0.81 -47.87 20.29
C ASP D 226 1.86 -46.75 20.20
N VAL D 227 1.59 -45.74 19.39
CA VAL D 227 2.51 -44.66 19.23
C VAL D 227 2.37 -43.69 20.40
N GLU D 228 3.50 -43.25 20.94
CA GLU D 228 3.54 -42.28 21.99
C GLU D 228 3.53 -40.86 21.33
N LEU D 229 2.54 -40.04 21.68
CA LEU D 229 2.46 -38.63 21.24
C LEU D 229 2.97 -37.66 22.31
N ILE D 230 3.99 -36.90 21.99
CA ILE D 230 4.60 -35.93 22.93
C ILE D 230 4.40 -34.49 22.43
N GLY D 231 3.76 -33.65 23.24
CA GLY D 231 3.66 -32.24 22.92
C GLY D 231 4.73 -31.51 23.70
N VAL D 232 5.57 -30.77 22.98
CA VAL D 232 6.53 -29.87 23.63
C VAL D 232 5.86 -28.49 23.74
N THR D 233 5.68 -28.01 24.96
CA THR D 233 4.96 -26.74 25.11
C THR D 233 5.81 -25.60 24.64
N VAL D 234 5.17 -24.54 24.17
CA VAL D 234 5.85 -23.40 23.58
C VAL D 234 5.45 -22.14 24.28
N SER D 235 4.49 -22.24 25.20
CA SER D 235 4.03 -21.05 25.96
C SER D 235 3.73 -21.23 27.47
N ARG D 236 3.65 -22.48 27.95
CA ARG D 236 3.06 -22.79 29.28
C ARG D 236 3.66 -24.00 29.92
N SER D 237 3.59 -24.03 31.26
CA SER D 237 3.91 -25.22 32.05
C SER D 237 2.97 -26.36 31.70
N VAL D 238 3.38 -27.62 31.96
CA VAL D 238 2.50 -28.81 31.85
C VAL D 238 1.17 -28.58 32.59
N ALA D 239 1.27 -28.11 33.83
CA ALA D 239 0.08 -27.87 34.68
C ALA D 239 -0.91 -26.91 34.02
N GLU D 240 -0.41 -25.83 33.42
CA GLU D 240 -1.28 -24.89 32.67
C GLU D 240 -1.79 -25.48 31.34
N GLN D 241 -0.96 -26.27 30.64
CA GLN D 241 -1.27 -26.72 29.26
C GLN D 241 -2.14 -27.98 29.18
N LYS D 242 -1.91 -28.93 30.08
CA LYS D 242 -2.61 -30.20 30.03
C LYS D 242 -4.14 -30.04 29.98
N PRO D 243 -4.72 -29.19 30.86
CA PRO D 243 -6.18 -29.18 30.86
C PRO D 243 -6.77 -28.70 29.53
N LYS D 244 -5.99 -27.86 28.84
CA LYS D 244 -6.44 -27.27 27.58
C LYS D 244 -6.39 -28.30 26.47
N VAL D 245 -5.30 -29.06 26.39
CA VAL D 245 -5.26 -30.15 25.41
C VAL D 245 -6.35 -31.16 25.72
N ILE D 246 -6.54 -31.53 27.00
CA ILE D 246 -7.51 -32.57 27.38
C ILE D 246 -8.95 -32.20 27.01
N ALA D 247 -9.32 -30.95 27.31
CA ALA D 247 -10.66 -30.47 27.03
C ALA D 247 -10.91 -30.55 25.55
N LEU D 248 -9.91 -30.17 24.76
CA LEU D 248 -10.06 -30.22 23.30
C LEU D 248 -10.18 -31.66 22.80
N GLN D 249 -9.29 -32.52 23.28
CA GLN D 249 -9.34 -33.93 22.98
C GLN D 249 -10.73 -34.49 23.26
N GLN D 250 -11.33 -34.17 24.40
CA GLN D 250 -12.64 -34.71 24.74
C GLN D 250 -13.77 -34.17 23.87
N ALA D 251 -13.68 -32.89 23.54
CA ALA D 251 -14.70 -32.28 22.71
C ALA D 251 -14.60 -32.82 21.28
N ILE D 252 -13.37 -32.96 20.78
CA ILE D 252 -13.16 -33.50 19.46
C ILE D 252 -13.74 -34.91 19.42
N ALA D 253 -13.37 -35.74 20.39
CA ALA D 253 -13.90 -37.08 20.47
C ALA D 253 -15.42 -37.13 20.49
N GLY D 254 -16.01 -36.31 21.37
CA GLY D 254 -17.46 -36.12 21.43
C GLY D 254 -18.08 -35.86 20.07
N GLN D 255 -17.51 -34.92 19.31
CA GLN D 255 -18.09 -34.52 18.04
C GLN D 255 -17.92 -35.60 16.97
N LEU D 256 -17.03 -36.55 17.22
CA LEU D 256 -16.84 -37.64 16.28
C LEU D 256 -17.40 -38.93 16.87
N ALA D 257 -18.20 -38.80 17.93
CA ALA D 257 -18.84 -39.92 18.62
C ALA D 257 -17.84 -41.03 18.93
N LEU D 258 -16.71 -40.64 19.48
CA LEU D 258 -15.72 -41.62 19.88
C LEU D 258 -15.43 -41.36 21.33
N THR D 259 -14.68 -42.26 21.91
CA THR D 259 -14.10 -42.00 23.22
C THR D 259 -12.61 -41.77 23.06
N ALA D 260 -12.03 -41.04 24.00
CA ALA D 260 -10.59 -40.84 23.97
C ALA D 260 -10.06 -41.03 25.38
N THR D 261 -9.39 -42.15 25.59
CA THR D 261 -8.88 -42.50 26.89
C THR D 261 -7.38 -42.30 27.03
N ALA D 262 -6.73 -42.05 25.91
CA ALA D 262 -5.29 -41.90 25.95
C ALA D 262 -4.91 -40.78 26.92
N ASP D 263 -3.77 -40.94 27.58
CA ASP D 263 -3.15 -39.92 28.38
C ASP D 263 -2.45 -38.91 27.46
N ILE D 264 -2.56 -37.63 27.80
CA ILE D 264 -1.80 -36.57 27.14
C ILE D 264 -0.41 -36.42 27.75
N HIS D 265 0.62 -36.36 26.89
CA HIS D 265 2.00 -36.18 27.35
C HIS D 265 2.53 -34.82 26.96
N LEU D 266 3.18 -34.13 27.90
CA LEU D 266 3.70 -32.79 27.66
C LEU D 266 5.06 -32.61 28.32
N TRP D 267 5.96 -31.99 27.57
CA TRP D 267 7.26 -31.62 28.09
C TRP D 267 7.32 -30.11 28.06
N ASP D 268 7.55 -29.50 29.22
CA ASP D 268 7.53 -28.05 29.34
C ASP D 268 8.91 -27.48 29.59
N ASP D 269 9.94 -28.30 29.45
CA ASP D 269 11.32 -27.85 29.74
C ASP D 269 11.97 -26.99 28.67
N TYR D 270 11.26 -26.72 27.58
CA TYR D 270 11.92 -26.22 26.36
C TYR D 270 11.45 -24.87 25.81
N PHE D 271 10.72 -24.09 26.60
CA PHE D 271 10.23 -22.81 26.09
C PHE D 271 10.71 -21.57 26.83
N ALA D 272 11.30 -21.75 28.01
CA ALA D 272 11.83 -20.66 28.78
C ALA D 272 12.72 -19.75 27.91
N PRO D 273 12.67 -18.42 28.13
CA PRO D 273 11.90 -17.79 29.21
C PRO D 273 10.43 -17.43 28.88
N GLY D 274 9.87 -17.88 27.77
CA GLY D 274 8.49 -17.51 27.52
C GLY D 274 8.07 -17.60 26.07
N TYR D 275 6.76 -17.49 25.83
CA TYR D 275 6.25 -17.58 24.47
C TYR D 275 6.91 -16.50 23.64
N GLY D 276 7.36 -16.86 22.45
CA GLY D 276 7.91 -15.92 21.50
C GLY D 276 9.29 -15.39 21.81
N VAL D 277 9.91 -15.86 22.89
CA VAL D 277 11.33 -15.56 23.13
C VAL D 277 12.20 -16.73 22.63
N PRO D 278 13.21 -16.45 21.79
CA PRO D 278 14.11 -17.53 21.38
C PRO D 278 14.97 -17.98 22.57
N ASN D 279 15.41 -19.22 22.57
CA ASN D 279 16.42 -19.68 23.49
C ASN D 279 17.53 -20.40 22.75
N ASP D 280 18.69 -20.55 23.42
CA ASP D 280 19.85 -21.19 22.82
C ASP D 280 19.64 -22.59 22.20
N ALA D 281 18.97 -23.49 22.92
CA ALA D 281 18.65 -24.83 22.40
C ALA D 281 17.75 -24.77 21.18
N GLY D 282 16.74 -23.89 21.21
CA GLY D 282 15.86 -23.65 20.07
C GLY D 282 16.64 -23.26 18.83
N MET D 283 17.57 -22.30 18.97
CA MET D 283 18.35 -21.80 17.82
C MET D 283 19.37 -22.83 17.39
N GLU D 284 19.74 -23.71 18.25
CA GLU D 284 20.67 -24.69 17.84
C GLU D 284 19.98 -25.72 17.02
N ALA D 285 18.77 -26.03 17.41
CA ALA D 285 17.92 -26.96 16.66
C ALA D 285 17.63 -26.42 15.26
N VAL D 286 17.36 -25.12 15.16
CA VAL D 286 17.18 -24.46 13.85
C VAL D 286 18.46 -24.58 12.98
N LYS D 287 19.61 -24.31 13.55
CA LYS D 287 20.89 -24.49 12.91
C LYS D 287 21.21 -25.91 12.54
N LEU D 288 20.91 -26.84 13.42
CA LEU D 288 21.13 -28.26 13.14
C LEU D 288 20.31 -28.75 11.96
N LEU D 289 19.05 -28.42 11.97
CA LEU D 289 18.18 -28.86 10.95
C LEU D 289 18.47 -28.23 9.64
N ALA D 290 18.81 -26.96 9.64
CA ALA D 290 19.18 -26.28 8.40
C ALA D 290 20.48 -26.87 7.80
N SER D 291 21.55 -26.97 8.59
CA SER D 291 22.85 -27.45 8.11
C SER D 291 22.93 -28.93 7.76
N LEU D 292 22.05 -29.78 8.35
CA LEU D 292 22.03 -31.26 8.08
C LEU D 292 21.00 -31.70 7.03
N GLU D 293 19.92 -30.93 6.88
CA GLU D 293 18.82 -31.41 6.08
C GLU D 293 18.26 -30.33 5.17
N GLY D 294 18.76 -29.11 5.31
CA GLY D 294 18.17 -27.97 4.56
C GLY D 294 16.68 -27.77 4.81
N VAL D 295 16.25 -28.15 6.02
CA VAL D 295 14.91 -27.95 6.51
C VAL D 295 14.93 -26.66 7.31
N LEU D 296 13.92 -25.81 7.16
CA LEU D 296 13.88 -24.58 7.97
C LEU D 296 12.90 -24.65 9.13
N LEU D 297 13.40 -24.56 10.37
CA LEU D 297 12.51 -24.46 11.53
C LEU D 297 12.34 -23.00 11.94
N ASP D 298 11.80 -22.72 13.11
CA ASP D 298 11.60 -21.31 13.49
C ASP D 298 11.90 -21.10 14.98
N PRO D 299 12.08 -19.85 15.40
CA PRO D 299 12.53 -19.67 16.78
C PRO D 299 11.44 -19.76 17.86
N VAL D 300 10.18 -19.71 17.44
CA VAL D 300 9.07 -19.64 18.39
C VAL D 300 8.48 -21.02 18.66
N TYR D 301 8.26 -21.79 17.60
CA TYR D 301 7.53 -23.04 17.70
C TYR D 301 8.39 -24.27 17.43
N THR D 302 8.75 -24.48 16.16
CA THR D 302 9.39 -25.75 15.75
C THR D 302 10.84 -25.90 16.24
N GLY D 303 11.55 -24.79 16.41
CA GLY D 303 12.87 -24.81 17.01
C GLY D 303 12.83 -25.38 18.40
N LYS D 304 11.94 -24.87 19.25
CA LYS D 304 11.83 -25.37 20.63
C LYS D 304 11.33 -26.84 20.67
N ALA D 305 10.34 -27.16 19.83
CA ALA D 305 9.82 -28.51 19.73
C ALA D 305 10.91 -29.53 19.33
N MET D 306 11.70 -29.20 18.29
CA MET D 306 12.84 -30.02 17.90
C MET D 306 13.93 -30.07 19.01
N ALA D 307 14.16 -28.98 19.71
CA ALA D 307 15.02 -29.00 20.89
C ALA D 307 14.52 -30.02 21.93
N GLY D 308 13.21 -30.14 22.05
CA GLY D 308 12.65 -31.07 22.99
C GLY D 308 12.95 -32.50 22.56
N LEU D 309 12.67 -32.82 21.28
CA LEU D 309 12.91 -34.13 20.69
C LEU D 309 14.37 -34.55 20.94
N ILE D 310 15.29 -33.67 20.61
CA ILE D 310 16.71 -33.92 20.80
C ILE D 310 17.06 -34.19 22.28
N ASP D 311 16.59 -33.35 23.19
CA ASP D 311 16.86 -33.59 24.60
C ASP D 311 16.15 -34.87 25.13
N GLY D 312 15.04 -35.26 24.51
CA GLY D 312 14.36 -36.49 24.88
C GLY D 312 15.21 -37.70 24.56
N ILE D 313 15.91 -37.66 23.43
CA ILE D 313 16.88 -38.72 23.05
C ILE D 313 18.05 -38.69 24.03
N SER D 314 18.57 -37.51 24.26
CA SER D 314 19.67 -37.28 25.18
C SER D 314 19.39 -37.90 26.54
N GLN D 315 18.16 -37.71 27.04
CA GLN D 315 17.75 -38.08 28.42
C GLN D 315 16.92 -39.37 28.51
N LYS D 316 16.82 -40.07 27.38
CA LYS D 316 16.05 -41.28 27.27
C LYS D 316 14.64 -41.10 27.83
N ARG D 317 14.05 -39.97 27.46
CA ARG D 317 12.71 -39.60 27.89
C ARG D 317 11.62 -40.34 27.14
N PHE D 318 11.90 -40.80 25.93
CA PHE D 318 10.90 -41.53 25.17
C PHE D 318 10.65 -42.92 25.77
N ASN D 319 9.50 -43.49 25.45
CA ASN D 319 9.12 -44.82 25.92
C ASN D 319 10.09 -45.92 25.45
N ASP D 320 10.55 -45.87 24.18
CA ASP D 320 11.63 -46.78 23.69
C ASP D 320 12.54 -46.11 22.63
N ASP D 321 13.43 -46.93 22.05
CA ASP D 321 14.53 -46.48 21.18
C ASP D 321 14.16 -46.37 19.71
N GLY D 322 12.87 -46.50 19.42
CA GLY D 322 12.36 -46.59 18.04
C GLY D 322 12.16 -45.28 17.29
N PRO D 323 11.75 -45.38 16.01
CA PRO D 323 11.60 -44.23 15.14
C PRO D 323 10.71 -43.14 15.74
N ILE D 324 11.10 -41.88 15.52
CA ILE D 324 10.32 -40.71 15.95
C ILE D 324 9.84 -39.92 14.74
N LEU D 325 8.61 -39.49 14.74
CA LEU D 325 8.11 -38.63 13.74
C LEU D 325 7.95 -37.25 14.29
N PHE D 326 8.67 -36.30 13.71
CA PHE D 326 8.52 -34.88 13.98
C PHE D 326 7.45 -34.22 13.07
N ILE D 327 6.50 -33.51 13.69
CA ILE D 327 5.48 -32.78 12.94
C ILE D 327 5.95 -31.36 12.68
N HIS D 328 6.35 -31.06 11.45
CA HIS D 328 6.73 -29.68 11.16
C HIS D 328 5.48 -28.83 10.90
N THR D 329 5.22 -27.92 11.82
CA THR D 329 4.00 -27.13 11.84
C THR D 329 4.16 -25.79 11.14
N GLY D 330 5.40 -25.45 10.77
CA GLY D 330 5.65 -24.28 9.93
C GLY D 330 6.49 -23.28 10.68
N GLY D 331 6.20 -21.98 10.43
CA GLY D 331 6.76 -20.90 11.21
C GLY D 331 8.00 -20.22 10.64
N ALA D 332 8.54 -20.74 9.54
CA ALA D 332 9.82 -20.17 9.06
C ALA D 332 9.87 -18.64 8.77
N PRO D 333 8.73 -18.03 8.39
CA PRO D 333 8.84 -16.62 8.07
C PRO D 333 9.24 -15.78 9.26
N ALA D 334 9.02 -16.27 10.47
CA ALA D 334 9.44 -15.56 11.65
C ALA D 334 10.96 -15.42 11.80
N LEU D 335 11.72 -16.26 11.10
CA LEU D 335 13.18 -16.20 11.11
C LEU D 335 13.61 -14.81 10.70
N PHE D 336 12.88 -14.24 9.75
CA PHE D 336 13.28 -12.97 9.18
C PHE D 336 12.84 -11.83 10.05
N ALA D 337 11.93 -12.12 10.98
CA ALA D 337 11.45 -11.09 11.89
C ALA D 337 12.34 -11.04 13.11
N TYR D 338 12.89 -12.19 13.49
CA TYR D 338 13.65 -12.32 14.70
C TYR D 338 15.10 -11.97 14.51
N HIS D 339 15.50 -11.83 13.26
CA HIS D 339 16.87 -11.43 12.95
C HIS D 339 16.96 -9.91 12.92
N PRO D 340 18.04 -9.35 13.48
CA PRO D 340 19.19 -10.05 14.07
C PRO D 340 18.96 -10.36 15.54
N HIS D 341 18.09 -9.59 16.21
CA HIS D 341 17.72 -9.90 17.58
C HIS D 341 16.32 -9.35 17.93
N VAL D 342 15.70 -10.03 18.89
CA VAL D 342 14.60 -9.53 19.77
C VAL D 342 13.28 -9.18 19.06
C1 BEN E . -7.56 43.89 16.95
C2 BEN E . -7.16 44.78 15.97
C3 BEN E . -5.88 44.69 15.45
C4 BEN E . -4.97 43.72 15.92
C5 BEN E . -5.36 42.82 16.90
C6 BEN E . -6.67 42.90 17.40
C BEN E . -8.84 43.99 17.53
N1 BEN E . -9.00 43.91 18.85
N2 BEN E . -9.89 44.22 16.74
N1 LCS F . 4.51 28.15 4.06
C2 LCS F . 4.29 26.89 3.92
C2A LCS F . 2.89 26.44 4.09
C3 LCS F . 5.37 25.94 3.62
O3 LCS F . 5.06 24.68 3.48
C4 LCS F . 6.74 26.40 3.49
C4A LCS F . 7.88 25.45 3.10
C5 LCS F . 6.84 27.88 3.67
C6 LCS F . 5.71 28.62 3.96
C5A LCS F . 8.09 28.67 3.60
O4P LCS F . 8.41 29.23 2.38
P LCS F . 9.88 29.16 2.00
O1P LCS F . 10.46 30.18 2.69
O2P LCS F . 10.14 27.88 2.46
O3P LCS F . 10.11 29.41 0.65
N LCS F . 8.83 24.89 4.04
CA LCS F . 9.97 24.15 3.57
C LCS F . 10.56 23.05 4.40
O LCS F . 10.57 21.86 4.12
ND LCS F . 11.18 23.57 5.44
OG LCS F . 11.20 24.86 5.29
CB LCS F . 10.95 25.16 3.96
C1 BEN G . -7.20 -3.49 -17.07
C2 BEN G . -7.92 -3.71 -15.90
C3 BEN G . -7.31 -3.52 -14.68
C4 BEN G . -5.97 -3.12 -14.59
C5 BEN G . -5.26 -2.90 -15.75
C6 BEN G . -5.86 -3.10 -16.99
C BEN G . -7.82 -3.69 -18.33
N1 BEN G . -8.85 -4.50 -18.44
N2 BEN G . -7.39 -3.10 -19.44
N1 LCS H . -18.74 13.03 -3.24
C2 LCS H . -18.37 13.70 -2.17
C2A LCS H . -16.91 13.86 -2.05
C3 LCS H . -19.33 14.17 -1.18
O3 LCS H . -18.94 14.80 -0.11
C4 LCS H . -20.73 13.87 -1.45
C4A LCS H . -22.03 14.24 -0.79
C5 LCS H . -20.99 13.15 -2.70
C6 LCS H . -19.97 12.77 -3.52
C5A LCS H . -22.39 12.80 -3.10
O4P LCS H . -22.98 13.77 -3.90
P LCS H . -24.52 13.84 -4.10
O1P LCS H . -24.93 13.73 -2.76
O2P LCS H . -24.67 12.74 -4.97
O3P LCS H . -24.68 15.13 -4.66
N LCS H . -22.42 14.47 0.54
CA LCS H . -23.72 13.97 0.93
C LCS H . -23.86 13.63 2.37
O LCS H . -23.44 14.35 3.27
ND LCS H . -24.45 12.45 2.53
OG LCS H . -24.35 11.78 1.42
CB LCS H . -24.00 12.60 0.33
N1 LCS I . 12.55 -15.93 -10.61
C2 LCS I . 13.28 -16.12 -9.46
C2A LCS I . 12.51 -16.12 -8.17
C3 LCS I . 14.77 -16.34 -9.49
O3 LCS I . 15.55 -16.53 -8.40
C4 LCS I . 15.39 -16.31 -10.82
C4A LCS I . 16.88 -16.56 -11.09
C5 LCS I . 14.45 -16.09 -11.99
C6 LCS I . 13.09 -15.90 -11.84
C5A LCS I . 14.96 -16.04 -13.40
O4P LCS I . 15.62 -17.28 -13.58
P LCS I . 16.52 -17.55 -14.86
O1P LCS I . 15.75 -18.52 -15.54
O2P LCS I . 16.42 -16.41 -15.72
O3P LCS I . 17.79 -18.22 -14.69
N LCS I . 18.04 -16.03 -10.40
CA LCS I . 19.25 -15.89 -11.21
C LCS I . 20.27 -15.00 -10.59
O LCS I . 20.88 -15.25 -9.57
ND LCS I . 20.41 -13.90 -11.34
OG LCS I . 19.61 -13.93 -12.40
CB LCS I . 18.94 -15.18 -12.53
C1 BEN J . 23.59 -36.05 20.14
C2 BEN J . 22.77 -37.18 19.97
C3 BEN J . 21.48 -37.28 20.54
C4 BEN J . 20.96 -36.23 21.31
C5 BEN J . 21.78 -35.10 21.48
C6 BEN J . 23.06 -35.01 20.91
C BEN J . 24.90 -35.98 19.57
N1 BEN J . 25.24 -36.59 18.44
N2 BEN J . 25.91 -35.32 20.13
N1 LCS K . 3.63 -24.40 15.02
C2 LCS K . 3.46 -23.28 14.36
C2A LCS K . 4.31 -22.98 13.21
C3 LCS K . 2.41 -22.37 14.77
O3 LCS K . 2.26 -21.28 14.08
C4 LCS K . 1.59 -22.75 15.94
C4A LCS K . 0.46 -21.98 16.58
C5 LCS K . 1.92 -24.05 16.58
C6 LCS K . 2.95 -24.75 16.07
C5A LCS K . 1.22 -24.59 17.77
O4P LCS K . 0.14 -25.41 17.49
P LCS K . -1.19 -25.26 18.17
O1P LCS K . -1.00 -26.07 19.29
O2P LCS K . -1.12 -23.89 18.34
O3P LCS K . -2.25 -25.65 17.29
N LCS K . -0.02 -20.75 16.06
CA LCS K . -1.00 -20.17 16.93
C LCS K . -1.02 -18.73 17.38
O LCS K . -1.30 -17.72 16.72
ND LCS K . -0.83 -18.72 18.69
OG LCS K . -1.00 -19.90 19.17
CB LCS K . -0.72 -20.87 18.22
#